data_8CNZ
#
_entry.id   8CNZ
#
_cell.length_a   187.516
_cell.length_b   209.215
_cell.length_c   195.799
_cell.angle_alpha   90
_cell.angle_beta   90
_cell.angle_gamma   90
#
_symmetry.space_group_name_H-M   'C 2 2 21'
#
loop_
_entity.id
_entity.type
_entity.pdbx_description
1 polymer 'NAD_synthase domain-containing protein'
2 non-polymer 'IRON/SULFUR CLUSTER'
3 non-polymer 'IODIDE ION'
4 non-polymer 'CHLORIDE ION'
#
_entity_poly.entity_id   1
_entity_poly.type   'polypeptide(L)'
_entity_poly.pdbx_seq_one_letter_code
;GPMLEVLFQGPMIIMEKGLLEKYNSLLEFFKNKKVIVAYSGGVDSTLISKIASDNAQTLAVTIDNGFFSENVIKKAENRA
KKYNIPQKTIKIDYLNEITSKDLENRCYNCKKRIAEELKRIKNELNYDIIVDGTIYDDIFEDRPGIKAFNESNIISPLSN
LKFSKNDVFELSNYLKIDIPKKDTCMATRILSAPISKENMAKSNLAEEFIKLNFHIESYLRVRYLENIAIIELTKNESEK
IFDNDSIERINTELKKIGFEKVVLDLNFKGS
;
_entity_poly.pdbx_strand_id   A,B,C,D,E,F,G
#
# COMPACT_ATOMS: atom_id res chain seq x y z
N LYS A 17 -12.40 -62.82 28.00
CA LYS A 17 -11.66 -64.05 28.23
C LYS A 17 -12.13 -65.12 27.25
N GLY A 18 -11.42 -65.26 26.14
CA GLY A 18 -11.73 -66.23 25.08
C GLY A 18 -11.69 -65.54 23.73
N LEU A 19 -10.80 -65.97 22.81
CA LEU A 19 -10.65 -65.25 21.54
C LEU A 19 -11.88 -65.36 20.64
N LEU A 20 -12.55 -66.53 20.54
CA LEU A 20 -13.76 -66.60 19.71
C LEU A 20 -14.87 -65.70 20.26
N GLU A 21 -14.95 -65.58 21.60
CA GLU A 21 -15.92 -64.70 22.27
C GLU A 21 -15.64 -63.22 21.97
N LYS A 22 -14.39 -62.87 21.76
CA LYS A 22 -14.01 -61.51 21.40
C LYS A 22 -14.25 -61.30 19.91
N TYR A 23 -13.87 -62.28 19.09
CA TYR A 23 -14.00 -62.24 17.65
C TYR A 23 -15.46 -62.06 17.24
N ASN A 24 -16.37 -62.77 17.93
CA ASN A 24 -17.82 -62.72 17.70
C ASN A 24 -18.50 -61.53 18.38
N SER A 25 -17.90 -60.99 19.46
CA SER A 25 -18.38 -59.77 20.13
C SER A 25 -18.15 -58.62 19.14
N LEU A 26 -16.96 -58.60 18.50
CA LEU A 26 -16.52 -57.61 17.54
C LEU A 26 -17.39 -57.60 16.30
N LEU A 27 -17.75 -58.79 15.77
CA LEU A 27 -18.59 -58.86 14.59
C LEU A 27 -19.99 -58.32 14.87
N GLU A 28 -20.52 -58.58 16.08
CA GLU A 28 -21.84 -58.08 16.44
C GLU A 28 -21.87 -56.55 16.47
N PHE A 29 -20.78 -55.95 16.93
CA PHE A 29 -20.67 -54.51 17.00
C PHE A 29 -20.62 -53.87 15.61
N PHE A 30 -19.90 -54.49 14.69
CA PHE A 30 -19.74 -53.94 13.34
C PHE A 30 -20.97 -54.09 12.45
N LYS A 31 -21.87 -55.04 12.76
CA LYS A 31 -23.08 -55.31 11.99
C LYS A 31 -23.95 -54.05 11.75
N ASN A 32 -24.33 -53.77 10.48
CA ASN A 32 -25.20 -52.66 10.06
C ASN A 32 -24.66 -51.26 10.34
N LYS A 33 -23.34 -51.13 10.50
CA LYS A 33 -22.74 -49.83 10.78
C LYS A 33 -21.84 -49.35 9.64
N LYS A 34 -21.74 -48.03 9.45
CA LYS A 34 -20.87 -47.45 8.45
C LYS A 34 -19.62 -47.04 9.23
N VAL A 35 -18.52 -47.79 9.07
CA VAL A 35 -17.33 -47.57 9.88
C VAL A 35 -16.14 -46.95 9.16
N ILE A 36 -15.59 -45.85 9.72
CA ILE A 36 -14.36 -45.27 9.18
C ILE A 36 -13.26 -45.69 10.13
N VAL A 37 -12.26 -46.41 9.62
CA VAL A 37 -11.18 -46.92 10.45
C VAL A 37 -9.93 -46.08 10.33
N ALA A 38 -9.31 -45.72 11.45
CA ALA A 38 -8.07 -44.96 11.43
C ALA A 38 -6.98 -45.96 11.05
N TYR A 39 -6.77 -46.13 9.76
CA TYR A 39 -5.82 -47.10 9.24
C TYR A 39 -4.43 -46.54 9.04
N SER A 40 -3.42 -47.21 9.58
CA SER A 40 -2.03 -46.77 9.49
C SER A 40 -1.11 -47.72 8.74
N GLY A 41 -1.45 -49.00 8.78
CA GLY A 41 -0.65 -50.06 8.17
C GLY A 41 -0.17 -51.08 9.17
N GLY A 42 0.05 -50.63 10.41
CA GLY A 42 0.50 -51.45 11.53
C GLY A 42 -0.45 -52.57 11.85
N VAL A 43 0.08 -53.71 12.33
CA VAL A 43 -0.64 -54.95 12.68
C VAL A 43 -2.03 -54.72 13.28
N ASP A 44 -2.08 -53.93 14.37
CA ASP A 44 -3.29 -53.58 15.11
C ASP A 44 -4.30 -52.78 14.25
N SER A 45 -3.86 -51.67 13.60
CA SER A 45 -4.72 -50.83 12.74
C SER A 45 -5.16 -51.51 11.46
N THR A 46 -4.46 -52.57 11.06
CA THR A 46 -4.74 -53.37 9.89
C THR A 46 -5.82 -54.42 10.24
N LEU A 47 -5.62 -55.18 11.33
CA LEU A 47 -6.56 -56.21 11.76
C LEU A 47 -7.97 -55.66 11.98
N ILE A 48 -8.09 -54.49 12.61
CA ILE A 48 -9.39 -53.86 12.83
C ILE A 48 -10.05 -53.50 11.49
N SER A 49 -9.25 -53.07 10.51
CA SER A 49 -9.75 -52.69 9.20
C SER A 49 -10.26 -53.88 8.41
N LYS A 50 -9.53 -55.01 8.43
CA LYS A 50 -9.89 -56.21 7.68
C LYS A 50 -11.21 -56.80 8.14
N ILE A 51 -11.38 -56.94 9.46
CA ILE A 51 -12.60 -57.46 10.07
C ILE A 51 -13.77 -56.56 9.74
N ALA A 52 -13.55 -55.24 9.79
CA ALA A 52 -14.59 -54.28 9.45
C ALA A 52 -15.04 -54.38 7.98
N SER A 53 -14.11 -54.58 7.02
CA SER A 53 -14.43 -54.71 5.58
C SER A 53 -15.32 -55.89 5.30
N ASP A 54 -15.08 -56.99 6.01
CA ASP A 54 -15.83 -58.24 5.84
C ASP A 54 -17.26 -58.17 6.41
N ASN A 55 -17.50 -57.28 7.39
CA ASN A 55 -18.79 -57.23 8.07
C ASN A 55 -19.55 -55.92 8.01
N ALA A 56 -18.99 -54.91 7.35
CA ALA A 56 -19.63 -53.60 7.28
C ALA A 56 -19.13 -52.78 6.08
N GLN A 57 -19.87 -51.72 5.71
CA GLN A 57 -19.47 -50.78 4.68
C GLN A 57 -18.36 -49.95 5.36
N THR A 58 -17.10 -50.30 5.10
CA THR A 58 -15.98 -49.72 5.80
C THR A 58 -14.93 -49.01 4.91
N LEU A 59 -14.43 -47.85 5.38
CA LEU A 59 -13.37 -47.11 4.68
C LEU A 59 -12.18 -46.94 5.61
N ALA A 60 -11.02 -47.44 5.20
CA ALA A 60 -9.78 -47.32 5.95
C ALA A 60 -9.14 -46.00 5.56
N VAL A 61 -9.11 -45.02 6.46
CA VAL A 61 -8.56 -43.70 6.16
C VAL A 61 -7.14 -43.55 6.71
N THR A 62 -6.21 -43.13 5.86
CA THR A 62 -4.83 -42.93 6.28
C THR A 62 -4.49 -41.47 6.14
N ILE A 63 -4.18 -40.78 7.25
CA ILE A 63 -3.83 -39.37 7.18
C ILE A 63 -2.33 -39.21 7.06
N ASP A 64 -1.84 -38.71 5.92
CA ASP A 64 -0.42 -38.48 5.71
C ASP A 64 -0.05 -37.12 6.30
N ASN A 65 0.52 -37.13 7.51
CA ASN A 65 0.92 -35.94 8.25
C ASN A 65 2.21 -35.30 7.77
N GLY A 66 3.07 -36.11 7.19
CA GLY A 66 4.41 -35.73 6.81
C GLY A 66 5.42 -36.29 7.80
N PHE A 67 4.96 -37.19 8.70
CA PHE A 67 5.78 -37.86 9.68
C PHE A 67 6.25 -39.24 9.23
N PHE A 68 5.58 -39.83 8.23
CA PHE A 68 5.96 -41.13 7.73
C PHE A 68 6.39 -40.99 6.29
N SER A 69 7.52 -41.63 5.95
CA SER A 69 8.12 -41.60 4.61
C SER A 69 7.18 -42.16 3.54
N GLU A 70 7.42 -41.80 2.26
CA GLU A 70 6.64 -42.26 1.11
C GLU A 70 6.51 -43.77 1.09
N ASN A 71 7.59 -44.47 1.44
CA ASN A 71 7.68 -45.93 1.48
C ASN A 71 6.72 -46.53 2.49
N VAL A 72 6.55 -45.88 3.66
CA VAL A 72 5.64 -46.35 4.70
C VAL A 72 4.18 -46.19 4.26
N ILE A 73 3.88 -45.09 3.56
CA ILE A 73 2.54 -44.84 3.06
C ILE A 73 2.21 -45.82 1.94
N LYS A 74 3.18 -46.07 1.03
CA LYS A 74 3.06 -47.03 -0.07
C LYS A 74 2.77 -48.43 0.49
N LYS A 75 3.47 -48.82 1.58
CA LYS A 75 3.30 -50.11 2.24
C LYS A 75 1.89 -50.23 2.81
N ALA A 76 1.38 -49.15 3.41
CA ALA A 76 0.04 -49.15 3.98
C ALA A 76 -1.00 -49.27 2.87
N GLU A 77 -0.78 -48.58 1.75
CA GLU A 77 -1.70 -48.64 0.62
C GLU A 77 -1.70 -50.02 0.00
N ASN A 78 -0.52 -50.60 -0.20
CA ASN A 78 -0.34 -51.94 -0.77
C ASN A 78 -0.84 -53.07 0.12
N ARG A 79 -1.00 -52.82 1.42
CA ARG A 79 -1.54 -53.82 2.33
C ARG A 79 -3.06 -53.80 2.19
N ALA A 80 -3.67 -52.62 2.22
CA ALA A 80 -5.11 -52.48 2.07
C ALA A 80 -5.56 -53.00 0.70
N LYS A 81 -4.81 -52.68 -0.37
CA LYS A 81 -5.13 -53.13 -1.72
C LYS A 81 -5.00 -54.65 -1.86
N LYS A 82 -4.09 -55.26 -1.08
CA LYS A 82 -3.86 -56.71 -1.05
C LYS A 82 -5.00 -57.41 -0.32
N TYR A 83 -5.42 -56.88 0.84
CA TYR A 83 -6.49 -57.48 1.63
C TYR A 83 -7.89 -56.93 1.30
N ASN A 84 -8.05 -56.33 0.11
CA ASN A 84 -9.30 -55.77 -0.42
C ASN A 84 -10.06 -54.92 0.60
N ILE A 85 -9.31 -54.09 1.36
CA ILE A 85 -9.82 -53.15 2.34
C ILE A 85 -9.91 -51.80 1.64
N PRO A 86 -11.13 -51.24 1.49
CA PRO A 86 -11.25 -49.94 0.82
C PRO A 86 -10.47 -48.86 1.56
N GLN A 87 -9.45 -48.27 0.91
CA GLN A 87 -8.61 -47.29 1.57
C GLN A 87 -8.35 -46.02 0.77
N LYS A 88 -8.43 -44.87 1.46
CA LYS A 88 -8.17 -43.57 0.87
C LYS A 88 -7.13 -42.84 1.74
N THR A 89 -6.04 -42.34 1.12
CA THR A 89 -4.97 -41.64 1.83
C THR A 89 -5.12 -40.14 1.61
N ILE A 90 -5.00 -39.35 2.68
CA ILE A 90 -5.15 -37.91 2.59
C ILE A 90 -3.87 -37.19 2.99
N LYS A 91 -3.20 -36.53 2.02
CA LYS A 91 -1.99 -35.77 2.32
C LYS A 91 -2.40 -34.44 2.91
N ILE A 92 -1.77 -34.08 4.02
CA ILE A 92 -2.12 -32.87 4.73
C ILE A 92 -0.92 -31.96 4.94
N ASP A 93 -1.14 -30.63 4.83
CA ASP A 93 -0.08 -29.68 5.11
C ASP A 93 -0.17 -29.45 6.61
N TYR A 94 0.44 -30.34 7.40
CA TYR A 94 0.40 -30.25 8.85
C TYR A 94 1.63 -29.52 9.35
N LEU A 95 2.79 -29.80 8.76
CA LEU A 95 4.02 -29.13 9.13
C LEU A 95 3.91 -27.70 8.61
N ASN A 96 3.52 -26.80 9.50
CA ASN A 96 3.35 -25.42 9.14
C ASN A 96 4.34 -24.58 9.91
N GLU A 97 3.93 -23.50 10.58
CA GLU A 97 4.86 -22.66 11.33
C GLU A 97 4.52 -22.66 12.82
N ILE A 98 3.22 -22.66 13.14
CA ILE A 98 2.74 -22.74 14.51
C ILE A 98 2.83 -24.19 14.98
N THR A 99 2.47 -25.12 14.10
CA THR A 99 2.51 -26.54 14.35
C THR A 99 3.94 -27.09 14.36
N SER A 100 4.84 -26.48 13.58
CA SER A 100 6.23 -26.92 13.51
C SER A 100 7.03 -26.64 14.77
N LYS A 101 6.70 -25.59 15.53
CA LYS A 101 7.42 -25.28 16.78
C LYS A 101 6.57 -25.69 17.98
N ASP A 102 6.40 -27.02 18.19
CA ASP A 102 5.58 -27.61 19.27
C ASP A 102 6.42 -28.46 20.28
N LEU A 103 7.03 -29.56 19.81
CA LEU A 103 7.93 -30.44 20.56
C LEU A 103 7.31 -31.28 21.70
N GLU A 104 6.75 -30.66 22.75
CA GLU A 104 6.26 -31.44 23.90
C GLU A 104 4.83 -31.98 23.72
N ASN A 105 3.93 -31.17 23.14
CA ASN A 105 2.56 -31.64 22.91
C ASN A 105 2.34 -32.08 21.46
N ARG A 106 3.42 -32.36 20.68
CA ARG A 106 3.26 -32.69 19.27
C ARG A 106 2.57 -34.02 19.05
N CYS A 107 2.72 -35.00 19.95
CA CYS A 107 2.02 -36.28 19.78
C CYS A 107 0.51 -36.16 20.03
N TYR A 108 0.10 -35.10 20.75
CA TYR A 108 -1.28 -34.75 21.01
C TYR A 108 -1.79 -33.90 19.83
N ASN A 109 -1.02 -32.92 19.38
CA ASN A 109 -1.44 -32.05 18.27
C ASN A 109 -1.53 -32.75 16.96
N CYS A 110 -0.67 -33.74 16.75
CA CYS A 110 -0.65 -34.54 15.54
C CYS A 110 -1.89 -35.42 15.53
N LYS A 111 -2.14 -36.11 16.65
CA LYS A 111 -3.29 -36.98 16.75
C LYS A 111 -4.62 -36.22 16.89
N LYS A 112 -4.59 -34.94 17.27
CA LYS A 112 -5.77 -34.07 17.36
C LYS A 112 -6.16 -33.64 15.94
N ARG A 113 -5.17 -33.30 15.08
CA ARG A 113 -5.42 -32.93 13.68
C ARG A 113 -5.92 -34.13 12.89
N ILE A 114 -5.43 -35.33 13.20
CA ILE A 114 -5.88 -36.54 12.50
C ILE A 114 -7.33 -36.80 12.84
N ALA A 115 -7.68 -36.77 14.12
CA ALA A 115 -9.06 -36.96 14.59
C ALA A 115 -10.01 -35.92 14.01
N GLU A 116 -9.52 -34.68 13.84
CA GLU A 116 -10.26 -33.57 13.26
C GLU A 116 -10.67 -33.92 11.82
N GLU A 117 -9.74 -34.56 11.06
CA GLU A 117 -9.97 -34.94 9.68
C GLU A 117 -10.88 -36.13 9.56
N LEU A 118 -10.67 -37.16 10.39
CA LEU A 118 -11.52 -38.35 10.36
C LEU A 118 -12.97 -37.98 10.69
N LYS A 119 -13.16 -37.03 11.62
CA LYS A 119 -14.49 -36.55 12.01
C LYS A 119 -15.14 -35.83 10.83
N ARG A 120 -14.36 -35.10 10.01
CA ARG A 120 -14.87 -34.41 8.84
C ARG A 120 -15.33 -35.42 7.79
N ILE A 121 -14.48 -36.43 7.50
CA ILE A 121 -14.78 -37.47 6.53
C ILE A 121 -16.06 -38.22 6.90
N LYS A 122 -16.19 -38.61 8.16
CA LYS A 122 -17.39 -39.30 8.66
C LYS A 122 -18.66 -38.49 8.42
N ASN A 123 -18.60 -37.19 8.71
CA ASN A 123 -19.73 -36.29 8.55
C ASN A 123 -20.07 -36.02 7.07
N GLU A 124 -19.05 -35.95 6.21
CA GLU A 124 -19.28 -35.73 4.78
C GLU A 124 -19.85 -36.99 4.13
N LEU A 125 -19.39 -38.17 4.57
CA LEU A 125 -19.87 -39.47 4.09
C LEU A 125 -21.16 -39.95 4.77
N ASN A 126 -21.61 -39.24 5.84
CA ASN A 126 -22.78 -39.56 6.67
C ASN A 126 -22.66 -40.96 7.30
N TYR A 127 -21.43 -41.33 7.68
CA TYR A 127 -21.08 -42.60 8.32
C TYR A 127 -21.43 -42.57 9.81
N ASP A 128 -21.56 -43.74 10.42
CA ASP A 128 -21.99 -43.84 11.82
C ASP A 128 -20.87 -43.63 12.84
N ILE A 129 -19.78 -44.43 12.78
CA ILE A 129 -18.71 -44.36 13.78
C ILE A 129 -17.29 -44.29 13.19
N ILE A 130 -16.30 -43.99 14.06
CA ILE A 130 -14.89 -43.95 13.72
C ILE A 130 -14.16 -44.82 14.74
N VAL A 131 -13.43 -45.85 14.26
CA VAL A 131 -12.72 -46.74 15.16
C VAL A 131 -11.22 -46.70 14.96
N ASP A 132 -10.45 -47.05 16.00
CA ASP A 132 -8.99 -47.09 15.92
C ASP A 132 -8.43 -48.39 16.50
N GLY A 133 -7.25 -48.76 16.05
CA GLY A 133 -6.62 -50.00 16.48
C GLY A 133 -5.93 -49.95 17.84
N THR A 134 -6.56 -49.28 18.81
CA THR A 134 -5.99 -49.21 20.15
C THR A 134 -6.31 -50.49 20.86
N ILE A 135 -5.29 -51.27 21.16
CA ILE A 135 -5.47 -52.55 21.85
C ILE A 135 -5.57 -52.34 23.38
N TYR A 136 -5.92 -53.39 24.12
CA TYR A 136 -6.05 -53.33 25.57
C TYR A 136 -4.70 -53.06 26.24
N ASP A 137 -3.61 -53.66 25.73
CA ASP A 137 -2.28 -53.42 26.28
C ASP A 137 -1.81 -51.96 26.14
N ASP A 138 -2.30 -51.27 25.10
CA ASP A 138 -1.99 -49.87 24.80
C ASP A 138 -2.53 -48.88 25.88
N ILE A 139 -3.47 -49.33 26.74
CA ILE A 139 -4.02 -48.45 27.77
C ILE A 139 -3.15 -48.40 29.03
N PHE A 140 -2.12 -49.23 29.15
CA PHE A 140 -1.25 -49.22 30.33
C PHE A 140 0.09 -48.52 30.08
N GLU A 141 0.11 -47.57 29.14
CA GLU A 141 1.27 -46.78 28.75
C GLU A 141 0.81 -45.33 28.53
N ASP A 142 1.65 -44.34 28.88
CA ASP A 142 1.33 -42.92 28.70
C ASP A 142 1.25 -42.60 27.21
N ARG A 143 0.04 -42.57 26.66
CA ARG A 143 -0.14 -42.30 25.24
C ARG A 143 -0.98 -41.07 24.96
N PRO A 144 -0.34 -39.89 24.79
CA PRO A 144 -1.10 -38.67 24.48
C PRO A 144 -1.75 -38.65 23.09
N GLY A 145 -1.38 -39.63 22.28
CA GLY A 145 -1.95 -39.86 20.97
C GLY A 145 -3.39 -40.36 21.10
N ILE A 146 -3.69 -41.20 22.13
CA ILE A 146 -5.07 -41.68 22.39
C ILE A 146 -5.79 -40.80 23.50
N LYS A 147 -5.12 -39.70 23.97
CA LYS A 147 -5.74 -38.72 24.86
C LYS A 147 -6.54 -37.81 23.93
N ALA A 148 -5.86 -37.20 22.92
CA ALA A 148 -6.46 -36.35 21.91
C ALA A 148 -7.55 -37.07 21.14
N PHE A 149 -7.34 -38.36 20.83
CA PHE A 149 -8.24 -39.20 20.08
C PHE A 149 -9.55 -39.47 20.81
N ASN A 150 -9.47 -40.01 22.04
CA ASN A 150 -10.67 -40.32 22.81
C ASN A 150 -11.42 -39.03 23.31
N GLU A 151 -10.88 -37.85 23.02
CA GLU A 151 -11.55 -36.57 23.25
C GLU A 151 -12.61 -36.41 22.11
N SER A 152 -12.24 -36.80 20.85
CA SER A 152 -13.09 -36.72 19.66
C SER A 152 -14.02 -37.93 19.47
N ASN A 153 -14.28 -38.68 20.55
CA ASN A 153 -15.21 -39.81 20.55
C ASN A 153 -14.85 -40.91 19.55
N ILE A 154 -13.59 -41.30 19.53
CA ILE A 154 -13.14 -42.39 18.65
C ILE A 154 -13.14 -43.68 19.45
N ILE A 155 -13.93 -44.65 19.01
CA ILE A 155 -14.08 -45.94 19.70
C ILE A 155 -12.89 -46.84 19.47
N SER A 156 -12.31 -47.39 20.55
CA SER A 156 -11.18 -48.32 20.41
C SER A 156 -11.78 -49.68 20.71
N PRO A 157 -12.22 -50.45 19.69
CA PRO A 157 -12.94 -51.71 19.96
C PRO A 157 -12.08 -52.84 20.50
N LEU A 158 -10.81 -52.87 20.10
CA LEU A 158 -9.89 -53.89 20.58
C LEU A 158 -9.65 -53.72 22.08
N SER A 159 -9.50 -52.47 22.54
CA SER A 159 -9.30 -52.15 23.95
C SER A 159 -10.57 -52.48 24.74
N ASN A 160 -11.74 -52.17 24.18
CA ASN A 160 -13.02 -52.46 24.81
C ASN A 160 -13.25 -53.95 24.96
N LEU A 161 -12.72 -54.76 24.02
CA LEU A 161 -12.85 -56.21 24.08
C LEU A 161 -11.62 -56.94 24.67
N LYS A 162 -10.76 -56.19 25.38
CA LYS A 162 -9.57 -56.70 26.07
C LYS A 162 -8.61 -57.50 25.18
N PHE A 163 -8.33 -57.02 23.96
CA PHE A 163 -7.41 -57.70 23.05
C PHE A 163 -5.96 -57.44 23.41
N SER A 164 -5.21 -58.48 23.77
CA SER A 164 -3.79 -58.33 24.08
C SER A 164 -2.94 -58.35 22.79
N LYS A 165 -1.63 -58.06 22.90
CA LYS A 165 -0.70 -58.05 21.77
C LYS A 165 -0.67 -59.38 21.05
N ASN A 166 -0.63 -60.49 21.80
CA ASN A 166 -0.59 -61.83 21.23
C ASN A 166 -1.94 -62.27 20.66
N ASP A 167 -3.05 -61.69 21.14
CA ASP A 167 -4.39 -61.98 20.62
C ASP A 167 -4.52 -61.40 19.21
N VAL A 168 -3.99 -60.19 19.00
CA VAL A 168 -3.99 -59.50 17.72
C VAL A 168 -3.12 -60.27 16.73
N PHE A 169 -1.96 -60.75 17.16
CA PHE A 169 -1.07 -61.52 16.30
C PHE A 169 -1.71 -62.86 15.90
N GLU A 170 -2.28 -63.60 16.87
CA GLU A 170 -2.88 -64.90 16.61
C GLU A 170 -4.06 -64.82 15.66
N LEU A 171 -4.96 -63.86 15.88
CA LEU A 171 -6.13 -63.67 15.01
C LEU A 171 -5.67 -63.22 13.62
N SER A 172 -4.62 -62.40 13.54
CA SER A 172 -4.05 -61.94 12.27
C SER A 172 -3.53 -63.12 11.44
N ASN A 173 -2.87 -64.08 12.10
CA ASN A 173 -2.37 -65.26 11.43
C ASN A 173 -3.51 -66.09 10.85
N TYR A 174 -4.62 -66.20 11.60
CA TYR A 174 -5.79 -66.94 11.16
C TYR A 174 -6.44 -66.25 9.97
N LEU A 175 -6.47 -64.91 9.97
CA LEU A 175 -7.06 -64.16 8.88
C LEU A 175 -6.10 -63.92 7.70
N LYS A 176 -4.94 -64.61 7.68
CA LYS A 176 -3.91 -64.56 6.64
C LYS A 176 -3.29 -63.18 6.43
N ILE A 177 -3.19 -62.39 7.50
CA ILE A 177 -2.58 -61.06 7.46
C ILE A 177 -1.12 -61.19 7.83
N ASP A 178 -0.25 -60.74 6.94
CA ASP A 178 1.18 -60.77 7.17
C ASP A 178 1.56 -59.71 8.21
N ILE A 179 2.56 -60.03 9.03
CA ILE A 179 3.04 -59.10 10.05
C ILE A 179 4.16 -58.26 9.45
N PRO A 180 3.96 -56.94 9.31
CA PRO A 180 4.99 -56.10 8.67
C PRO A 180 6.07 -55.60 9.64
N LYS A 181 7.15 -54.98 9.11
CA LYS A 181 8.19 -54.42 9.99
C LYS A 181 7.63 -53.16 10.68
N LYS A 182 7.91 -52.97 11.98
CA LYS A 182 7.38 -51.83 12.74
C LYS A 182 7.96 -50.48 12.31
N ASP A 183 7.33 -49.85 11.29
CA ASP A 183 7.75 -48.53 10.82
C ASP A 183 7.17 -47.54 11.82
N THR A 184 8.07 -46.79 12.50
CA THR A 184 7.70 -45.83 13.55
C THR A 184 7.76 -44.39 13.07
N CYS A 185 6.99 -43.49 13.74
CA CYS A 185 6.92 -42.05 13.47
C CYS A 185 8.33 -41.45 13.44
N MET A 186 8.60 -40.57 12.47
CA MET A 186 9.92 -39.98 12.39
C MET A 186 10.06 -38.61 13.01
N ALA A 187 8.98 -38.06 13.56
CA ALA A 187 9.06 -36.83 14.35
C ALA A 187 9.68 -37.14 15.72
N THR A 188 9.69 -38.43 16.15
CA THR A 188 10.26 -38.94 17.40
C THR A 188 11.77 -38.69 17.46
N ARG A 189 12.45 -38.69 16.31
CA ARG A 189 13.87 -38.42 16.22
C ARG A 189 14.18 -36.96 16.57
N ILE A 190 13.25 -36.04 16.30
CA ILE A 190 13.42 -34.62 16.58
C ILE A 190 13.29 -34.31 18.07
N LEU A 191 14.42 -34.00 18.71
CA LEU A 191 14.48 -33.65 20.14
C LEU A 191 14.57 -32.13 20.39
N SER A 192 14.72 -31.32 19.34
CA SER A 192 14.81 -29.88 19.48
C SER A 192 13.90 -29.23 18.46
N ALA A 193 13.08 -28.26 18.89
CA ALA A 193 12.20 -27.54 17.97
C ALA A 193 13.04 -26.77 16.91
N PRO A 194 12.56 -26.73 15.67
CA PRO A 194 11.27 -27.23 15.18
C PRO A 194 11.38 -28.58 14.47
N ILE A 195 10.21 -29.24 14.31
CA ILE A 195 10.13 -30.51 13.61
C ILE A 195 10.04 -30.16 12.12
N SER A 196 11.19 -30.09 11.45
CA SER A 196 11.21 -29.71 10.06
C SER A 196 11.33 -30.91 9.15
N LYS A 197 10.86 -30.76 7.90
CA LYS A 197 10.95 -31.82 6.90
C LYS A 197 12.41 -32.21 6.63
N GLU A 198 13.34 -31.23 6.70
CA GLU A 198 14.77 -31.42 6.49
C GLU A 198 15.41 -32.06 7.71
N ASN A 199 14.98 -31.64 8.92
CA ASN A 199 15.49 -32.16 10.19
C ASN A 199 15.20 -33.64 10.31
N MET A 200 14.01 -34.06 9.87
CA MET A 200 13.62 -35.47 9.88
C MET A 200 14.40 -36.22 8.81
N ALA A 201 14.58 -35.61 7.62
CA ALA A 201 15.35 -36.21 6.53
C ALA A 201 16.80 -36.48 6.95
N LYS A 202 17.39 -35.56 7.73
CA LYS A 202 18.76 -35.71 8.24
C LYS A 202 18.88 -36.97 9.08
N SER A 203 17.89 -37.23 9.94
CA SER A 203 17.87 -38.42 10.78
C SER A 203 17.65 -39.67 9.94
N ASN A 204 16.69 -39.62 9.01
CA ASN A 204 16.34 -40.72 8.12
C ASN A 204 17.53 -41.21 7.30
N LEU A 205 18.30 -40.29 6.71
CA LEU A 205 19.46 -40.67 5.92
C LEU A 205 20.53 -41.28 6.81
N ALA A 206 20.73 -40.70 8.00
CA ALA A 206 21.73 -41.20 8.94
C ALA A 206 21.40 -42.61 9.39
N GLU A 207 20.11 -42.89 9.63
CA GLU A 207 19.69 -44.21 10.03
C GLU A 207 19.90 -45.20 8.88
N GLU A 208 19.46 -44.82 7.66
CA GLU A 208 19.60 -45.65 6.46
C GLU A 208 21.05 -45.97 6.16
N PHE A 209 21.96 -45.03 6.41
CA PHE A 209 23.37 -45.22 6.15
C PHE A 209 23.98 -46.24 7.10
N ILE A 210 23.77 -46.06 8.41
CA ILE A 210 24.31 -46.96 9.42
C ILE A 210 23.71 -48.37 9.32
N LYS A 211 22.41 -48.45 9.05
CA LYS A 211 21.73 -49.73 8.92
C LYS A 211 22.19 -50.49 7.67
N LEU A 212 22.56 -49.79 6.58
CA LEU A 212 22.98 -50.46 5.36
C LEU A 212 24.45 -50.78 5.31
N ASN A 213 25.29 -49.82 5.70
CA ASN A 213 26.74 -50.00 5.64
C ASN A 213 27.28 -50.84 6.80
N PHE A 214 26.65 -50.75 7.98
CA PHE A 214 27.16 -51.48 9.16
C PHE A 214 26.23 -52.61 9.64
N HIS A 215 25.11 -52.82 8.94
CA HIS A 215 24.15 -53.88 9.13
C HIS A 215 23.53 -53.93 10.54
N ILE A 216 23.02 -52.77 11.00
CA ILE A 216 22.35 -52.71 12.30
C ILE A 216 20.87 -53.06 12.07
N GLU A 217 20.57 -54.35 11.94
CA GLU A 217 19.24 -54.88 11.67
C GLU A 217 18.21 -54.49 12.72
N SER A 218 18.58 -54.61 14.01
CA SER A 218 17.72 -54.28 15.15
C SER A 218 17.78 -52.78 15.52
N TYR A 219 16.94 -52.34 16.47
CA TYR A 219 16.80 -50.97 16.98
C TYR A 219 17.97 -50.02 16.66
N LEU A 220 17.65 -48.94 15.94
CA LEU A 220 18.64 -47.93 15.59
C LEU A 220 17.94 -46.59 15.53
N ARG A 221 18.49 -45.60 16.22
CA ARG A 221 17.91 -44.27 16.24
C ARG A 221 19.01 -43.21 16.05
N VAL A 222 18.79 -42.23 15.17
CA VAL A 222 19.71 -41.11 15.03
C VAL A 222 18.89 -39.88 15.38
N ARG A 223 18.94 -39.48 16.66
CA ARG A 223 18.16 -38.35 17.15
C ARG A 223 18.79 -37.02 16.72
N TYR A 224 17.94 -36.01 16.48
CA TYR A 224 18.36 -34.66 16.11
C TYR A 224 18.24 -33.76 17.35
N LEU A 225 19.33 -33.16 17.81
CA LEU A 225 19.29 -32.24 18.94
C LEU A 225 20.12 -31.02 18.61
N GLU A 226 19.49 -30.00 18.02
CA GLU A 226 20.12 -28.75 17.57
C GLU A 226 21.31 -29.03 16.67
N ASN A 227 21.07 -29.86 15.65
CA ASN A 227 22.02 -30.34 14.66
C ASN A 227 23.06 -31.27 15.23
N ILE A 228 22.74 -32.01 16.30
CA ILE A 228 23.64 -32.99 16.88
C ILE A 228 23.02 -34.34 16.73
N ALA A 229 23.78 -35.27 16.16
CA ALA A 229 23.27 -36.61 15.91
C ALA A 229 23.53 -37.49 17.10
N ILE A 230 22.47 -37.98 17.77
CA ILE A 230 22.65 -38.88 18.91
C ILE A 230 22.28 -40.29 18.46
N ILE A 231 23.28 -41.18 18.35
CA ILE A 231 23.04 -42.55 17.90
C ILE A 231 22.69 -43.49 19.05
N GLU A 232 21.46 -44.02 19.02
CA GLU A 232 20.96 -44.98 20.01
C GLU A 232 20.92 -46.36 19.37
N LEU A 233 21.38 -47.39 20.10
CA LEU A 233 21.38 -48.74 19.52
C LEU A 233 21.21 -49.86 20.56
N THR A 234 20.98 -51.08 20.08
CA THR A 234 20.76 -52.24 20.92
C THR A 234 22.07 -52.74 21.52
N LYS A 235 21.97 -53.55 22.57
CA LYS A 235 23.12 -54.08 23.27
C LYS A 235 23.89 -55.09 22.45
N ASN A 236 23.21 -56.03 21.77
CA ASN A 236 23.91 -57.03 20.97
C ASN A 236 24.40 -56.51 19.61
N GLU A 237 23.87 -55.37 19.15
CA GLU A 237 24.28 -54.76 17.88
C GLU A 237 25.58 -53.94 18.02
N SER A 238 25.90 -53.51 19.27
CA SER A 238 27.05 -52.70 19.67
C SER A 238 28.39 -52.99 18.96
N GLU A 239 28.81 -54.27 18.97
CA GLU A 239 30.07 -54.76 18.40
C GLU A 239 30.33 -54.33 16.96
N LYS A 240 29.25 -54.22 16.15
CA LYS A 240 29.30 -53.86 14.72
C LYS A 240 29.87 -52.47 14.42
N ILE A 241 29.91 -51.57 15.40
CA ILE A 241 30.42 -50.22 15.18
C ILE A 241 31.57 -49.84 16.10
N PHE A 242 32.27 -50.83 16.68
CA PHE A 242 33.32 -50.51 17.62
C PHE A 242 34.70 -50.31 17.00
N ASP A 243 34.94 -50.72 15.74
CA ASP A 243 36.25 -50.45 15.13
C ASP A 243 36.34 -48.99 14.69
N ASN A 244 37.49 -48.34 14.94
CA ASN A 244 37.74 -46.93 14.67
C ASN A 244 37.52 -46.52 13.21
N ASP A 245 37.61 -47.48 12.29
CA ASP A 245 37.37 -47.25 10.88
C ASP A 245 35.88 -47.03 10.60
N SER A 246 35.01 -47.74 11.35
CA SER A 246 33.56 -47.59 11.24
C SER A 246 33.11 -46.29 11.89
N ILE A 247 33.71 -45.95 13.05
CA ILE A 247 33.41 -44.73 13.79
C ILE A 247 33.76 -43.50 12.97
N GLU A 248 34.91 -43.53 12.27
CA GLU A 248 35.35 -42.44 11.42
C GLU A 248 34.41 -42.29 10.23
N ARG A 249 34.01 -43.41 9.59
CA ARG A 249 33.09 -43.40 8.45
C ARG A 249 31.72 -42.85 8.84
N ILE A 250 31.23 -43.17 10.04
CA ILE A 250 29.93 -42.70 10.51
C ILE A 250 30.01 -41.22 10.82
N ASN A 251 31.03 -40.80 11.58
CA ASN A 251 31.23 -39.40 11.95
C ASN A 251 31.37 -38.52 10.71
N THR A 252 32.12 -39.00 9.72
CA THR A 252 32.36 -38.28 8.47
C THR A 252 31.09 -38.13 7.62
N GLU A 253 30.41 -39.24 7.32
CA GLU A 253 29.20 -39.25 6.50
C GLU A 253 28.04 -38.50 7.15
N LEU A 254 27.90 -38.59 8.47
CA LEU A 254 26.82 -37.91 9.17
C LEU A 254 27.02 -36.40 9.17
N LYS A 255 28.27 -35.93 9.29
CA LYS A 255 28.53 -34.51 9.21
C LYS A 255 28.27 -33.98 7.80
N LYS A 256 28.51 -34.81 6.76
CA LYS A 256 28.26 -34.48 5.36
C LYS A 256 26.76 -34.27 5.13
N ILE A 257 25.91 -35.08 5.80
CA ILE A 257 24.44 -35.00 5.73
C ILE A 257 23.99 -33.60 6.18
N GLY A 258 24.55 -33.14 7.30
CA GLY A 258 24.28 -31.82 7.83
C GLY A 258 24.57 -31.63 9.31
N PHE A 259 24.92 -32.69 10.02
CA PHE A 259 25.15 -32.58 11.46
C PHE A 259 26.43 -31.82 11.83
N GLU A 260 26.37 -31.13 12.99
CA GLU A 260 27.45 -30.37 13.59
C GLU A 260 28.36 -31.33 14.35
N LYS A 261 27.78 -32.28 15.09
CA LYS A 261 28.51 -33.21 15.94
C LYS A 261 27.84 -34.57 15.88
N VAL A 262 28.65 -35.62 15.83
CA VAL A 262 28.11 -36.98 15.81
C VAL A 262 28.47 -37.66 17.12
N VAL A 263 27.48 -37.93 17.95
CA VAL A 263 27.67 -38.55 19.26
C VAL A 263 26.92 -39.87 19.41
N LEU A 264 27.35 -40.72 20.34
CA LEU A 264 26.71 -42.01 20.55
C LEU A 264 26.18 -42.16 21.98
N ASP A 265 24.85 -42.34 22.14
CA ASP A 265 24.26 -42.52 23.45
C ASP A 265 24.75 -43.83 24.06
N LEU A 266 25.51 -43.73 25.16
CA LEU A 266 26.05 -44.89 25.86
C LEU A 266 25.02 -45.70 26.65
N ASN A 267 23.73 -45.35 26.53
CA ASN A 267 22.62 -46.08 27.14
C ASN A 267 22.09 -47.03 26.06
N PHE A 268 22.68 -48.22 25.96
CA PHE A 268 22.27 -49.19 24.95
C PHE A 268 21.01 -49.91 25.44
N LYS A 269 20.14 -50.25 24.50
CA LYS A 269 18.85 -50.86 24.84
C LYS A 269 18.98 -52.35 25.26
N GLY A 270 18.43 -52.66 26.43
CA GLY A 270 18.47 -53.97 27.10
C GLY A 270 18.39 -55.22 26.26
N LYS B 17 -23.21 -50.69 -15.37
CA LYS B 17 -24.37 -50.87 -14.48
C LYS B 17 -24.27 -49.90 -13.31
N GLY B 18 -23.10 -49.88 -12.66
CA GLY B 18 -22.85 -49.01 -11.51
C GLY B 18 -22.99 -47.55 -11.84
N LEU B 19 -22.43 -47.13 -12.99
CA LEU B 19 -22.47 -45.73 -13.42
C LEU B 19 -23.85 -45.23 -13.80
N LEU B 20 -24.61 -46.04 -14.55
CA LEU B 20 -25.93 -45.64 -14.99
C LEU B 20 -26.90 -45.47 -13.84
N GLU B 21 -26.77 -46.30 -12.80
CA GLU B 21 -27.61 -46.20 -11.60
C GLU B 21 -27.27 -44.92 -10.83
N LYS B 22 -25.97 -44.56 -10.77
CA LYS B 22 -25.50 -43.31 -10.16
C LYS B 22 -26.05 -42.10 -10.93
N TYR B 23 -26.16 -42.23 -12.26
CA TYR B 23 -26.73 -41.23 -13.16
C TYR B 23 -28.22 -41.04 -12.88
N ASN B 24 -28.97 -42.14 -12.75
CA ASN B 24 -30.40 -42.06 -12.48
C ASN B 24 -30.68 -41.40 -11.14
N SER B 25 -29.82 -41.64 -10.15
CA SER B 25 -29.95 -41.08 -8.82
C SER B 25 -29.99 -39.54 -8.84
N LEU B 26 -29.11 -38.88 -9.64
CA LEU B 26 -29.12 -37.42 -9.65
C LEU B 26 -30.20 -36.83 -10.52
N LEU B 27 -30.78 -37.59 -11.49
CA LEU B 27 -31.93 -37.07 -12.24
C LEU B 27 -33.12 -36.87 -11.28
N GLU B 28 -33.23 -37.70 -10.22
CA GLU B 28 -34.26 -37.55 -9.18
C GLU B 28 -33.85 -36.45 -8.20
N PHE B 29 -32.54 -36.37 -7.84
CA PHE B 29 -31.98 -35.32 -6.96
C PHE B 29 -32.44 -33.92 -7.44
N PHE B 30 -32.61 -33.75 -8.77
CA PHE B 30 -32.98 -32.50 -9.43
C PHE B 30 -34.47 -32.28 -9.75
N LYS B 31 -35.30 -33.33 -9.84
CA LYS B 31 -36.72 -33.17 -10.18
C LYS B 31 -37.48 -32.16 -9.32
N ASN B 32 -38.08 -31.14 -9.99
CA ASN B 32 -38.87 -30.06 -9.42
C ASN B 32 -38.11 -29.13 -8.45
N LYS B 33 -36.80 -29.04 -8.64
CA LYS B 33 -35.98 -28.17 -7.81
C LYS B 33 -35.40 -27.00 -8.63
N LYS B 34 -35.21 -25.84 -7.99
CA LYS B 34 -34.63 -24.69 -8.64
C LYS B 34 -33.16 -24.72 -8.22
N VAL B 35 -32.28 -25.09 -9.14
CA VAL B 35 -30.87 -25.31 -8.81
C VAL B 35 -29.91 -24.25 -9.33
N ILE B 36 -29.09 -23.67 -8.44
CA ILE B 36 -28.03 -22.75 -8.86
C ILE B 36 -26.74 -23.55 -8.80
N VAL B 37 -26.05 -23.69 -9.93
CA VAL B 37 -24.84 -24.49 -9.99
C VAL B 37 -23.61 -23.60 -9.97
N ALA B 38 -22.62 -23.94 -9.15
CA ALA B 38 -21.36 -23.21 -9.11
C ALA B 38 -20.59 -23.63 -10.35
N TYR B 39 -20.83 -22.94 -11.45
CA TYR B 39 -20.24 -23.29 -12.73
C TYR B 39 -18.93 -22.57 -13.02
N SER B 40 -17.90 -23.33 -13.37
CA SER B 40 -16.57 -22.80 -13.66
C SER B 40 -16.10 -23.03 -15.08
N GLY B 41 -16.58 -24.11 -15.69
CA GLY B 41 -16.18 -24.50 -17.04
C GLY B 41 -15.54 -25.88 -17.07
N GLY B 42 -14.89 -26.26 -15.97
CA GLY B 42 -14.21 -27.54 -15.80
C GLY B 42 -15.14 -28.72 -15.90
N VAL B 43 -14.63 -29.85 -16.44
CA VAL B 43 -15.34 -31.11 -16.68
C VAL B 43 -16.40 -31.45 -15.63
N ASP B 44 -16.04 -31.35 -14.34
CA ASP B 44 -16.93 -31.64 -13.24
C ASP B 44 -18.07 -30.60 -13.14
N SER B 45 -17.71 -29.32 -13.04
CA SER B 45 -18.67 -28.22 -12.93
C SER B 45 -19.63 -28.18 -14.11
N THR B 46 -19.18 -28.64 -15.29
CA THR B 46 -19.99 -28.72 -16.51
C THR B 46 -20.93 -29.92 -16.45
N LEU B 47 -20.43 -31.11 -16.09
CA LEU B 47 -21.23 -32.34 -16.03
C LEU B 47 -22.45 -32.20 -15.11
N ILE B 48 -22.24 -31.66 -13.91
CA ILE B 48 -23.34 -31.48 -12.96
C ILE B 48 -24.33 -30.44 -13.44
N SER B 49 -23.86 -29.36 -14.11
CA SER B 49 -24.72 -28.30 -14.63
C SER B 49 -25.59 -28.80 -15.80
N LYS B 50 -24.98 -29.55 -16.73
CA LYS B 50 -25.68 -30.08 -17.90
C LYS B 50 -26.83 -30.97 -17.48
N ILE B 51 -26.58 -31.91 -16.57
CA ILE B 51 -27.60 -32.82 -16.06
C ILE B 51 -28.75 -32.04 -15.39
N ALA B 52 -28.40 -30.96 -14.68
CA ALA B 52 -29.38 -30.10 -14.03
C ALA B 52 -30.27 -29.37 -15.05
N SER B 53 -29.67 -28.85 -16.15
CA SER B 53 -30.44 -28.14 -17.18
C SER B 53 -31.49 -29.02 -17.83
N ASP B 54 -31.17 -30.31 -18.00
CA ASP B 54 -32.05 -31.30 -18.60
C ASP B 54 -33.23 -31.67 -17.71
N ASN B 55 -33.09 -31.52 -16.37
CA ASN B 55 -34.11 -31.97 -15.43
C ASN B 55 -34.70 -30.91 -14.50
N ALA B 56 -34.16 -29.70 -14.53
CA ALA B 56 -34.58 -28.66 -13.60
C ALA B 56 -34.37 -27.23 -14.14
N GLN B 57 -35.08 -26.25 -13.54
CA GLN B 57 -34.93 -24.83 -13.83
C GLN B 57 -33.62 -24.47 -13.19
N THR B 58 -32.54 -24.43 -14.00
CA THR B 58 -31.22 -24.19 -13.44
C THR B 58 -30.51 -22.96 -13.98
N LEU B 59 -29.62 -22.43 -13.15
CA LEU B 59 -28.78 -21.31 -13.55
C LEU B 59 -27.35 -21.63 -13.16
N ALA B 60 -26.46 -21.67 -14.14
CA ALA B 60 -25.05 -21.91 -13.94
C ALA B 60 -24.41 -20.56 -13.64
N VAL B 61 -23.98 -20.33 -12.40
CA VAL B 61 -23.39 -19.04 -12.02
C VAL B 61 -21.88 -19.10 -12.00
N THR B 62 -21.22 -18.16 -12.69
CA THR B 62 -19.77 -18.10 -12.73
C THR B 62 -19.32 -16.81 -12.07
N ILE B 63 -18.60 -16.92 -10.95
CA ILE B 63 -18.11 -15.72 -10.24
C ILE B 63 -16.69 -15.39 -10.71
N ASP B 64 -16.49 -14.22 -11.34
CA ASP B 64 -15.15 -13.84 -11.79
C ASP B 64 -14.45 -12.97 -10.77
N ASN B 65 -13.67 -13.59 -9.87
CA ASN B 65 -12.96 -12.85 -8.83
C ASN B 65 -11.67 -12.19 -9.30
N GLY B 66 -11.27 -12.41 -10.54
CA GLY B 66 -10.03 -11.88 -11.09
C GLY B 66 -8.92 -12.92 -11.20
N PHE B 67 -9.13 -14.11 -10.63
CA PHE B 67 -8.15 -15.17 -10.68
C PHE B 67 -8.12 -15.91 -12.02
N PHE B 68 -9.00 -15.54 -12.97
CA PHE B 68 -9.06 -16.22 -14.25
C PHE B 68 -8.99 -15.23 -15.37
N SER B 69 -8.22 -15.56 -16.42
CA SER B 69 -8.11 -14.66 -17.56
C SER B 69 -9.43 -14.58 -18.34
N GLU B 70 -9.59 -13.51 -19.15
CA GLU B 70 -10.78 -13.28 -19.98
C GLU B 70 -11.09 -14.48 -20.85
N ASN B 71 -10.03 -15.11 -21.40
CA ASN B 71 -10.11 -16.29 -22.27
C ASN B 71 -10.74 -17.49 -21.57
N VAL B 72 -10.42 -17.70 -20.28
CA VAL B 72 -10.98 -18.79 -19.47
C VAL B 72 -12.47 -18.55 -19.21
N ILE B 73 -12.85 -17.31 -18.97
CA ILE B 73 -14.23 -16.94 -18.74
C ILE B 73 -15.03 -17.09 -20.03
N LYS B 74 -14.46 -16.65 -21.16
CA LYS B 74 -15.07 -16.76 -22.49
C LYS B 74 -15.32 -18.24 -22.81
N LYS B 75 -14.35 -19.12 -22.48
CA LYS B 75 -14.45 -20.57 -22.71
C LYS B 75 -15.58 -21.16 -21.88
N ALA B 76 -15.73 -20.70 -20.63
CA ALA B 76 -16.81 -21.19 -19.77
C ALA B 76 -18.15 -20.73 -20.30
N GLU B 77 -18.24 -19.48 -20.78
CA GLU B 77 -19.48 -18.95 -21.33
C GLU B 77 -19.86 -19.69 -22.60
N ASN B 78 -18.88 -19.92 -23.48
CA ASN B 78 -19.06 -20.63 -24.76
C ASN B 78 -19.37 -22.12 -24.60
N ARG B 79 -19.06 -22.71 -23.45
CA ARG B 79 -19.40 -24.10 -23.20
C ARG B 79 -20.86 -24.15 -22.79
N ALA B 80 -21.28 -23.28 -21.86
CA ALA B 80 -22.66 -23.22 -21.41
C ALA B 80 -23.59 -22.87 -22.56
N LYS B 81 -23.19 -21.91 -23.42
CA LYS B 81 -23.98 -21.50 -24.60
C LYS B 81 -24.10 -22.65 -25.62
N LYS B 82 -23.07 -23.50 -25.72
CA LYS B 82 -23.02 -24.65 -26.61
C LYS B 82 -23.94 -25.76 -26.10
N TYR B 83 -23.89 -26.05 -24.79
CA TYR B 83 -24.72 -27.10 -24.20
C TYR B 83 -26.06 -26.62 -23.64
N ASN B 84 -26.54 -25.44 -24.13
CA ASN B 84 -27.79 -24.79 -23.77
C ASN B 84 -28.07 -24.78 -22.26
N ILE B 85 -27.01 -24.50 -21.47
CA ILE B 85 -27.05 -24.38 -20.02
C ILE B 85 -27.19 -22.91 -19.69
N PRO B 86 -28.30 -22.49 -19.05
CA PRO B 86 -28.46 -21.06 -18.73
C PRO B 86 -27.36 -20.56 -17.83
N GLN B 87 -26.56 -19.57 -18.27
CA GLN B 87 -25.42 -19.10 -17.49
C GLN B 87 -25.29 -17.58 -17.38
N LYS B 88 -24.96 -17.09 -16.18
CA LYS B 88 -24.74 -15.68 -15.90
C LYS B 88 -23.40 -15.51 -15.18
N THR B 89 -22.53 -14.62 -15.69
CA THR B 89 -21.20 -14.37 -15.11
C THR B 89 -21.21 -13.07 -14.29
N ILE B 90 -20.64 -13.10 -13.07
CA ILE B 90 -20.63 -11.93 -12.20
C ILE B 90 -19.21 -11.49 -11.86
N LYS B 91 -18.80 -10.28 -12.29
CA LYS B 91 -17.46 -9.78 -11.96
C LYS B 91 -17.53 -9.16 -10.56
N ILE B 92 -16.57 -9.50 -9.69
CA ILE B 92 -16.50 -8.96 -8.34
C ILE B 92 -15.11 -8.36 -8.02
N ASP B 93 -15.07 -7.21 -7.35
CA ASP B 93 -13.83 -6.58 -6.93
C ASP B 93 -13.39 -7.35 -5.68
N TYR B 94 -12.65 -8.45 -5.89
CA TYR B 94 -12.23 -9.29 -4.77
C TYR B 94 -10.81 -8.97 -4.32
N LEU B 95 -9.94 -8.55 -5.24
CA LEU B 95 -8.53 -8.25 -4.95
C LEU B 95 -8.28 -7.46 -3.65
N ASN B 96 -8.81 -6.24 -3.51
CA ASN B 96 -8.69 -5.43 -2.28
C ASN B 96 -7.26 -5.40 -1.64
N GLU B 97 -7.14 -5.21 -0.31
CA GLU B 97 -5.84 -5.13 0.36
C GLU B 97 -5.64 -6.30 1.32
N ILE B 98 -6.62 -6.54 2.19
CA ILE B 98 -6.59 -7.63 3.17
C ILE B 98 -6.66 -8.98 2.47
N THR B 99 -7.48 -9.06 1.43
CA THR B 99 -7.70 -10.25 0.65
C THR B 99 -6.47 -10.66 -0.18
N SER B 100 -5.68 -9.68 -0.62
CA SER B 100 -4.50 -9.96 -1.42
C SER B 100 -3.26 -10.39 -0.60
N LYS B 101 -3.21 -10.08 0.70
CA LYS B 101 -2.06 -10.44 1.54
C LYS B 101 -2.19 -11.79 2.28
N ASP B 102 -3.35 -12.44 2.18
CA ASP B 102 -3.57 -13.73 2.83
C ASP B 102 -3.38 -14.86 1.83
N LEU B 103 -2.20 -15.48 1.87
CA LEU B 103 -1.87 -16.59 0.98
C LEU B 103 -2.20 -17.91 1.66
N GLU B 104 -1.85 -18.04 2.95
CA GLU B 104 -2.11 -19.25 3.72
C GLU B 104 -3.60 -19.67 3.72
N ASN B 105 -4.51 -18.72 3.41
CA ASN B 105 -5.94 -18.98 3.35
C ASN B 105 -6.58 -18.48 2.07
N ARG B 106 -5.82 -18.02 1.06
CA ARG B 106 -6.40 -17.47 -0.18
C ARG B 106 -7.50 -18.30 -0.81
N CYS B 107 -7.40 -19.64 -0.75
CA CYS B 107 -8.40 -20.54 -1.32
C CYS B 107 -9.68 -20.50 -0.53
N TYR B 108 -9.54 -20.48 0.80
CA TYR B 108 -10.68 -20.44 1.72
C TYR B 108 -11.38 -19.11 1.56
N ASN B 109 -10.62 -18.01 1.59
CA ASN B 109 -11.20 -16.68 1.45
C ASN B 109 -11.81 -16.50 0.06
N CYS B 110 -11.20 -17.11 -0.96
CA CYS B 110 -11.68 -17.08 -2.34
C CYS B 110 -13.05 -17.73 -2.42
N LYS B 111 -13.15 -19.03 -2.06
CA LYS B 111 -14.41 -19.74 -2.13
C LYS B 111 -15.42 -19.29 -1.09
N LYS B 112 -15.00 -18.65 0.01
CA LYS B 112 -15.94 -18.13 1.00
C LYS B 112 -16.73 -16.96 0.41
N ARG B 113 -16.03 -16.06 -0.33
CA ARG B 113 -16.67 -14.92 -0.99
C ARG B 113 -17.54 -15.40 -2.14
N ILE B 114 -17.13 -16.46 -2.84
CA ILE B 114 -17.92 -17.02 -3.95
C ILE B 114 -19.21 -17.60 -3.40
N ALA B 115 -19.12 -18.41 -2.33
CA ALA B 115 -20.29 -19.00 -1.67
C ALA B 115 -21.22 -17.93 -1.14
N GLU B 116 -20.67 -16.81 -0.67
CA GLU B 116 -21.42 -15.66 -0.18
C GLU B 116 -22.29 -15.08 -1.30
N GLU B 117 -21.75 -15.04 -2.53
CA GLU B 117 -22.46 -14.51 -3.70
C GLU B 117 -23.51 -15.46 -4.20
N LEU B 118 -23.18 -16.75 -4.30
CA LEU B 118 -24.13 -17.76 -4.77
C LEU B 118 -25.33 -17.83 -3.83
N LYS B 119 -25.09 -17.68 -2.52
CA LYS B 119 -26.15 -17.68 -1.51
C LYS B 119 -27.06 -16.48 -1.70
N ARG B 120 -26.50 -15.32 -2.09
CA ARG B 120 -27.27 -14.11 -2.34
C ARG B 120 -28.16 -14.30 -3.57
N ILE B 121 -27.58 -14.82 -4.67
CA ILE B 121 -28.32 -15.05 -5.91
C ILE B 121 -29.49 -16.01 -5.68
N LYS B 122 -29.26 -17.12 -4.97
CA LYS B 122 -30.29 -18.10 -4.65
C LYS B 122 -31.45 -17.45 -3.89
N ASN B 123 -31.14 -16.60 -2.90
CA ASN B 123 -32.15 -15.93 -2.09
C ASN B 123 -32.91 -14.85 -2.86
N GLU B 124 -32.23 -14.15 -3.78
CA GLU B 124 -32.89 -13.13 -4.60
C GLU B 124 -33.80 -13.77 -5.65
N LEU B 125 -33.35 -14.90 -6.21
CA LEU B 125 -34.13 -15.66 -7.19
C LEU B 125 -35.17 -16.61 -6.57
N ASN B 126 -35.15 -16.77 -5.22
CA ASN B 126 -36.02 -17.66 -4.44
C ASN B 126 -35.88 -19.13 -4.89
N TYR B 127 -34.64 -19.51 -5.25
CA TYR B 127 -34.27 -20.85 -5.68
C TYR B 127 -34.14 -21.79 -4.47
N ASP B 128 -34.22 -23.10 -4.71
CA ASP B 128 -34.17 -24.08 -3.64
C ASP B 128 -32.76 -24.44 -3.13
N ILE B 129 -31.86 -24.92 -4.02
CA ILE B 129 -30.54 -25.38 -3.59
C ILE B 129 -29.38 -24.81 -4.44
N ILE B 130 -28.14 -25.00 -3.95
CA ILE B 130 -26.92 -24.61 -4.63
C ILE B 130 -26.02 -25.84 -4.68
N VAL B 131 -25.62 -26.27 -5.88
CA VAL B 131 -24.76 -27.44 -6.00
C VAL B 131 -23.40 -27.11 -6.63
N ASP B 132 -22.38 -27.94 -6.34
CA ASP B 132 -21.04 -27.76 -6.90
C ASP B 132 -20.45 -29.07 -7.42
N GLY B 133 -19.50 -28.96 -8.33
CA GLY B 133 -18.88 -30.14 -8.94
C GLY B 133 -17.82 -30.84 -8.12
N THR B 134 -18.03 -30.96 -6.80
CA THR B 134 -17.06 -31.64 -5.96
C THR B 134 -17.28 -33.13 -6.08
N ILE B 135 -16.28 -33.83 -6.62
CA ILE B 135 -16.39 -35.26 -6.81
C ILE B 135 -15.99 -36.00 -5.50
N TYR B 136 -16.22 -37.32 -5.45
CA TYR B 136 -15.90 -38.15 -4.30
C TYR B 136 -14.40 -38.17 -4.03
N ASP B 137 -13.58 -38.27 -5.09
CA ASP B 137 -12.13 -38.28 -4.93
C ASP B 137 -11.58 -36.99 -4.34
N ASP B 138 -12.27 -35.86 -4.58
CA ASP B 138 -11.90 -34.54 -4.09
C ASP B 138 -11.96 -34.41 -2.56
N ILE B 139 -12.67 -35.31 -1.87
CA ILE B 139 -12.78 -35.23 -0.42
C ILE B 139 -11.59 -35.85 0.32
N PHE B 140 -10.68 -36.54 -0.37
CA PHE B 140 -9.52 -37.16 0.27
C PHE B 140 -8.20 -36.41 0.02
N GLU B 141 -8.31 -35.08 -0.16
CA GLU B 141 -7.20 -34.18 -0.40
C GLU B 141 -7.42 -32.92 0.43
N ASP B 142 -6.35 -32.31 0.98
CA ASP B 142 -6.45 -31.07 1.76
C ASP B 142 -6.84 -29.96 0.83
N ARG B 143 -8.14 -29.74 0.67
CA ARG B 143 -8.63 -28.69 -0.18
C ARG B 143 -9.49 -27.74 0.62
N PRO B 144 -8.90 -26.61 1.06
CA PRO B 144 -9.67 -25.62 1.82
C PRO B 144 -10.70 -24.80 1.04
N GLY B 145 -10.74 -24.95 -0.27
CA GLY B 145 -11.74 -24.31 -1.09
C GLY B 145 -13.10 -24.94 -0.82
N ILE B 146 -13.14 -26.28 -0.75
CA ILE B 146 -14.38 -26.98 -0.42
C ILE B 146 -14.73 -26.92 1.09
N LYS B 147 -13.77 -26.51 1.95
CA LYS B 147 -14.02 -26.36 3.38
C LYS B 147 -14.97 -25.18 3.56
N ALA B 148 -14.66 -24.03 2.92
CA ALA B 148 -15.48 -22.82 2.98
C ALA B 148 -16.84 -23.02 2.30
N PHE B 149 -16.87 -23.83 1.24
CA PHE B 149 -18.09 -24.12 0.49
C PHE B 149 -19.07 -24.94 1.30
N ASN B 150 -18.62 -26.07 1.88
CA ASN B 150 -19.51 -26.90 2.67
C ASN B 150 -19.89 -26.24 4.04
N GLU B 151 -19.30 -25.08 4.37
CA GLU B 151 -19.70 -24.32 5.55
C GLU B 151 -21.02 -23.59 5.22
N SER B 152 -21.16 -23.08 3.97
CA SER B 152 -22.33 -22.36 3.47
C SER B 152 -23.45 -23.29 2.93
N ASN B 153 -23.44 -24.58 3.34
CA ASN B 153 -24.45 -25.57 2.99
C ASN B 153 -24.62 -25.79 1.47
N ILE B 154 -23.49 -25.96 0.78
CA ILE B 154 -23.51 -26.22 -0.66
C ILE B 154 -23.41 -27.72 -0.88
N ILE B 155 -24.42 -28.28 -1.54
CA ILE B 155 -24.50 -29.71 -1.79
C ILE B 155 -23.54 -30.14 -2.89
N SER B 156 -22.72 -31.15 -2.63
CA SER B 156 -21.80 -31.67 -3.65
C SER B 156 -22.43 -32.99 -4.05
N PRO B 157 -23.25 -33.03 -5.12
CA PRO B 157 -23.97 -34.28 -5.45
C PRO B 157 -23.10 -35.40 -5.99
N LEU B 158 -22.01 -35.05 -6.68
CA LEU B 158 -21.09 -36.05 -7.20
C LEU B 158 -20.39 -36.78 -6.07
N SER B 159 -19.99 -36.04 -5.03
CA SER B 159 -19.34 -36.60 -3.85
C SER B 159 -20.33 -37.48 -3.06
N ASN B 160 -21.59 -37.01 -2.95
CA ASN B 160 -22.63 -37.76 -2.26
C ASN B 160 -22.95 -39.07 -2.99
N LEU B 161 -22.82 -39.09 -4.32
CA LEU B 161 -23.08 -40.29 -5.10
C LEU B 161 -21.80 -41.09 -5.46
N LYS B 162 -20.70 -40.84 -4.74
CA LYS B 162 -19.41 -41.53 -4.87
C LYS B 162 -18.83 -41.53 -6.30
N PHE B 163 -18.90 -40.39 -7.00
CA PHE B 163 -18.36 -40.30 -8.35
C PHE B 163 -16.85 -40.17 -8.36
N SER B 164 -16.13 -41.13 -8.96
CA SER B 164 -14.68 -41.05 -9.06
C SER B 164 -14.25 -40.22 -10.30
N LYS B 165 -12.94 -39.93 -10.46
CA LYS B 165 -12.40 -39.16 -11.57
C LYS B 165 -12.77 -39.75 -12.94
N ASN B 166 -12.61 -41.06 -13.08
CA ASN B 166 -12.93 -41.73 -14.34
C ASN B 166 -14.41 -41.88 -14.58
N ASP B 167 -15.24 -41.84 -13.51
CA ASP B 167 -16.70 -41.89 -13.64
C ASP B 167 -17.20 -40.60 -14.28
N VAL B 168 -16.62 -39.46 -13.89
CA VAL B 168 -16.94 -38.14 -14.42
C VAL B 168 -16.57 -38.07 -15.89
N PHE B 169 -15.38 -38.58 -16.25
CA PHE B 169 -14.94 -38.59 -17.63
C PHE B 169 -15.84 -39.49 -18.50
N GLU B 170 -16.14 -40.72 -18.04
CA GLU B 170 -16.94 -41.68 -18.81
C GLU B 170 -18.35 -41.21 -19.06
N LEU B 171 -19.00 -40.64 -18.03
CA LEU B 171 -20.36 -40.11 -18.19
C LEU B 171 -20.37 -38.88 -19.12
N SER B 172 -19.31 -38.04 -19.06
CA SER B 172 -19.16 -36.88 -19.91
C SER B 172 -19.08 -37.28 -21.37
N ASN B 173 -18.40 -38.39 -21.67
CA ASN B 173 -18.29 -38.91 -23.03
C ASN B 173 -19.65 -39.37 -23.54
N TYR B 174 -20.43 -40.03 -22.67
CA TYR B 174 -21.76 -40.53 -23.01
C TYR B 174 -22.70 -39.37 -23.29
N LEU B 175 -22.61 -38.30 -22.50
CA LEU B 175 -23.48 -37.14 -22.69
C LEU B 175 -23.00 -36.17 -23.79
N LYS B 176 -21.94 -36.51 -24.53
CA LYS B 176 -21.35 -35.71 -25.61
C LYS B 176 -20.81 -34.33 -25.13
N ILE B 177 -20.27 -34.31 -23.90
CA ILE B 177 -19.67 -33.12 -23.32
C ILE B 177 -18.16 -33.22 -23.53
N ASP B 178 -17.59 -32.31 -24.31
CA ASP B 178 -16.17 -32.30 -24.64
C ASP B 178 -15.32 -32.02 -23.43
N ILE B 179 -14.14 -32.65 -23.38
CA ILE B 179 -13.22 -32.45 -22.27
C ILE B 179 -12.28 -31.28 -22.62
N PRO B 180 -12.36 -30.17 -21.86
CA PRO B 180 -11.53 -28.99 -22.19
C PRO B 180 -10.13 -29.01 -21.57
N LYS B 181 -9.26 -28.02 -21.94
CA LYS B 181 -7.93 -27.88 -21.34
C LYS B 181 -8.08 -27.44 -19.87
N LYS B 182 -7.18 -27.92 -18.98
CA LYS B 182 -7.19 -27.65 -17.53
C LYS B 182 -7.50 -26.17 -17.15
N ASP B 183 -6.67 -25.18 -17.59
CA ASP B 183 -6.84 -23.73 -17.32
C ASP B 183 -6.93 -23.42 -15.80
N THR B 184 -5.93 -23.83 -14.99
CA THR B 184 -6.02 -23.60 -13.55
C THR B 184 -5.73 -22.12 -13.18
N CYS B 185 -6.34 -21.70 -12.07
CA CYS B 185 -6.34 -20.43 -11.37
C CYS B 185 -5.01 -19.65 -11.48
N MET B 186 -5.06 -18.42 -12.06
CA MET B 186 -3.96 -17.44 -12.25
C MET B 186 -3.17 -17.24 -10.93
N ALA B 187 -3.85 -17.30 -9.79
CA ALA B 187 -3.22 -17.06 -8.50
C ALA B 187 -2.39 -18.20 -7.96
N THR B 188 -2.53 -19.41 -8.51
CA THR B 188 -1.72 -20.55 -8.02
C THR B 188 -0.23 -20.35 -8.33
N ARG B 189 0.09 -19.56 -9.39
CA ARG B 189 1.46 -19.24 -9.76
C ARG B 189 2.08 -18.30 -8.74
N ILE B 190 1.28 -17.46 -8.03
CA ILE B 190 1.80 -16.57 -7.01
C ILE B 190 2.24 -17.35 -5.76
N LEU B 191 3.56 -17.44 -5.55
CA LEU B 191 4.17 -18.13 -4.41
C LEU B 191 4.62 -17.20 -3.28
N SER B 192 4.56 -15.88 -3.51
CA SER B 192 4.97 -14.92 -2.49
C SER B 192 3.90 -13.85 -2.38
N ALA B 193 3.47 -13.53 -1.16
CA ALA B 193 2.50 -12.45 -0.96
C ALA B 193 3.02 -11.11 -1.46
N PRO B 194 2.17 -10.28 -2.09
CA PRO B 194 0.73 -10.46 -2.25
C PRO B 194 0.32 -10.98 -3.63
N ILE B 195 -0.93 -11.46 -3.73
CA ILE B 195 -1.51 -11.93 -4.99
C ILE B 195 -2.03 -10.68 -5.68
N SER B 196 -1.21 -10.04 -6.49
CA SER B 196 -1.62 -8.81 -7.14
C SER B 196 -2.04 -9.04 -8.58
N LYS B 197 -2.88 -8.15 -9.11
CA LYS B 197 -3.35 -8.22 -10.48
C LYS B 197 -2.17 -8.16 -11.46
N GLU B 198 -1.10 -7.41 -11.12
CA GLU B 198 0.12 -7.24 -11.91
C GLU B 198 1.00 -8.47 -11.80
N ASN B 199 1.11 -9.03 -10.59
CA ASN B 199 1.91 -10.22 -10.30
C ASN B 199 1.40 -11.41 -11.09
N MET B 200 0.07 -11.54 -11.20
CA MET B 200 -0.55 -12.60 -11.96
C MET B 200 -0.37 -12.35 -13.46
N ALA B 201 -0.48 -11.08 -13.89
CA ALA B 201 -0.29 -10.70 -15.29
C ALA B 201 1.13 -11.03 -15.74
N LYS B 202 2.13 -10.83 -14.87
CA LYS B 202 3.53 -11.13 -15.16
C LYS B 202 3.70 -12.61 -15.48
N SER B 203 3.02 -13.48 -14.72
CA SER B 203 3.07 -14.91 -14.92
C SER B 203 2.33 -15.29 -16.19
N ASN B 204 1.15 -14.71 -16.39
CA ASN B 204 0.30 -14.98 -17.54
C ASN B 204 0.99 -14.67 -18.87
N LEU B 205 1.68 -13.52 -18.94
CA LEU B 205 2.40 -13.16 -20.17
C LEU B 205 3.57 -14.09 -20.39
N ALA B 206 4.28 -14.45 -19.32
CA ALA B 206 5.42 -15.35 -19.41
C ALA B 206 4.99 -16.72 -19.90
N GLU B 207 3.84 -17.21 -19.42
CA GLU B 207 3.32 -18.49 -19.85
C GLU B 207 2.92 -18.42 -21.32
N GLU B 208 2.16 -17.37 -21.70
CA GLU B 208 1.70 -17.16 -23.08
C GLU B 208 2.85 -17.04 -24.05
N PHE B 209 3.96 -16.44 -23.63
CA PHE B 209 5.12 -16.27 -24.47
C PHE B 209 5.80 -17.61 -24.76
N ILE B 210 6.10 -18.38 -23.70
CA ILE B 210 6.77 -19.66 -23.85
C ILE B 210 5.90 -20.68 -24.59
N LYS B 211 4.60 -20.68 -24.30
CA LYS B 211 3.66 -21.58 -24.96
C LYS B 211 3.48 -21.26 -26.45
N LEU B 212 3.58 -19.97 -26.83
CA LEU B 212 3.39 -19.60 -28.24
C LEU B 212 4.66 -19.64 -29.05
N ASN B 213 5.76 -19.13 -28.51
CA ASN B 213 7.02 -19.10 -29.24
C ASN B 213 7.75 -20.42 -29.27
N PHE B 214 7.62 -21.22 -28.21
CA PHE B 214 8.35 -22.49 -28.12
C PHE B 214 7.44 -23.74 -28.18
N HIS B 215 6.13 -23.53 -28.29
CA HIS B 215 5.08 -24.53 -28.48
C HIS B 215 5.01 -25.56 -27.36
N ILE B 216 4.94 -25.09 -26.11
CA ILE B 216 4.81 -25.98 -24.96
C ILE B 216 3.31 -26.23 -24.74
N GLU B 217 2.73 -27.12 -25.55
CA GLU B 217 1.30 -27.46 -25.52
C GLU B 217 0.85 -28.02 -24.17
N SER B 218 1.63 -28.94 -23.58
CA SER B 218 1.32 -29.54 -22.28
C SER B 218 1.80 -28.68 -21.09
N TYR B 219 1.46 -29.09 -19.84
CA TYR B 219 1.77 -28.42 -18.56
C TYR B 219 2.91 -27.42 -18.60
N LEU B 220 2.61 -26.19 -18.20
CA LEU B 220 3.59 -25.14 -18.18
C LEU B 220 3.18 -24.13 -17.14
N ARG B 221 4.09 -23.79 -16.24
CA ARG B 221 3.83 -22.83 -15.19
C ARG B 221 4.98 -21.85 -15.05
N VAL B 222 4.67 -20.58 -14.83
CA VAL B 222 5.70 -19.58 -14.56
C VAL B 222 5.33 -18.98 -13.21
N ARG B 223 5.89 -19.56 -12.15
CA ARG B 223 5.58 -19.14 -10.79
C ARG B 223 6.26 -17.82 -10.43
N TYR B 224 5.63 -17.03 -9.59
CA TYR B 224 6.16 -15.76 -9.11
C TYR B 224 6.64 -15.92 -7.67
N LEU B 225 7.95 -15.72 -7.43
CA LEU B 225 8.49 -15.83 -6.07
C LEU B 225 9.36 -14.62 -5.81
N GLU B 226 8.74 -13.50 -5.39
CA GLU B 226 9.39 -12.20 -5.20
C GLU B 226 10.15 -11.80 -6.45
N ASN B 227 9.39 -11.64 -7.55
CA ASN B 227 9.86 -11.28 -8.88
C ASN B 227 10.83 -12.27 -9.49
N ILE B 228 10.83 -13.53 -9.03
CA ILE B 228 11.68 -14.55 -9.61
C ILE B 228 10.76 -15.53 -10.35
N ALA B 229 10.98 -15.67 -11.65
CA ALA B 229 10.14 -16.53 -12.47
C ALA B 229 10.62 -17.96 -12.39
N ILE B 230 9.79 -18.87 -11.87
CA ILE B 230 10.17 -20.28 -11.79
C ILE B 230 9.41 -21.05 -12.85
N ILE B 231 10.11 -21.53 -13.90
CA ILE B 231 9.46 -22.24 -14.98
C ILE B 231 9.36 -23.74 -14.73
N GLU B 232 8.13 -24.23 -14.60
CA GLU B 232 7.83 -25.64 -14.37
C GLU B 232 7.37 -26.27 -15.67
N LEU B 233 7.99 -27.39 -16.04
CA LEU B 233 7.72 -28.01 -17.33
C LEU B 233 7.33 -29.49 -17.26
N THR B 234 7.03 -30.06 -18.46
CA THR B 234 6.69 -31.46 -18.66
C THR B 234 7.99 -32.22 -19.00
N LYS B 235 7.98 -33.57 -18.90
CA LYS B 235 9.17 -34.34 -19.21
C LYS B 235 9.46 -34.43 -20.72
N ASN B 236 8.44 -34.75 -21.54
CA ASN B 236 8.66 -34.82 -22.99
C ASN B 236 8.64 -33.47 -23.70
N GLU B 237 8.19 -32.40 -23.02
CA GLU B 237 8.20 -31.06 -23.58
C GLU B 237 9.59 -30.39 -23.48
N SER B 238 10.41 -30.83 -22.51
CA SER B 238 11.74 -30.34 -22.16
C SER B 238 12.67 -30.04 -23.34
N GLU B 239 12.81 -30.97 -24.31
CA GLU B 239 13.69 -30.81 -25.46
C GLU B 239 13.47 -29.52 -26.24
N LYS B 240 12.23 -29.00 -26.21
CA LYS B 240 11.80 -27.79 -26.92
C LYS B 240 12.38 -26.48 -26.37
N ILE B 241 13.09 -26.51 -25.24
CA ILE B 241 13.71 -25.31 -24.68
C ILE B 241 15.17 -25.54 -24.30
N PHE B 242 15.83 -26.58 -24.86
CA PHE B 242 17.20 -26.87 -24.44
C PHE B 242 18.26 -26.16 -25.25
N ASP B 243 17.95 -25.60 -26.44
CA ASP B 243 18.99 -24.85 -27.17
C ASP B 243 19.20 -23.48 -26.52
N ASN B 244 20.46 -23.07 -26.39
CA ASN B 244 20.88 -21.81 -25.75
C ASN B 244 20.23 -20.57 -26.34
N ASP B 245 19.81 -20.63 -27.60
CA ASP B 245 19.13 -19.53 -28.28
C ASP B 245 17.71 -19.35 -27.72
N SER B 246 17.04 -20.45 -27.35
CA SER B 246 15.71 -20.41 -26.76
C SER B 246 15.80 -19.95 -25.31
N ILE B 247 16.82 -20.42 -24.58
CA ILE B 247 17.05 -20.05 -23.19
C ILE B 247 17.33 -18.57 -23.06
N GLU B 248 18.11 -18.02 -23.98
CA GLU B 248 18.44 -16.60 -24.00
C GLU B 248 17.18 -15.77 -24.30
N ARG B 249 16.37 -16.22 -25.28
CA ARG B 249 15.14 -15.53 -25.64
C ARG B 249 14.13 -15.51 -24.49
N ILE B 250 14.05 -16.62 -23.72
CA ILE B 250 13.14 -16.72 -22.59
C ILE B 250 13.61 -15.83 -21.45
N ASN B 251 14.89 -15.94 -21.10
CA ASN B 251 15.48 -15.13 -20.02
C ASN B 251 15.34 -13.64 -20.30
N THR B 252 15.57 -13.25 -21.56
CA THR B 252 15.50 -11.85 -22.00
C THR B 252 14.08 -11.29 -21.96
N GLU B 253 13.12 -11.99 -22.59
CA GLU B 253 11.72 -11.55 -22.64
C GLU B 253 11.05 -11.54 -21.27
N LEU B 254 11.38 -12.52 -20.42
CA LEU B 254 10.79 -12.59 -19.09
C LEU B 254 11.26 -11.46 -18.20
N LYS B 255 12.54 -11.08 -18.32
CA LYS B 255 13.04 -9.96 -17.55
C LYS B 255 12.41 -8.64 -18.04
N LYS B 256 12.09 -8.54 -19.35
CA LYS B 256 11.44 -7.38 -19.95
C LYS B 256 10.03 -7.20 -19.38
N ILE B 257 9.33 -8.32 -19.11
CA ILE B 257 7.99 -8.35 -18.53
C ILE B 257 8.00 -7.64 -17.17
N GLY B 258 9.00 -7.99 -16.36
CA GLY B 258 9.20 -7.40 -15.04
C GLY B 258 10.00 -8.24 -14.07
N PHE B 259 10.34 -9.47 -14.44
CA PHE B 259 11.07 -10.37 -13.53
C PHE B 259 12.53 -9.97 -13.29
N GLU B 260 13.00 -10.25 -12.07
CA GLU B 260 14.35 -10.00 -11.59
C GLU B 260 15.28 -11.13 -12.03
N LYS B 261 14.80 -12.37 -11.95
CA LYS B 261 15.59 -13.55 -12.26
C LYS B 261 14.71 -14.56 -12.96
N VAL B 262 15.24 -15.23 -13.99
CA VAL B 262 14.48 -16.25 -14.71
C VAL B 262 15.14 -17.60 -14.42
N VAL B 263 14.45 -18.47 -13.69
CA VAL B 263 14.96 -19.77 -13.29
C VAL B 263 14.05 -20.91 -13.79
N LEU B 264 14.62 -22.12 -13.92
CA LEU B 264 13.85 -23.27 -14.39
C LEU B 264 13.85 -24.40 -13.36
N ASP B 265 12.67 -24.78 -12.84
CA ASP B 265 12.57 -25.87 -11.88
C ASP B 265 12.95 -27.18 -12.56
N LEU B 266 14.03 -27.80 -12.08
CA LEU B 266 14.53 -29.06 -12.62
C LEU B 266 13.69 -30.29 -12.24
N ASN B 267 12.53 -30.07 -11.59
CA ASN B 267 11.59 -31.14 -11.23
C ASN B 267 10.52 -31.13 -12.33
N PHE B 268 10.76 -31.88 -13.41
CA PHE B 268 9.84 -31.94 -14.54
C PHE B 268 8.67 -32.89 -14.25
N LYS B 269 7.48 -32.61 -14.84
CA LYS B 269 6.26 -33.43 -14.69
C LYS B 269 6.39 -34.78 -15.41
N GLY B 270 6.21 -35.88 -14.66
CA GLY B 270 6.27 -37.24 -15.19
C GLY B 270 5.09 -37.65 -16.07
N MET C 15 -40.86 -6.80 -24.34
CA MET C 15 -41.77 -6.46 -25.45
C MET C 15 -43.19 -6.10 -24.96
N GLU C 16 -43.80 -5.05 -25.55
CA GLU C 16 -45.10 -4.46 -25.19
C GLU C 16 -46.33 -5.39 -25.27
N LYS C 17 -46.59 -6.18 -24.20
CA LYS C 17 -47.74 -7.11 -24.02
C LYS C 17 -47.41 -7.83 -22.75
N GLY C 18 -46.30 -8.55 -22.76
CA GLY C 18 -45.75 -9.21 -21.58
C GLY C 18 -45.19 -8.20 -20.60
N LEU C 19 -44.91 -6.99 -21.07
CA LEU C 19 -44.46 -5.82 -20.32
C LEU C 19 -45.69 -5.31 -19.54
N LEU C 20 -46.85 -5.23 -20.20
CA LEU C 20 -48.08 -4.86 -19.53
C LEU C 20 -48.48 -5.94 -18.49
N GLU C 21 -48.11 -7.22 -18.70
CA GLU C 21 -48.33 -8.31 -17.75
C GLU C 21 -47.48 -8.15 -16.47
N LYS C 22 -46.30 -7.53 -16.61
CA LYS C 22 -45.44 -7.23 -15.48
C LYS C 22 -46.00 -5.97 -14.78
N TYR C 23 -46.44 -4.97 -15.55
CA TYR C 23 -47.01 -3.73 -15.03
C TYR C 23 -48.25 -3.99 -14.20
N ASN C 24 -49.18 -4.79 -14.71
CA ASN C 24 -50.42 -5.09 -14.00
C ASN C 24 -50.16 -5.83 -12.70
N SER C 25 -49.15 -6.72 -12.68
CA SER C 25 -48.78 -7.48 -11.48
C SER C 25 -48.25 -6.54 -10.36
N LEU C 26 -47.61 -5.44 -10.77
CA LEU C 26 -47.06 -4.40 -9.91
C LEU C 26 -48.21 -3.61 -9.24
N LEU C 27 -49.27 -3.28 -9.99
CA LEU C 27 -50.42 -2.54 -9.44
C LEU C 27 -51.16 -3.38 -8.42
N GLU C 28 -51.32 -4.68 -8.69
CA GLU C 28 -51.97 -5.64 -7.81
C GLU C 28 -51.18 -5.79 -6.51
N PHE C 29 -49.85 -5.75 -6.59
CA PHE C 29 -49.01 -5.85 -5.41
C PHE C 29 -49.17 -4.60 -4.52
N PHE C 30 -49.34 -3.42 -5.12
CA PHE C 30 -49.49 -2.17 -4.37
C PHE C 30 -50.86 -1.96 -3.75
N LYS C 31 -51.88 -2.71 -4.18
CA LYS C 31 -53.25 -2.58 -3.65
C LYS C 31 -53.34 -2.75 -2.15
N ASN C 32 -53.90 -1.74 -1.47
CA ASN C 32 -54.15 -1.66 -0.03
C ASN C 32 -52.88 -1.74 0.84
N LYS C 33 -51.74 -1.32 0.26
CA LYS C 33 -50.48 -1.30 0.98
C LYS C 33 -49.97 0.13 1.16
N LYS C 34 -49.28 0.37 2.27
CA LYS C 34 -48.71 1.67 2.56
C LYS C 34 -47.26 1.52 2.18
N VAL C 35 -46.86 2.12 1.05
CA VAL C 35 -45.52 1.91 0.50
C VAL C 35 -44.56 3.09 0.63
N ILE C 36 -43.36 2.84 1.21
CA ILE C 36 -42.26 3.80 1.32
C ILE C 36 -41.26 3.42 0.21
N VAL C 37 -41.06 4.31 -0.77
CA VAL C 37 -40.17 4.01 -1.88
C VAL C 37 -38.88 4.77 -1.74
N ALA C 38 -37.76 4.08 -1.98
CA ALA C 38 -36.45 4.69 -1.93
C ALA C 38 -36.28 5.48 -3.21
N TYR C 39 -36.73 6.74 -3.20
CA TYR C 39 -36.74 7.60 -4.38
C TYR C 39 -35.48 8.46 -4.51
N SER C 40 -34.83 8.40 -5.66
CA SER C 40 -33.61 9.16 -5.91
C SER C 40 -33.72 10.17 -7.04
N GLY C 41 -34.60 9.89 -7.98
CA GLY C 41 -34.77 10.72 -9.16
C GLY C 41 -34.51 9.95 -10.44
N GLY C 42 -33.58 8.99 -10.37
CA GLY C 42 -33.19 8.11 -11.47
C GLY C 42 -34.35 7.28 -11.97
N VAL C 43 -34.41 7.06 -13.28
CA VAL C 43 -35.47 6.34 -13.98
C VAL C 43 -35.92 5.01 -13.36
N ASP C 44 -35.01 4.30 -12.69
CA ASP C 44 -35.36 3.04 -12.07
C ASP C 44 -36.24 3.31 -10.86
N SER C 45 -35.83 4.25 -9.99
CA SER C 45 -36.57 4.57 -8.77
C SER C 45 -37.78 5.47 -9.02
N THR C 46 -37.76 6.27 -10.09
CA THR C 46 -38.90 7.14 -10.40
C THR C 46 -40.05 6.26 -10.85
N LEU C 47 -39.80 5.34 -11.81
CA LEU C 47 -40.82 4.44 -12.36
C LEU C 47 -41.57 3.68 -11.27
N ILE C 48 -40.85 2.97 -10.39
CA ILE C 48 -41.51 2.20 -9.34
C ILE C 48 -42.31 3.08 -8.41
N SER C 49 -41.81 4.29 -8.11
CA SER C 49 -42.48 5.23 -7.24
C SER C 49 -43.77 5.74 -7.85
N LYS C 50 -43.76 6.01 -9.16
CA LYS C 50 -44.95 6.48 -9.84
C LYS C 50 -46.00 5.39 -9.87
N ILE C 51 -45.60 4.15 -10.20
CA ILE C 51 -46.50 3.00 -10.22
C ILE C 51 -47.19 2.80 -8.88
N ALA C 52 -46.52 3.13 -7.79
CA ALA C 52 -47.08 3.03 -6.45
C ALA C 52 -48.11 4.12 -6.17
N SER C 53 -47.79 5.38 -6.52
CA SER C 53 -48.64 6.55 -6.31
C SER C 53 -50.02 6.38 -6.89
N ASP C 54 -50.12 5.70 -8.03
CA ASP C 54 -51.37 5.48 -8.74
C ASP C 54 -52.33 4.54 -8.00
N ASN C 55 -51.80 3.60 -7.21
CA ASN C 55 -52.65 2.58 -6.58
C ASN C 55 -52.55 2.45 -5.06
N ALA C 56 -51.67 3.23 -4.44
CA ALA C 56 -51.44 3.10 -3.01
C ALA C 56 -51.06 4.42 -2.35
N GLN C 57 -51.23 4.47 -1.01
CA GLN C 57 -50.83 5.57 -0.17
C GLN C 57 -49.31 5.45 -0.12
N THR C 58 -48.62 6.19 -1.00
CA THR C 58 -47.19 6.07 -1.19
C THR C 58 -46.39 7.33 -0.92
N LEU C 59 -45.24 7.18 -0.24
CA LEU C 59 -44.34 8.29 0.02
C LEU C 59 -42.96 7.98 -0.58
N ALA C 60 -42.50 8.84 -1.49
CA ALA C 60 -41.20 8.73 -2.12
C ALA C 60 -40.22 9.43 -1.20
N VAL C 61 -39.34 8.67 -0.53
CA VAL C 61 -38.38 9.25 0.41
C VAL C 61 -37.00 9.42 -0.21
N THR C 62 -36.45 10.63 -0.14
CA THR C 62 -35.12 10.89 -0.67
C THR C 62 -34.19 11.23 0.47
N ILE C 63 -33.18 10.40 0.71
CA ILE C 63 -32.23 10.67 1.80
C ILE C 63 -31.03 11.43 1.26
N ASP C 64 -30.79 12.65 1.79
CA ASP C 64 -29.64 13.42 1.38
C ASP C 64 -28.51 13.24 2.38
N ASN C 65 -27.65 12.26 2.15
CA ASN C 65 -26.49 12.04 3.03
C ASN C 65 -25.36 13.07 2.79
N GLY C 66 -25.40 13.75 1.63
CA GLY C 66 -24.40 14.75 1.29
C GLY C 66 -23.64 14.46 0.01
N PHE C 67 -23.92 13.32 -0.64
CA PHE C 67 -23.25 12.96 -1.88
C PHE C 67 -24.02 13.45 -3.11
N PHE C 68 -24.94 14.41 -2.95
CA PHE C 68 -25.78 14.82 -4.08
C PHE C 68 -25.82 16.31 -4.17
N SER C 69 -25.58 16.87 -5.37
CA SER C 69 -25.59 18.33 -5.55
C SER C 69 -26.94 18.92 -5.24
N GLU C 70 -27.02 20.23 -4.86
CA GLU C 70 -28.32 20.86 -4.61
C GLU C 70 -29.23 20.75 -5.83
N ASN C 71 -28.64 20.94 -7.02
CA ASN C 71 -29.32 20.86 -8.30
C ASN C 71 -29.87 19.45 -8.54
N VAL C 72 -29.16 18.41 -8.06
CA VAL C 72 -29.58 17.00 -8.15
C VAL C 72 -30.79 16.73 -7.25
N ILE C 73 -30.78 17.29 -6.04
CA ILE C 73 -31.90 17.14 -5.11
C ILE C 73 -33.12 17.90 -5.64
N LYS C 74 -32.90 19.10 -6.22
CA LYS C 74 -33.94 19.94 -6.79
C LYS C 74 -34.59 19.22 -7.97
N LYS C 75 -33.80 18.56 -8.84
CA LYS C 75 -34.29 17.81 -10.00
C LYS C 75 -35.16 16.64 -9.55
N ALA C 76 -34.76 15.94 -8.48
CA ALA C 76 -35.54 14.83 -7.95
C ALA C 76 -36.85 15.32 -7.37
N GLU C 77 -36.82 16.46 -6.66
CA GLU C 77 -38.02 17.04 -6.08
C GLU C 77 -38.98 17.51 -7.18
N ASN C 78 -38.44 18.18 -8.21
CA ASN C 78 -39.21 18.69 -9.35
C ASN C 78 -39.78 17.59 -10.27
N ARG C 79 -39.22 16.38 -10.20
CA ARG C 79 -39.74 15.26 -10.98
C ARG C 79 -40.95 14.71 -10.22
N ALA C 80 -40.82 14.49 -8.91
CA ALA C 80 -41.90 13.99 -8.08
C ALA C 80 -43.08 14.97 -8.07
N LYS C 81 -42.79 16.28 -7.99
CA LYS C 81 -43.83 17.32 -8.00
C LYS C 81 -44.55 17.40 -9.35
N LYS C 82 -43.83 17.07 -10.45
CA LYS C 82 -44.36 17.05 -11.81
C LYS C 82 -45.27 15.83 -12.02
N TYR C 83 -44.83 14.66 -11.55
CA TYR C 83 -45.61 13.43 -11.70
C TYR C 83 -46.53 13.12 -10.50
N ASN C 84 -46.85 14.15 -9.70
CA ASN C 84 -47.75 14.09 -8.54
C ASN C 84 -47.46 12.90 -7.61
N ILE C 85 -46.17 12.63 -7.38
CA ILE C 85 -45.67 11.58 -6.49
C ILE C 85 -45.36 12.23 -5.17
N PRO C 86 -46.04 11.86 -4.07
CA PRO C 86 -45.77 12.48 -2.78
C PRO C 86 -44.33 12.25 -2.33
N GLN C 87 -43.55 13.32 -2.15
CA GLN C 87 -42.13 13.17 -1.82
C GLN C 87 -41.63 14.07 -0.68
N LYS C 88 -40.82 13.48 0.23
CA LYS C 88 -40.21 14.19 1.34
C LYS C 88 -38.70 13.91 1.34
N THR C 89 -37.86 14.98 1.39
CA THR C 89 -36.40 14.86 1.37
C THR C 89 -35.84 15.03 2.78
N ILE C 90 -34.91 14.17 3.20
CA ILE C 90 -34.34 14.23 4.54
C ILE C 90 -32.84 14.45 4.51
N LYS C 91 -32.36 15.60 5.01
CA LYS C 91 -30.92 15.88 5.04
C LYS C 91 -30.32 15.21 6.27
N ILE C 92 -29.20 14.52 6.08
CA ILE C 92 -28.59 13.74 7.15
C ILE C 92 -27.10 14.08 7.41
N ASP C 93 -26.67 14.00 8.67
CA ASP C 93 -25.27 14.21 9.01
C ASP C 93 -24.60 12.85 8.83
N TYR C 94 -24.22 12.51 7.59
CA TYR C 94 -23.61 11.21 7.31
C TYR C 94 -22.10 11.30 7.28
N LEU C 95 -21.58 12.40 6.71
CA LEU C 95 -20.15 12.72 6.58
C LEU C 95 -19.26 12.16 7.76
N ASN C 96 -19.45 12.64 9.02
CA ASN C 96 -18.74 12.19 10.22
C ASN C 96 -17.21 12.01 10.00
N GLU C 97 -16.56 11.09 10.72
CA GLU C 97 -15.12 10.88 10.59
C GLU C 97 -14.82 9.43 10.26
N ILE C 98 -15.52 8.49 10.91
CA ILE C 98 -15.33 7.07 10.63
C ILE C 98 -15.86 6.75 9.23
N THR C 99 -17.02 7.32 8.91
CA THR C 99 -17.72 7.16 7.65
C THR C 99 -16.98 7.78 6.47
N SER C 100 -16.25 8.88 6.69
CA SER C 100 -15.52 9.55 5.62
C SER C 100 -14.16 8.92 5.30
N LYS C 101 -13.59 8.14 6.21
CA LYS C 101 -12.30 7.50 5.99
C LYS C 101 -12.40 6.07 5.40
N ASP C 102 -13.62 5.59 5.13
CA ASP C 102 -13.80 4.25 4.59
C ASP C 102 -14.00 4.31 3.09
N LEU C 103 -12.92 4.03 2.32
CA LEU C 103 -13.05 4.03 0.87
C LEU C 103 -13.58 2.69 0.35
N GLU C 104 -12.87 1.55 0.59
CA GLU C 104 -13.41 0.26 0.18
C GLU C 104 -14.54 -0.06 1.14
N ASN C 105 -15.80 0.12 0.68
CA ASN C 105 -17.09 -0.11 1.35
C ASN C 105 -18.01 1.11 1.38
N ARG C 106 -17.62 2.24 0.76
CA ARG C 106 -18.43 3.47 0.76
C ARG C 106 -19.88 3.27 0.40
N CYS C 107 -20.19 2.39 -0.57
CA CYS C 107 -21.57 2.17 -1.00
C CYS C 107 -22.33 1.25 -0.07
N TYR C 108 -21.62 0.35 0.65
CA TYR C 108 -22.27 -0.51 1.64
C TYR C 108 -22.64 0.39 2.80
N ASN C 109 -21.71 1.19 3.29
CA ASN C 109 -21.98 2.10 4.41
C ASN C 109 -22.98 3.17 4.01
N CYS C 110 -22.96 3.64 2.75
CA CYS C 110 -23.89 4.65 2.29
C CYS C 110 -25.30 4.10 2.31
N LYS C 111 -25.55 3.02 1.57
CA LYS C 111 -26.88 2.45 1.50
C LYS C 111 -27.31 1.78 2.81
N LYS C 112 -26.38 1.43 3.72
CA LYS C 112 -26.75 0.85 5.01
C LYS C 112 -27.41 1.92 5.88
N ARG C 113 -26.83 3.12 5.91
CA ARG C 113 -27.39 4.21 6.70
C ARG C 113 -28.68 4.75 6.08
N ILE C 114 -28.84 4.66 4.74
CA ILE C 114 -30.06 5.07 4.08
C ILE C 114 -31.17 4.08 4.43
N ALA C 115 -30.89 2.77 4.34
CA ALA C 115 -31.85 1.73 4.71
C ALA C 115 -32.27 1.83 6.17
N GLU C 116 -31.34 2.25 7.05
CA GLU C 116 -31.56 2.47 8.48
C GLU C 116 -32.64 3.57 8.65
N GLU C 117 -32.58 4.63 7.81
CA GLU C 117 -33.51 5.74 7.87
C GLU C 117 -34.85 5.37 7.31
N LEU C 118 -34.89 4.71 6.16
CA LEU C 118 -36.14 4.29 5.54
C LEU C 118 -36.92 3.36 6.46
N LYS C 119 -36.21 2.47 7.18
CA LYS C 119 -36.82 1.55 8.12
C LYS C 119 -37.42 2.32 9.30
N ARG C 120 -36.78 3.42 9.73
CA ARG C 120 -37.28 4.25 10.81
C ARG C 120 -38.56 4.96 10.36
N ILE C 121 -38.54 5.56 9.17
CA ILE C 121 -39.70 6.27 8.62
C ILE C 121 -40.91 5.37 8.50
N LYS C 122 -40.72 4.15 7.97
CA LYS C 122 -41.78 3.17 7.83
C LYS C 122 -42.43 2.84 9.19
N ASN C 123 -41.59 2.64 10.22
CA ASN C 123 -42.08 2.30 11.56
C ASN C 123 -42.77 3.47 12.25
N GLU C 124 -42.30 4.71 12.00
CA GLU C 124 -42.90 5.91 12.59
C GLU C 124 -44.24 6.21 11.94
N LEU C 125 -44.33 5.99 10.61
CA LEU C 125 -45.55 6.19 9.83
C LEU C 125 -46.51 4.99 9.91
N ASN C 126 -46.08 3.86 10.50
CA ASN C 126 -46.83 2.60 10.61
C ASN C 126 -47.22 2.05 9.22
N TYR C 127 -46.31 2.24 8.25
CA TYR C 127 -46.45 1.78 6.87
C TYR C 127 -46.14 0.28 6.76
N ASP C 128 -46.58 -0.36 5.67
CA ASP C 128 -46.41 -1.79 5.49
C ASP C 128 -45.06 -2.21 4.93
N ILE C 129 -44.67 -1.70 3.74
CA ILE C 129 -43.45 -2.13 3.09
C ILE C 129 -42.54 -0.99 2.62
N ILE C 130 -41.27 -1.36 2.30
CA ILE C 130 -40.22 -0.49 1.78
C ILE C 130 -39.78 -1.05 0.42
N VAL C 131 -39.91 -0.29 -0.70
CA VAL C 131 -39.47 -0.80 -2.00
C VAL C 131 -38.38 0.06 -2.64
N ASP C 132 -37.56 -0.56 -3.51
CA ASP C 132 -36.48 0.15 -4.21
C ASP C 132 -36.43 -0.20 -5.70
N GLY C 133 -35.84 0.69 -6.49
CA GLY C 133 -35.76 0.50 -7.94
C GLY C 133 -34.67 -0.44 -8.43
N THR C 134 -34.44 -1.55 -7.73
CA THR C 134 -33.43 -2.52 -8.14
C THR C 134 -34.04 -3.37 -9.23
N ILE C 135 -33.46 -3.29 -10.42
CA ILE C 135 -33.95 -4.06 -11.55
C ILE C 135 -33.32 -5.47 -11.56
N TYR C 136 -33.83 -6.36 -12.42
CA TYR C 136 -33.34 -7.72 -12.54
C TYR C 136 -31.89 -7.77 -13.01
N ASP C 137 -31.53 -6.91 -13.97
CA ASP C 137 -30.16 -6.86 -14.47
C ASP C 137 -29.16 -6.45 -13.40
N ASP C 138 -29.59 -5.63 -12.42
CA ASP C 138 -28.77 -5.14 -11.32
C ASP C 138 -28.27 -6.25 -10.39
N ILE C 139 -28.89 -7.44 -10.41
CA ILE C 139 -28.49 -8.52 -9.52
C ILE C 139 -27.30 -9.33 -10.04
N PHE C 140 -26.87 -9.11 -11.30
CA PHE C 140 -25.73 -9.85 -11.86
C PHE C 140 -24.45 -9.02 -11.95
N GLU C 141 -24.31 -8.06 -11.03
CA GLU C 141 -23.17 -7.16 -10.94
C GLU C 141 -22.81 -6.98 -9.47
N ASP C 142 -21.53 -6.73 -9.18
CA ASP C 142 -21.04 -6.48 -7.81
C ASP C 142 -21.58 -5.14 -7.35
N ARG C 143 -22.75 -5.11 -6.70
CA ARG C 143 -23.33 -3.86 -6.21
C ARG C 143 -23.54 -3.98 -4.71
N PRO C 144 -22.56 -3.57 -3.91
CA PRO C 144 -22.70 -3.70 -2.45
C PRO C 144 -23.70 -2.74 -1.84
N GLY C 145 -24.26 -1.84 -2.63
CA GLY C 145 -25.30 -0.96 -2.14
C GLY C 145 -26.55 -1.77 -1.86
N ILE C 146 -26.90 -2.63 -2.83
CA ILE C 146 -28.05 -3.55 -2.75
C ILE C 146 -27.82 -4.72 -1.77
N LYS C 147 -26.56 -4.97 -1.36
CA LYS C 147 -26.24 -5.98 -0.36
C LYS C 147 -26.77 -5.44 0.98
N ALA C 148 -26.42 -4.16 1.30
CA ALA C 148 -26.85 -3.44 2.50
C ALA C 148 -28.37 -3.27 2.54
N PHE C 149 -28.97 -3.05 1.39
CA PHE C 149 -30.40 -2.85 1.25
C PHE C 149 -31.18 -4.12 1.55
N ASN C 150 -30.87 -5.23 0.86
CA ASN C 150 -31.61 -6.46 1.06
C ASN C 150 -31.29 -7.12 2.44
N GLU C 151 -30.39 -6.54 3.24
CA GLU C 151 -30.13 -6.97 4.61
C GLU C 151 -31.29 -6.44 5.49
N SER C 152 -31.75 -5.19 5.23
CA SER C 152 -32.85 -4.55 5.97
C SER C 152 -34.25 -4.81 5.36
N ASN C 153 -34.39 -5.96 4.66
CA ASN C 153 -35.66 -6.46 4.12
C ASN C 153 -36.40 -5.47 3.19
N ILE C 154 -35.66 -4.90 2.25
CA ILE C 154 -36.23 -3.97 1.29
C ILE C 154 -36.56 -4.74 0.02
N ILE C 155 -37.85 -4.71 -0.36
CA ILE C 155 -38.34 -5.43 -1.54
C ILE C 155 -37.96 -4.74 -2.82
N SER C 156 -37.36 -5.47 -3.76
CA SER C 156 -36.99 -4.91 -5.06
C SER C 156 -38.02 -5.48 -6.02
N PRO C 157 -39.14 -4.78 -6.32
CA PRO C 157 -40.19 -5.40 -7.13
C PRO C 157 -39.87 -5.57 -8.61
N LEU C 158 -39.02 -4.69 -9.13
CA LEU C 158 -38.58 -4.79 -10.53
C LEU C 158 -37.74 -6.05 -10.72
N SER C 159 -36.85 -6.33 -9.77
CA SER C 159 -35.99 -7.52 -9.80
C SER C 159 -36.86 -8.79 -9.65
N ASN C 160 -37.86 -8.75 -8.78
CA ASN C 160 -38.78 -9.87 -8.56
C ASN C 160 -39.62 -10.15 -9.79
N LEU C 161 -39.92 -9.11 -10.59
CA LEU C 161 -40.70 -9.30 -11.82
C LEU C 161 -39.84 -9.36 -13.09
N LYS C 162 -38.53 -9.62 -12.94
CA LYS C 162 -37.54 -9.79 -14.02
C LYS C 162 -37.50 -8.62 -15.02
N PHE C 163 -37.53 -7.39 -14.52
CA PHE C 163 -37.48 -6.21 -15.37
C PHE C 163 -36.06 -5.93 -15.87
N SER C 164 -35.83 -5.98 -17.17
CA SER C 164 -34.52 -5.65 -17.73
C SER C 164 -34.36 -4.11 -17.91
N LYS C 165 -33.15 -3.63 -18.27
CA LYS C 165 -32.87 -2.21 -18.45
C LYS C 165 -33.78 -1.56 -19.49
N ASN C 166 -33.98 -2.24 -20.62
CA ASN C 166 -34.82 -1.75 -21.70
C ASN C 166 -36.31 -1.85 -21.40
N ASP C 167 -36.70 -2.76 -20.47
CA ASP C 167 -38.09 -2.88 -20.03
C ASP C 167 -38.48 -1.65 -19.21
N VAL C 168 -37.56 -1.16 -18.37
CA VAL C 168 -37.74 0.02 -17.55
C VAL C 168 -37.86 1.25 -18.44
N PHE C 169 -37.03 1.34 -19.49
CA PHE C 169 -37.11 2.46 -20.42
C PHE C 169 -38.43 2.46 -21.20
N GLU C 170 -38.83 1.28 -21.72
CA GLU C 170 -40.05 1.17 -22.53
C GLU C 170 -41.31 1.47 -21.74
N LEU C 171 -41.41 0.99 -20.49
CA LEU C 171 -42.56 1.28 -19.64
C LEU C 171 -42.61 2.77 -19.25
N SER C 172 -41.44 3.39 -19.02
CA SER C 172 -41.36 4.81 -18.70
C SER C 172 -41.87 5.66 -19.85
N ASN C 173 -41.59 5.25 -21.10
CA ASN C 173 -42.08 5.97 -22.28
C ASN C 173 -43.60 5.90 -22.35
N TYR C 174 -44.16 4.72 -22.03
CA TYR C 174 -45.60 4.46 -22.02
C TYR C 174 -46.32 5.26 -20.95
N LEU C 175 -45.66 5.49 -19.82
CA LEU C 175 -46.26 6.25 -18.73
C LEU C 175 -45.95 7.76 -18.81
N LYS C 176 -45.32 8.24 -19.91
CA LYS C 176 -44.96 9.64 -20.15
C LYS C 176 -43.98 10.20 -19.10
N ILE C 177 -43.08 9.34 -18.61
CA ILE C 177 -42.05 9.68 -17.64
C ILE C 177 -40.78 9.96 -18.42
N ASP C 178 -40.31 11.21 -18.38
CA ASP C 178 -39.12 11.64 -19.10
C ASP C 178 -37.86 10.96 -18.57
N ILE C 179 -36.92 10.67 -19.47
CA ILE C 179 -35.68 10.03 -19.07
C ILE C 179 -34.66 11.12 -18.73
N PRO C 180 -34.23 11.21 -17.46
CA PRO C 180 -33.30 12.28 -17.07
C PRO C 180 -31.82 11.96 -17.31
N LYS C 181 -30.95 12.98 -17.17
CA LYS C 181 -29.51 12.82 -17.30
C LYS C 181 -29.00 12.00 -16.10
N LYS C 182 -28.07 11.07 -16.34
CA LYS C 182 -27.57 10.18 -15.29
C LYS C 182 -26.71 10.86 -14.22
N ASP C 183 -27.36 11.45 -13.19
CA ASP C 183 -26.70 12.07 -12.04
C ASP C 183 -26.30 10.87 -11.14
N THR C 184 -24.99 10.68 -10.84
CA THR C 184 -24.56 9.44 -10.19
C THR C 184 -23.84 9.49 -8.82
N CYS C 185 -24.09 10.52 -7.99
CA CYS C 185 -23.47 10.66 -6.65
C CYS C 185 -22.05 11.25 -6.77
N MET C 186 -21.64 12.09 -5.80
CA MET C 186 -20.34 12.77 -5.87
C MET C 186 -19.19 12.01 -5.19
N ALA C 187 -19.51 11.10 -4.28
CA ALA C 187 -18.48 10.29 -3.62
C ALA C 187 -17.71 9.43 -4.60
N THR C 188 -18.34 9.07 -5.73
CA THR C 188 -17.73 8.25 -6.77
C THR C 188 -16.50 8.93 -7.35
N ARG C 189 -16.52 10.27 -7.44
CA ARG C 189 -15.41 11.05 -7.95
C ARG C 189 -14.18 10.90 -7.07
N ILE C 190 -14.38 10.75 -5.74
CA ILE C 190 -13.31 10.61 -4.77
C ILE C 190 -12.65 9.22 -4.80
N LEU C 191 -11.35 9.18 -5.15
CA LEU C 191 -10.53 7.97 -5.23
C LEU C 191 -9.50 7.82 -4.09
N SER C 192 -9.35 8.85 -3.26
CA SER C 192 -8.39 8.81 -2.15
C SER C 192 -9.08 9.29 -0.91
N ALA C 193 -8.94 8.54 0.19
CA ALA C 193 -9.51 8.93 1.46
C ALA C 193 -8.94 10.29 1.94
N PRO C 194 -9.80 11.13 2.54
CA PRO C 194 -11.21 10.89 2.89
C PRO C 194 -12.19 11.52 1.91
N ILE C 195 -13.46 11.07 1.98
CA ILE C 195 -14.52 11.63 1.14
C ILE C 195 -15.02 12.86 1.88
N SER C 196 -14.45 14.01 1.54
CA SER C 196 -14.80 15.25 2.22
C SER C 196 -15.74 16.09 1.42
N LYS C 197 -16.50 16.96 2.09
CA LYS C 197 -17.43 17.86 1.45
C LYS C 197 -16.73 18.78 0.43
N GLU C 198 -15.49 19.18 0.73
CA GLU C 198 -14.66 20.04 -0.11
C GLU C 198 -14.07 19.26 -1.27
N ASN C 199 -13.64 18.01 -1.01
CA ASN C 199 -13.07 17.13 -2.02
C ASN C 199 -14.04 16.84 -3.13
N MET C 200 -15.31 16.60 -2.77
CA MET C 200 -16.35 16.34 -3.76
C MET C 200 -16.65 17.64 -4.50
N ALA C 201 -16.74 18.77 -3.77
CA ALA C 201 -16.98 20.10 -4.37
C ALA C 201 -15.95 20.44 -5.43
N LYS C 202 -14.67 20.10 -5.18
CA LYS C 202 -13.58 20.33 -6.12
C LYS C 202 -13.85 19.60 -7.43
N SER C 203 -14.32 18.35 -7.35
CA SER C 203 -14.64 17.56 -8.54
C SER C 203 -15.86 18.13 -9.26
N ASN C 204 -16.91 18.48 -8.49
CA ASN C 204 -18.17 19.03 -8.99
C ASN C 204 -17.97 20.33 -9.79
N LEU C 205 -17.14 21.25 -9.28
CA LEU C 205 -16.87 22.49 -9.98
C LEU C 205 -16.08 22.22 -11.25
N ALA C 206 -15.12 21.31 -11.19
CA ALA C 206 -14.31 20.96 -12.35
C ALA C 206 -15.18 20.36 -13.45
N GLU C 207 -16.14 19.51 -13.08
CA GLU C 207 -17.05 18.91 -14.04
C GLU C 207 -17.94 19.98 -14.66
N GLU C 208 -18.54 20.85 -13.82
CA GLU C 208 -19.41 21.94 -14.27
C GLU C 208 -18.69 22.91 -15.20
N PHE C 209 -17.40 23.15 -14.96
CA PHE C 209 -16.62 24.06 -15.79
C PHE C 209 -16.40 23.47 -17.19
N ILE C 210 -15.90 22.23 -17.26
CA ILE C 210 -15.63 21.57 -18.53
C ILE C 210 -16.90 21.32 -19.33
N LYS C 211 -17.98 20.94 -18.64
CA LYS C 211 -19.26 20.69 -19.29
C LYS C 211 -19.89 21.98 -19.85
N LEU C 212 -19.66 23.13 -19.19
CA LEU C 212 -20.24 24.39 -19.66
C LEU C 212 -19.40 25.12 -20.68
N ASN C 213 -18.10 25.21 -20.44
CA ASN C 213 -17.21 25.94 -21.35
C ASN C 213 -16.84 25.15 -22.60
N PHE C 214 -16.75 23.82 -22.50
CA PHE C 214 -16.34 22.99 -23.63
C PHE C 214 -17.45 22.08 -24.19
N HIS C 215 -18.65 22.15 -23.59
CA HIS C 215 -19.87 21.47 -24.00
C HIS C 215 -19.75 19.95 -24.06
N ILE C 216 -19.26 19.35 -22.98
CA ILE C 216 -19.17 17.89 -22.90
C ILE C 216 -20.50 17.37 -22.37
N GLU C 217 -21.50 17.28 -23.26
CA GLU C 217 -22.87 16.85 -22.95
C GLU C 217 -22.92 15.45 -22.35
N SER C 218 -22.19 14.49 -22.93
CA SER C 218 -22.14 13.10 -22.47
C SER C 218 -21.08 12.87 -21.37
N TYR C 219 -20.99 11.63 -20.82
CA TYR C 219 -20.09 11.17 -19.76
C TYR C 219 -18.83 12.03 -19.54
N LEU C 220 -18.70 12.56 -18.33
CA LEU C 220 -17.57 13.41 -17.94
C LEU C 220 -17.33 13.23 -16.44
N ARG C 221 -16.11 12.85 -16.07
CA ARG C 221 -15.77 12.66 -14.66
C ARG C 221 -14.47 13.37 -14.35
N VAL C 222 -14.40 14.03 -13.19
CA VAL C 222 -13.16 14.64 -12.73
C VAL C 222 -12.88 14.00 -11.38
N ARG C 223 -12.10 12.92 -11.40
CA ARG C 223 -11.80 12.16 -10.20
C ARG C 223 -10.77 12.87 -9.32
N TYR C 224 -10.87 12.68 -8.00
CA TYR C 224 -9.94 13.25 -7.02
C TYR C 224 -9.01 12.16 -6.51
N LEU C 225 -7.70 12.29 -6.75
CA LEU C 225 -6.74 11.31 -6.27
C LEU C 225 -5.60 12.07 -5.61
N GLU C 226 -5.76 12.41 -4.33
CA GLU C 226 -4.81 13.23 -3.56
C GLU C 226 -4.51 14.52 -4.28
N ASN C 227 -5.57 15.32 -4.49
CA ASN C 227 -5.57 16.60 -5.17
C ASN C 227 -5.12 16.52 -6.62
N ILE C 228 -5.22 15.36 -7.26
CA ILE C 228 -4.88 15.22 -8.66
C ILE C 228 -6.17 14.97 -9.41
N ALA C 229 -6.50 15.86 -10.35
CA ALA C 229 -7.73 15.77 -11.11
C ALA C 229 -7.55 14.82 -12.28
N ILE C 230 -8.31 13.72 -12.30
CA ILE C 230 -8.23 12.77 -13.41
C ILE C 230 -9.47 12.92 -14.27
N ILE C 231 -9.32 13.46 -15.48
CA ILE C 231 -10.46 13.67 -16.36
C ILE C 231 -10.76 12.46 -17.24
N GLU C 232 -11.95 11.87 -17.05
CA GLU C 232 -12.44 10.72 -17.82
C GLU C 232 -13.52 11.23 -18.80
N LEU C 233 -13.48 10.82 -20.07
CA LEU C 233 -14.47 11.29 -21.02
C LEU C 233 -14.77 10.29 -22.14
N THR C 234 -15.91 10.50 -22.80
CA THR C 234 -16.40 9.66 -23.88
C THR C 234 -15.51 9.73 -25.13
N LYS C 235 -15.50 8.66 -25.90
CA LYS C 235 -14.71 8.55 -27.12
C LYS C 235 -15.09 9.59 -28.16
N ASN C 236 -16.42 9.80 -28.39
CA ASN C 236 -16.85 10.78 -29.38
C ASN C 236 -16.81 12.24 -28.87
N GLU C 237 -16.73 12.44 -27.54
CA GLU C 237 -16.62 13.78 -26.96
C GLU C 237 -15.17 14.30 -27.00
N SER C 238 -14.18 13.39 -27.15
CA SER C 238 -12.74 13.62 -27.18
C SER C 238 -12.27 14.86 -27.95
N GLU C 239 -12.71 15.02 -29.22
CA GLU C 239 -12.36 16.11 -30.12
C GLU C 239 -12.51 17.52 -29.53
N LYS C 240 -13.52 17.71 -28.64
CA LYS C 240 -13.86 18.99 -28.02
C LYS C 240 -12.80 19.57 -27.10
N ILE C 241 -11.85 18.76 -26.65
CA ILE C 241 -10.80 19.24 -25.75
C ILE C 241 -9.39 18.99 -26.27
N PHE C 242 -9.23 18.78 -27.59
CA PHE C 242 -7.90 18.47 -28.11
C PHE C 242 -7.08 19.68 -28.49
N ASP C 243 -7.67 20.88 -28.66
CA ASP C 243 -6.84 22.06 -28.97
C ASP C 243 -6.11 22.53 -27.70
N ASN C 244 -4.82 22.89 -27.85
CA ASN C 244 -3.95 23.31 -26.77
C ASN C 244 -4.48 24.50 -25.95
N ASP C 245 -5.34 25.31 -26.57
CA ASP C 245 -5.96 26.46 -25.90
C ASP C 245 -7.00 25.99 -24.89
N SER C 246 -7.72 24.90 -25.18
CA SER C 246 -8.70 24.31 -24.28
C SER C 246 -7.99 23.59 -23.14
N ILE C 247 -6.90 22.86 -23.45
CA ILE C 247 -6.10 22.13 -22.48
C ILE C 247 -5.49 23.07 -21.46
N GLU C 248 -4.99 24.22 -21.92
CA GLU C 248 -4.41 25.24 -21.05
C GLU C 248 -5.49 25.84 -20.15
N ARG C 249 -6.67 26.16 -20.71
CA ARG C 249 -7.78 26.72 -19.95
C ARG C 249 -8.28 25.77 -18.87
N ILE C 250 -8.31 24.46 -19.17
CA ILE C 250 -8.76 23.45 -18.22
C ILE C 250 -7.72 23.28 -17.10
N ASN C 251 -6.46 23.12 -17.48
CA ASN C 251 -5.35 22.96 -16.53
C ASN C 251 -5.27 24.16 -15.57
N THR C 252 -5.42 25.37 -16.11
CA THR C 252 -5.37 26.61 -15.35
C THR C 252 -6.53 26.77 -14.37
N GLU C 253 -7.78 26.64 -14.84
CA GLU C 253 -8.98 26.78 -14.00
C GLU C 253 -9.10 25.68 -12.94
N LEU C 254 -8.69 24.45 -13.28
CA LEU C 254 -8.76 23.34 -12.33
C LEU C 254 -7.77 23.52 -11.19
N LYS C 255 -6.57 24.05 -11.49
CA LYS C 255 -5.59 24.32 -10.45
C LYS C 255 -6.08 25.46 -9.53
N LYS C 256 -6.83 26.43 -10.09
CA LYS C 256 -7.42 27.55 -9.33
C LYS C 256 -8.45 27.02 -8.32
N ILE C 257 -9.22 25.98 -8.71
CA ILE C 257 -10.22 25.34 -7.85
C ILE C 257 -9.55 24.81 -6.57
N GLY C 258 -8.42 24.13 -6.76
CA GLY C 258 -7.65 23.60 -5.66
C GLY C 258 -6.72 22.45 -6.03
N PHE C 259 -6.80 21.95 -7.26
CA PHE C 259 -5.99 20.80 -7.67
C PHE C 259 -4.51 21.10 -7.82
N GLU C 260 -3.68 20.10 -7.50
CA GLU C 260 -2.23 20.11 -7.57
C GLU C 260 -1.79 19.82 -9.01
N LYS C 261 -2.45 18.85 -9.67
CA LYS C 261 -2.09 18.40 -11.01
C LYS C 261 -3.35 18.09 -11.79
N VAL C 262 -3.40 18.48 -13.06
CA VAL C 262 -4.56 18.19 -13.89
C VAL C 262 -4.14 17.18 -14.96
N VAL C 263 -4.67 15.96 -14.89
CA VAL C 263 -4.34 14.89 -15.82
C VAL C 263 -5.58 14.35 -16.56
N LEU C 264 -5.38 13.71 -17.71
CA LEU C 264 -6.48 13.15 -18.48
C LEU C 264 -6.33 11.63 -18.66
N ASP C 265 -7.30 10.84 -18.17
CA ASP C 265 -7.26 9.37 -18.31
C ASP C 265 -7.40 9.02 -19.78
N LEU C 266 -6.35 8.41 -20.35
CA LEU C 266 -6.33 8.01 -21.76
C LEU C 266 -7.19 6.78 -22.08
N ASN C 267 -7.97 6.30 -21.09
CA ASN C 267 -8.90 5.18 -21.28
C ASN C 267 -10.25 5.82 -21.52
N PHE C 268 -10.56 6.11 -22.79
CA PHE C 268 -11.81 6.76 -23.14
C PHE C 268 -12.97 5.75 -23.13
N LYS C 269 -14.15 6.20 -22.69
CA LYS C 269 -15.34 5.35 -22.59
C LYS C 269 -15.93 4.99 -23.98
N GLY C 270 -16.14 3.70 -24.24
CA GLY C 270 -16.66 3.16 -25.50
C GLY C 270 -17.79 3.90 -26.20
N GLY D 10 66.09 -9.05 -20.56
CA GLY D 10 65.33 -9.79 -19.56
C GLY D 10 65.71 -9.44 -18.15
N PRO D 11 66.68 -10.13 -17.50
CA PRO D 11 67.54 -11.23 -17.99
C PRO D 11 66.87 -12.45 -18.64
N MET D 12 67.44 -12.89 -19.79
CA MET D 12 67.10 -14.07 -20.60
C MET D 12 65.65 -14.14 -21.14
N ILE D 13 64.80 -13.11 -20.86
CA ILE D 13 63.41 -13.15 -21.31
C ILE D 13 62.92 -11.83 -21.97
N ILE D 14 61.94 -11.95 -22.89
CA ILE D 14 61.27 -10.89 -23.62
C ILE D 14 60.97 -9.65 -22.71
N MET D 15 59.86 -9.64 -21.92
CA MET D 15 59.42 -8.57 -21.03
C MET D 15 59.31 -7.22 -21.68
N GLU D 16 58.09 -6.68 -21.78
CA GLU D 16 57.86 -5.37 -22.37
C GLU D 16 58.47 -4.28 -21.47
N LYS D 17 59.01 -3.22 -22.11
CA LYS D 17 59.63 -2.05 -21.46
C LYS D 17 58.75 -1.51 -20.32
N GLY D 18 57.46 -1.42 -20.56
CA GLY D 18 56.50 -0.95 -19.57
C GLY D 18 56.35 -1.88 -18.40
N LEU D 19 56.19 -3.18 -18.65
CA LEU D 19 56.02 -4.16 -17.58
C LEU D 19 57.26 -4.32 -16.71
N LEU D 20 58.46 -4.19 -17.31
CA LEU D 20 59.72 -4.29 -16.56
C LEU D 20 59.94 -3.07 -15.66
N GLU D 21 59.44 -1.89 -16.07
CA GLU D 21 59.51 -0.66 -15.28
C GLU D 21 58.67 -0.77 -14.01
N LYS D 22 57.57 -1.54 -14.07
CA LYS D 22 56.70 -1.79 -12.94
C LYS D 22 57.34 -2.85 -12.05
N TYR D 23 57.89 -3.92 -12.65
CA TYR D 23 58.55 -5.00 -11.94
C TYR D 23 59.72 -4.51 -11.11
N ASN D 24 60.60 -3.68 -11.71
CA ASN D 24 61.76 -3.17 -11.01
C ASN D 24 61.38 -2.28 -9.84
N SER D 25 60.29 -1.49 -10.00
CA SER D 25 59.80 -0.60 -8.95
C SER D 25 59.32 -1.39 -7.72
N LEU D 26 58.78 -2.60 -7.97
CA LEU D 26 58.29 -3.53 -6.95
C LEU D 26 59.45 -4.06 -6.10
N LEU D 27 60.56 -4.45 -6.75
CA LEU D 27 61.74 -4.98 -6.06
C LEU D 27 62.37 -3.93 -5.15
N GLU D 28 62.47 -2.69 -5.68
CA GLU D 28 63.02 -1.54 -4.97
C GLU D 28 62.19 -1.19 -3.75
N PHE D 29 60.87 -1.31 -3.87
CA PHE D 29 59.96 -1.04 -2.77
C PHE D 29 60.15 -2.07 -1.64
N PHE D 30 60.40 -3.34 -1.98
CA PHE D 30 60.56 -4.37 -0.96
C PHE D 30 61.91 -4.37 -0.27
N LYS D 31 62.92 -3.71 -0.84
CA LYS D 31 64.26 -3.68 -0.25
C LYS D 31 64.29 -3.18 1.18
N ASN D 32 64.86 -3.99 2.08
CA ASN D 32 65.06 -3.72 3.52
C ASN D 32 63.77 -3.53 4.33
N LYS D 33 62.66 -4.09 3.83
CA LYS D 33 61.39 -3.98 4.53
C LYS D 33 60.92 -5.33 5.06
N LYS D 34 60.21 -5.33 6.19
CA LYS D 34 59.65 -6.54 6.75
C LYS D 34 58.20 -6.54 6.29
N VAL D 35 57.88 -7.40 5.32
CA VAL D 35 56.57 -7.38 4.70
C VAL D 35 55.63 -8.53 5.07
N ILE D 36 54.43 -8.20 5.53
CA ILE D 36 53.40 -9.21 5.77
C ILE D 36 52.46 -9.14 4.58
N VAL D 37 52.29 -10.25 3.87
CA VAL D 37 51.43 -10.25 2.69
C VAL D 37 50.13 -10.94 2.99
N ALA D 38 49.00 -10.32 2.60
CA ALA D 38 47.68 -10.92 2.75
C ALA D 38 47.56 -11.99 1.69
N TYR D 39 48.04 -13.19 1.99
CA TYR D 39 48.09 -14.28 1.04
C TYR D 39 46.88 -15.18 1.06
N SER D 40 46.28 -15.39 -0.12
CA SER D 40 45.08 -16.19 -0.28
C SER D 40 45.28 -17.43 -1.14
N GLY D 41 46.19 -17.34 -2.08
CA GLY D 41 46.44 -18.42 -3.04
C GLY D 41 46.25 -17.96 -4.47
N GLY D 42 45.32 -17.03 -4.68
CA GLY D 42 44.98 -16.47 -5.98
C GLY D 42 46.14 -15.78 -6.66
N VAL D 43 46.16 -15.83 -8.01
CA VAL D 43 47.21 -15.30 -8.89
C VAL D 43 47.86 -14.00 -8.41
N ASP D 44 47.05 -12.99 -8.10
CA ASP D 44 47.57 -11.69 -7.64
C ASP D 44 48.22 -11.74 -6.26
N SER D 45 47.59 -12.37 -5.29
CA SER D 45 48.13 -12.49 -3.93
C SER D 45 49.40 -13.36 -3.88
N THR D 46 49.47 -14.40 -4.73
CA THR D 46 50.63 -15.28 -4.82
C THR D 46 51.79 -14.56 -5.47
N LEU D 47 51.51 -13.79 -6.53
CA LEU D 47 52.52 -13.04 -7.26
C LEU D 47 53.25 -12.03 -6.37
N ILE D 48 52.50 -11.19 -5.64
CA ILE D 48 53.09 -10.21 -4.74
C ILE D 48 53.80 -10.86 -3.54
N SER D 49 53.41 -12.10 -3.16
CA SER D 49 54.05 -12.87 -2.08
C SER D 49 55.37 -13.45 -2.59
N LYS D 50 55.44 -13.85 -3.86
CA LYS D 50 56.63 -14.41 -4.45
C LYS D 50 57.73 -13.35 -4.59
N ILE D 51 57.39 -12.18 -5.13
CA ILE D 51 58.35 -11.08 -5.29
C ILE D 51 58.90 -10.61 -3.92
N ALA D 52 58.02 -10.50 -2.92
CA ALA D 52 58.44 -10.07 -1.59
C ALA D 52 59.35 -11.09 -0.93
N SER D 53 59.18 -12.40 -1.22
CA SER D 53 60.05 -13.43 -0.65
C SER D 53 61.45 -13.34 -1.22
N ASP D 54 61.56 -13.00 -2.52
CA ASP D 54 62.84 -12.89 -3.23
C ASP D 54 63.67 -11.69 -2.78
N ASN D 55 63.01 -10.62 -2.27
CA ASN D 55 63.73 -9.40 -1.94
C ASN D 55 63.63 -8.91 -0.50
N ALA D 56 62.82 -9.58 0.33
CA ALA D 56 62.59 -9.12 1.70
C ALA D 56 62.25 -10.26 2.67
N GLN D 57 62.38 -9.99 3.98
CA GLN D 57 61.99 -10.89 5.06
C GLN D 57 60.47 -10.83 5.03
N THR D 58 59.83 -11.79 4.35
CA THR D 58 58.39 -11.76 4.11
C THR D 58 57.61 -12.95 4.67
N LEU D 59 56.43 -12.69 5.24
CA LEU D 59 55.55 -13.74 5.73
C LEU D 59 54.20 -13.62 5.04
N ALA D 60 53.79 -14.69 4.35
CA ALA D 60 52.52 -14.75 3.66
C ALA D 60 51.50 -15.25 4.68
N VAL D 61 50.58 -14.40 5.12
CA VAL D 61 49.59 -14.78 6.13
C VAL D 61 48.24 -15.11 5.51
N THR D 62 47.69 -16.28 5.85
CA THR D 62 46.39 -16.70 5.33
C THR D 62 45.43 -16.79 6.50
N ILE D 63 44.38 -15.98 6.51
CA ILE D 63 43.38 -16.01 7.59
C ILE D 63 42.23 -16.90 7.18
N ASP D 64 42.00 -18.02 7.90
CA ASP D 64 40.89 -18.91 7.59
C ASP D 64 39.68 -18.63 8.47
N ASN D 65 38.77 -17.77 7.99
CA ASN D 65 37.54 -17.43 8.72
C ASN D 65 36.42 -18.47 8.60
N GLY D 66 36.59 -19.44 7.73
CA GLY D 66 35.59 -20.47 7.50
C GLY D 66 34.89 -20.36 6.14
N PHE D 67 35.16 -19.27 5.41
CA PHE D 67 34.58 -19.07 4.10
C PHE D 67 35.27 -19.88 3.00
N PHE D 68 36.32 -20.66 3.33
CA PHE D 68 37.04 -21.42 2.31
C PHE D 68 37.15 -22.86 2.72
N SER D 69 36.94 -23.79 1.78
CA SER D 69 37.03 -25.21 2.10
C SER D 69 38.46 -25.62 2.41
N GLU D 70 38.63 -26.76 3.14
CA GLU D 70 39.95 -27.28 3.52
C GLU D 70 40.87 -27.44 2.33
N ASN D 71 40.31 -27.88 1.20
CA ASN D 71 41.02 -28.09 -0.06
C ASN D 71 41.61 -26.79 -0.61
N VAL D 72 40.89 -25.67 -0.49
CA VAL D 72 41.35 -24.36 -0.96
C VAL D 72 42.51 -23.87 -0.08
N ILE D 73 42.44 -24.12 1.24
CA ILE D 73 43.50 -23.74 2.16
C ILE D 73 44.73 -24.60 1.91
N LYS D 74 44.55 -25.91 1.68
CA LYS D 74 45.62 -26.84 1.39
C LYS D 74 46.33 -26.41 0.10
N LYS D 75 45.57 -25.97 -0.93
CA LYS D 75 46.11 -25.49 -2.21
C LYS D 75 46.96 -24.24 -2.01
N ALA D 76 46.49 -23.33 -1.15
CA ALA D 76 47.23 -22.11 -0.86
C ALA D 76 48.52 -22.44 -0.12
N GLU D 77 48.47 -23.39 0.82
CA GLU D 77 49.66 -23.79 1.58
C GLU D 77 50.67 -24.47 0.65
N ASN D 78 50.18 -25.37 -0.22
CA ASN D 78 51.01 -26.11 -1.18
C ASN D 78 51.60 -25.24 -2.29
N ARG D 79 51.03 -24.05 -2.54
CA ARG D 79 51.56 -23.14 -3.53
C ARG D 79 52.74 -22.40 -2.87
N ALA D 80 52.54 -21.89 -1.64
CA ALA D 80 53.58 -21.19 -0.90
C ALA D 80 54.77 -22.12 -0.63
N LYS D 81 54.49 -23.38 -0.26
CA LYS D 81 55.54 -24.37 -0.01
C LYS D 81 56.33 -24.73 -1.29
N LYS D 82 55.65 -24.67 -2.45
CA LYS D 82 56.24 -24.94 -3.76
C LYS D 82 57.14 -23.78 -4.18
N TYR D 83 56.67 -22.53 -4.01
CA TYR D 83 57.44 -21.35 -4.39
C TYR D 83 58.29 -20.76 -3.26
N ASN D 84 58.60 -21.59 -2.24
CA ASN D 84 59.44 -21.26 -1.07
C ASN D 84 59.09 -19.92 -0.44
N ILE D 85 57.78 -19.62 -0.34
CA ILE D 85 57.23 -18.42 0.27
C ILE D 85 56.87 -18.77 1.70
N PRO D 86 57.50 -18.13 2.71
CA PRO D 86 57.18 -18.44 4.11
C PRO D 86 55.71 -18.14 4.41
N GLN D 87 54.93 -19.16 4.80
CA GLN D 87 53.51 -18.97 5.03
C GLN D 87 52.97 -19.60 6.32
N LYS D 88 52.11 -18.85 7.02
CA LYS D 88 51.46 -19.30 8.24
C LYS D 88 49.94 -19.08 8.10
N THR D 89 49.13 -20.12 8.36
CA THR D 89 47.66 -20.06 8.26
C THR D 89 47.04 -19.95 9.66
N ILE D 90 46.09 -19.01 9.83
CA ILE D 90 45.47 -18.80 11.13
C ILE D 90 43.97 -19.07 11.09
N LYS D 91 43.50 -20.10 11.83
CA LYS D 91 42.07 -20.39 11.87
C LYS D 91 41.40 -19.45 12.86
N ILE D 92 40.28 -18.85 12.45
CA ILE D 92 39.59 -17.87 13.27
C ILE D 92 38.12 -18.21 13.50
N ASP D 93 37.62 -17.94 14.70
CA ASP D 93 36.21 -18.17 15.00
C ASP D 93 35.52 -16.88 14.58
N TYR D 94 35.19 -16.77 13.28
CA TYR D 94 34.56 -15.56 12.77
C TYR D 94 33.07 -15.69 12.70
N LEU D 95 32.56 -16.88 12.34
CA LEU D 95 31.11 -17.05 12.21
C LEU D 95 30.37 -17.13 13.58
N ASN D 96 30.03 -15.96 14.09
CA ASN D 96 29.30 -15.70 15.31
C ASN D 96 27.81 -15.51 14.91
N GLU D 97 27.04 -14.72 15.68
CA GLU D 97 25.63 -14.44 15.37
C GLU D 97 25.42 -12.99 14.88
N ILE D 98 26.38 -12.10 15.16
CA ILE D 98 26.37 -10.72 14.68
C ILE D 98 26.66 -10.76 13.16
N THR D 99 27.67 -11.58 12.80
CA THR D 99 28.34 -11.79 11.52
C THR D 99 27.51 -12.49 10.43
N SER D 100 26.64 -13.43 10.83
CA SER D 100 25.82 -14.13 9.83
C SER D 100 24.60 -13.31 9.39
N LYS D 101 24.11 -12.43 10.27
CA LYS D 101 22.95 -11.57 9.97
C LYS D 101 23.28 -10.42 9.01
N ASP D 102 24.43 -9.75 9.21
CA ASP D 102 24.79 -8.62 8.35
C ASP D 102 25.29 -9.08 6.97
N LEU D 103 24.36 -9.18 6.02
CA LEU D 103 24.65 -9.64 4.67
C LEU D 103 25.08 -8.55 3.69
N GLU D 104 24.45 -7.36 3.72
CA GLU D 104 24.82 -6.29 2.79
C GLU D 104 26.29 -5.87 2.95
N ASN D 105 26.84 -6.00 4.18
CA ASN D 105 28.23 -5.65 4.48
C ASN D 105 29.05 -6.93 4.71
N ARG D 106 28.77 -8.01 3.96
CA ARG D 106 29.45 -9.29 4.12
C ARG D 106 30.93 -9.16 3.93
N CYS D 107 31.36 -8.64 2.78
CA CYS D 107 32.78 -8.51 2.50
C CYS D 107 33.44 -7.44 3.33
N TYR D 108 32.68 -6.44 3.80
CA TYR D 108 33.28 -5.39 4.62
C TYR D 108 33.62 -5.98 5.96
N ASN D 109 32.66 -6.68 6.59
CA ASN D 109 32.91 -7.27 7.89
C ASN D 109 33.93 -8.40 7.80
N CYS D 110 33.95 -9.15 6.67
CA CYS D 110 34.90 -10.23 6.45
C CYS D 110 36.31 -9.68 6.39
N LYS D 111 36.55 -8.78 5.42
CA LYS D 111 37.85 -8.15 5.22
C LYS D 111 38.24 -7.19 6.36
N LYS D 112 37.30 -6.72 7.21
CA LYS D 112 37.63 -5.86 8.34
C LYS D 112 38.28 -6.69 9.43
N ARG D 113 37.72 -7.89 9.70
CA ARG D 113 38.26 -8.79 10.70
C ARG D 113 39.62 -9.35 10.25
N ILE D 114 39.79 -9.59 8.95
CA ILE D 114 41.07 -10.08 8.42
C ILE D 114 42.13 -9.01 8.59
N ALA D 115 41.84 -7.76 8.20
CA ALA D 115 42.74 -6.61 8.35
C ALA D 115 43.11 -6.37 9.81
N GLU D 116 42.15 -6.58 10.72
CA GLU D 116 42.34 -6.46 12.17
C GLU D 116 43.41 -7.46 12.63
N GLU D 117 43.39 -8.69 12.08
CA GLU D 117 44.34 -9.75 12.43
C GLU D 117 45.69 -9.51 11.84
N LEU D 118 45.76 -9.11 10.56
CA LEU D 118 47.03 -8.83 9.90
C LEU D 118 47.76 -7.69 10.60
N LYS D 119 47.01 -6.67 11.06
CA LYS D 119 47.58 -5.55 11.80
C LYS D 119 48.15 -6.01 13.14
N ARG D 120 47.51 -6.99 13.80
CA ARG D 120 47.99 -7.56 15.05
C ARG D 120 49.29 -8.31 14.81
N ILE D 121 49.33 -9.18 13.78
CA ILE D 121 50.52 -9.96 13.44
C ILE D 121 51.72 -9.06 13.15
N LYS D 122 51.52 -8.01 12.35
CA LYS D 122 52.57 -7.06 12.02
C LYS D 122 53.14 -6.41 13.28
N ASN D 123 52.28 -6.00 14.21
CA ASN D 123 52.68 -5.35 15.45
C ASN D 123 53.37 -6.31 16.42
N GLU D 124 52.94 -7.60 16.44
CA GLU D 124 53.56 -8.60 17.30
C GLU D 124 54.94 -8.99 16.77
N LEU D 125 55.08 -9.08 15.43
CA LEU D 125 56.32 -9.39 14.77
C LEU D 125 57.25 -8.17 14.59
N ASN D 126 56.76 -6.94 14.89
CA ASN D 126 57.46 -5.67 14.71
C ASN D 126 57.89 -5.44 13.26
N TYR D 127 57.02 -5.89 12.32
CA TYR D 127 57.21 -5.75 10.88
C TYR D 127 56.86 -4.33 10.42
N ASP D 128 57.35 -3.95 9.24
CA ASP D 128 57.16 -2.60 8.72
C ASP D 128 55.80 -2.37 8.04
N ILE D 129 55.47 -3.17 6.99
CA ILE D 129 54.25 -2.94 6.23
C ILE D 129 53.40 -4.20 6.00
N ILE D 130 52.16 -4.01 5.54
CA ILE D 130 51.24 -5.07 5.18
C ILE D 130 50.76 -4.79 3.75
N VAL D 131 50.98 -5.73 2.83
CA VAL D 131 50.56 -5.54 1.45
C VAL D 131 49.51 -6.55 1.01
N ASP D 132 48.71 -6.18 0.00
CA ASP D 132 47.68 -7.07 -0.56
C ASP D 132 47.72 -7.08 -2.10
N GLY D 133 47.21 -8.16 -2.68
CA GLY D 133 47.20 -8.30 -4.13
C GLY D 133 46.10 -7.56 -4.86
N THR D 134 45.81 -6.32 -4.44
CA THR D 134 44.78 -5.53 -5.11
C THR D 134 45.39 -4.93 -6.35
N ILE D 135 44.89 -5.32 -7.51
CA ILE D 135 45.40 -4.80 -8.78
C ILE D 135 44.73 -3.46 -9.14
N TYR D 136 45.23 -2.77 -10.15
CA TYR D 136 44.70 -1.48 -10.59
C TYR D 136 43.28 -1.62 -11.11
N ASP D 137 42.98 -2.70 -11.85
CA ASP D 137 41.63 -2.91 -12.37
C ASP D 137 40.60 -3.12 -11.26
N ASP D 138 41.03 -3.67 -10.11
CA ASP D 138 40.19 -3.92 -8.95
C ASP D 138 39.62 -2.65 -8.30
N ILE D 139 40.21 -1.47 -8.59
CA ILE D 139 39.73 -0.23 -8.00
C ILE D 139 38.53 0.39 -8.74
N PHE D 140 38.16 -0.14 -9.91
CA PHE D 140 37.03 0.39 -10.67
C PHE D 140 35.77 -0.49 -10.58
N GLU D 141 35.64 -1.22 -9.47
CA GLU D 141 34.52 -2.12 -9.20
C GLU D 141 34.10 -1.94 -7.75
N ASP D 142 32.79 -2.10 -7.48
CA ASP D 142 32.24 -1.99 -6.13
C ASP D 142 32.77 -3.16 -5.29
N ARG D 143 33.90 -2.97 -4.60
CA ARG D 143 34.49 -4.04 -3.77
C ARG D 143 34.63 -3.53 -2.36
N PRO D 144 33.60 -3.69 -1.51
CA PRO D 144 33.72 -3.23 -0.13
C PRO D 144 34.74 -4.01 0.71
N GLY D 145 35.32 -5.07 0.15
CA GLY D 145 36.35 -5.83 0.84
C GLY D 145 37.60 -4.98 0.92
N ILE D 146 37.97 -4.30 -0.20
CA ILE D 146 39.13 -3.42 -0.22
C ILE D 146 38.83 -2.04 0.41
N LYS D 147 37.55 -1.72 0.69
CA LYS D 147 37.19 -0.49 1.40
C LYS D 147 37.69 -0.65 2.84
N ALA D 148 37.35 -1.80 3.47
CA ALA D 148 37.75 -2.17 4.83
C ALA D 148 39.28 -2.27 4.94
N PHE D 149 39.91 -2.80 3.90
CA PHE D 149 41.34 -3.00 3.86
C PHE D 149 42.08 -1.67 3.86
N ASN D 150 41.77 -0.78 2.89
CA ASN D 150 42.48 0.50 2.79
C ASN D 150 42.11 1.48 3.96
N GLU D 151 41.19 1.09 4.85
CA GLU D 151 40.89 1.84 6.06
C GLU D 151 42.03 1.56 7.08
N SER D 152 42.51 0.28 7.13
CA SER D 152 43.57 -0.18 8.02
C SER D 152 44.98 0.06 7.47
N ASN D 153 45.14 0.97 6.50
CA ASN D 153 46.43 1.34 5.90
C ASN D 153 47.20 0.17 5.28
N ILE D 154 46.50 -0.63 4.47
CA ILE D 154 47.12 -1.75 3.80
C ILE D 154 47.50 -1.31 2.41
N ILE D 155 48.79 -1.39 2.09
CA ILE D 155 49.31 -0.97 0.80
C ILE D 155 48.99 -1.96 -0.30
N SER D 156 48.40 -1.49 -1.39
CA SER D 156 48.09 -2.35 -2.53
C SER D 156 49.15 -1.96 -3.57
N PRO D 157 50.31 -2.66 -3.65
CA PRO D 157 51.37 -2.20 -4.55
C PRO D 157 51.07 -2.36 -6.02
N LEU D 158 50.29 -3.39 -6.38
CA LEU D 158 49.92 -3.63 -7.77
C LEU D 158 49.04 -2.49 -8.27
N SER D 159 48.09 -2.03 -7.44
CA SER D 159 47.20 -0.94 -7.78
C SER D 159 47.98 0.37 -7.88
N ASN D 160 48.94 0.58 -6.96
CA ASN D 160 49.78 1.77 -6.97
C ASN D 160 50.67 1.82 -8.21
N LEU D 161 51.07 0.65 -8.74
CA LEU D 161 51.90 0.59 -9.94
C LEU D 161 51.11 0.33 -11.24
N LYS D 162 49.78 0.56 -11.20
CA LYS D 162 48.86 0.43 -12.33
C LYS D 162 48.91 -0.94 -13.04
N PHE D 163 48.96 -2.04 -12.29
CA PHE D 163 48.99 -3.37 -12.87
C PHE D 163 47.61 -3.81 -13.34
N SER D 164 47.44 -4.05 -14.64
CA SER D 164 46.17 -4.55 -15.16
C SER D 164 46.06 -6.09 -15.02
N LYS D 165 44.89 -6.68 -15.31
CA LYS D 165 44.67 -8.13 -15.20
C LYS D 165 45.65 -8.93 -16.04
N ASN D 166 45.87 -8.51 -17.29
CA ASN D 166 46.79 -9.19 -18.20
C ASN D 166 48.27 -8.95 -17.88
N ASP D 167 48.58 -7.86 -17.15
CA ASP D 167 49.95 -7.58 -16.68
C ASP D 167 50.34 -8.59 -15.61
N VAL D 168 49.39 -8.91 -14.72
CA VAL D 168 49.58 -9.88 -13.65
C VAL D 168 49.78 -11.27 -14.25
N PHE D 169 49.02 -11.60 -15.32
CA PHE D 169 49.13 -12.90 -15.98
C PHE D 169 50.45 -13.06 -16.69
N GLU D 170 50.88 -12.01 -17.42
CA GLU D 170 52.12 -12.04 -18.19
C GLU D 170 53.36 -12.13 -17.30
N LEU D 171 53.40 -11.33 -16.22
CA LEU D 171 54.52 -11.36 -15.28
C LEU D 171 54.58 -12.69 -14.52
N SER D 172 53.41 -13.29 -14.19
CA SER D 172 53.31 -14.58 -13.51
C SER D 172 53.92 -15.69 -14.37
N ASN D 173 53.70 -15.61 -15.69
CA ASN D 173 54.26 -16.59 -16.63
C ASN D 173 55.78 -16.48 -16.67
N TYR D 174 56.30 -15.24 -16.66
CA TYR D 174 57.73 -14.99 -16.67
C TYR D 174 58.39 -15.50 -15.39
N LEU D 175 57.72 -15.33 -14.24
CA LEU D 175 58.27 -15.79 -12.98
C LEU D 175 58.02 -17.29 -12.68
N LYS D 176 57.47 -18.03 -13.65
CA LYS D 176 57.17 -19.47 -13.55
C LYS D 176 56.16 -19.81 -12.43
N ILE D 177 55.21 -18.90 -12.20
CA ILE D 177 54.15 -19.08 -11.21
C ILE D 177 52.91 -19.57 -11.96
N ASP D 178 52.47 -20.78 -11.64
CA ASP D 178 51.32 -21.41 -12.30
C ASP D 178 50.04 -20.67 -11.98
N ILE D 179 49.14 -20.60 -12.96
CA ILE D 179 47.85 -19.95 -12.77
C ILE D 179 46.86 -21.00 -12.27
N PRO D 180 46.36 -20.84 -11.03
CA PRO D 180 45.46 -21.86 -10.47
C PRO D 180 43.99 -21.66 -10.85
N LYS D 181 43.14 -22.66 -10.52
CA LYS D 181 41.70 -22.55 -10.77
C LYS D 181 41.13 -21.53 -9.77
N LYS D 182 40.25 -20.61 -10.24
CA LYS D 182 39.71 -19.56 -9.38
C LYS D 182 38.74 -20.08 -8.32
N ASP D 183 39.28 -20.50 -7.16
CA ASP D 183 38.46 -20.97 -6.06
C ASP D 183 37.89 -19.72 -5.40
N THR D 184 36.56 -19.58 -5.37
CA THR D 184 35.94 -18.39 -4.80
C THR D 184 35.32 -18.65 -3.43
N CYS D 185 35.17 -17.57 -2.65
CA CYS D 185 34.58 -17.56 -1.31
C CYS D 185 33.26 -18.35 -1.25
N MET D 186 33.11 -19.21 -0.25
CA MET D 186 31.92 -20.06 -0.11
C MET D 186 30.66 -19.28 0.34
N ALA D 187 30.84 -18.10 0.95
CA ALA D 187 29.72 -17.28 1.40
C ALA D 187 29.02 -16.49 0.29
N THR D 188 29.58 -16.50 -0.92
CA THR D 188 28.98 -15.77 -2.06
C THR D 188 27.71 -16.44 -2.52
N ARG D 189 27.68 -17.79 -2.48
CA ARG D 189 26.51 -18.59 -2.83
C ARG D 189 25.33 -18.28 -1.90
N ILE D 190 25.59 -17.86 -0.65
CA ILE D 190 24.52 -17.52 0.28
C ILE D 190 23.83 -16.21 -0.12
N LEU D 191 22.60 -16.32 -0.65
CA LEU D 191 21.78 -15.18 -1.06
C LEU D 191 20.70 -14.81 -0.03
N SER D 192 20.51 -15.63 1.00
CA SER D 192 19.50 -15.37 2.02
C SER D 192 20.13 -15.54 3.39
N ALA D 193 19.94 -14.54 4.26
CA ALA D 193 20.49 -14.62 5.62
C ALA D 193 19.89 -15.83 6.38
N PRO D 194 20.69 -16.53 7.20
CA PRO D 194 22.06 -16.22 7.56
C PRO D 194 23.11 -17.05 6.81
N ILE D 195 24.38 -16.59 6.86
CA ILE D 195 25.50 -17.29 6.25
C ILE D 195 25.91 -18.36 7.25
N SER D 196 25.36 -19.57 7.12
CA SER D 196 25.66 -20.63 8.06
C SER D 196 26.67 -21.60 7.51
N LYS D 197 27.38 -22.30 8.40
CA LYS D 197 28.36 -23.31 8.01
C LYS D 197 27.70 -24.44 7.20
N GLU D 198 26.43 -24.78 7.54
CA GLU D 198 25.63 -25.82 6.87
C GLU D 198 25.11 -25.32 5.54
N ASN D 199 24.67 -24.05 5.48
CA ASN D 199 24.15 -23.41 4.28
C ASN D 199 25.21 -23.38 3.20
N MET D 200 26.47 -23.07 3.57
CA MET D 200 27.59 -23.03 2.65
C MET D 200 27.96 -24.45 2.22
N ALA D 201 27.92 -25.41 3.16
CA ALA D 201 28.20 -26.82 2.88
C ALA D 201 27.23 -27.38 1.86
N LYS D 202 25.94 -27.00 1.96
CA LYS D 202 24.90 -27.44 1.04
C LYS D 202 25.25 -27.03 -0.40
N SER D 203 25.75 -25.79 -0.56
CA SER D 203 26.14 -25.27 -1.86
C SER D 203 27.41 -25.96 -2.35
N ASN D 204 28.39 -26.13 -1.46
CA ASN D 204 29.67 -26.75 -1.77
C ASN D 204 29.51 -28.18 -2.28
N LEU D 205 28.65 -28.99 -1.62
CA LEU D 205 28.43 -30.36 -2.05
C LEU D 205 27.72 -30.39 -3.39
N ALA D 206 26.74 -29.50 -3.58
CA ALA D 206 26.01 -29.43 -4.84
C ALA D 206 26.93 -29.07 -5.98
N GLU D 207 27.86 -28.14 -5.77
CA GLU D 207 28.81 -27.75 -6.80
C GLU D 207 29.75 -28.91 -7.10
N GLU D 208 30.29 -29.56 -6.06
CA GLU D 208 31.21 -30.70 -6.20
C GLU D 208 30.55 -31.87 -6.91
N PHE D 209 29.25 -32.07 -6.69
CA PHE D 209 28.53 -33.16 -7.33
C PHE D 209 28.37 -32.93 -8.83
N ILE D 210 27.88 -31.75 -9.22
CA ILE D 210 27.66 -31.41 -10.62
C ILE D 210 28.99 -31.33 -11.39
N LYS D 211 30.03 -30.78 -10.75
CA LYS D 211 31.33 -30.66 -11.38
C LYS D 211 32.00 -32.03 -11.58
N LEU D 212 31.74 -33.00 -10.69
CA LEU D 212 32.37 -34.32 -10.80
C LEU D 212 31.59 -35.30 -11.65
N ASN D 213 30.27 -35.35 -11.48
CA ASN D 213 29.44 -36.29 -12.22
C ASN D 213 29.14 -35.82 -13.63
N PHE D 214 29.03 -34.51 -13.85
CA PHE D 214 28.68 -33.99 -15.19
C PHE D 214 29.82 -33.22 -15.89
N HIS D 215 30.97 -33.11 -15.22
CA HIS D 215 32.22 -32.52 -15.72
C HIS D 215 32.11 -31.06 -16.13
N ILE D 216 31.54 -30.22 -15.26
CA ILE D 216 31.45 -28.79 -15.53
C ILE D 216 32.75 -28.13 -15.04
N GLU D 217 33.81 -28.25 -15.86
CA GLU D 217 35.14 -27.73 -15.56
C GLU D 217 35.17 -26.22 -15.31
N SER D 218 34.48 -25.44 -16.16
CA SER D 218 34.41 -23.98 -16.04
C SER D 218 33.27 -23.52 -15.11
N TYR D 219 33.11 -22.17 -14.90
CA TYR D 219 32.13 -21.50 -14.02
C TYR D 219 30.90 -22.31 -13.67
N LEU D 220 30.71 -22.51 -12.37
CA LEU D 220 29.56 -23.24 -11.85
C LEU D 220 29.24 -22.70 -10.48
N ARG D 221 27.98 -22.37 -10.23
CA ARG D 221 27.55 -21.86 -8.93
C ARG D 221 26.24 -22.51 -8.51
N VAL D 222 26.09 -22.86 -7.25
CA VAL D 222 24.84 -23.37 -6.72
C VAL D 222 24.50 -22.43 -5.58
N ARG D 223 23.72 -21.40 -5.88
CA ARG D 223 23.34 -20.39 -4.90
C ARG D 223 22.27 -20.91 -3.93
N TYR D 224 22.29 -20.41 -2.69
CA TYR D 224 21.32 -20.76 -1.65
C TYR D 224 20.36 -19.59 -1.45
N LEU D 225 19.08 -19.80 -1.72
CA LEU D 225 18.08 -18.75 -1.51
C LEU D 225 16.92 -19.36 -0.77
N GLU D 226 17.02 -19.42 0.57
CA GLU D 226 16.04 -20.06 1.44
C GLU D 226 15.77 -21.48 1.01
N ASN D 227 16.83 -22.29 1.05
CA ASN D 227 16.87 -23.70 0.66
C ASN D 227 16.49 -23.95 -0.78
N ILE D 228 16.63 -22.95 -1.65
CA ILE D 228 16.37 -23.14 -3.07
C ILE D 228 17.70 -23.05 -3.79
N ALA D 229 18.07 -24.14 -4.49
CA ALA D 229 19.36 -24.21 -5.18
C ALA D 229 19.24 -23.56 -6.53
N ILE D 230 19.98 -22.48 -6.77
CA ILE D 230 19.96 -21.81 -8.07
C ILE D 230 21.26 -22.13 -8.80
N ILE D 231 21.17 -22.95 -9.86
CA ILE D 231 22.36 -23.36 -10.62
C ILE D 231 22.71 -22.38 -11.73
N GLU D 232 23.88 -21.74 -11.61
CA GLU D 232 24.41 -20.79 -12.59
C GLU D 232 25.50 -21.48 -13.41
N LEU D 233 25.41 -21.31 -14.74
CA LEU D 233 26.31 -21.98 -15.68
C LEU D 233 26.93 -21.11 -16.75
N THR D 234 28.01 -21.61 -17.32
CA THR D 234 28.68 -21.01 -18.44
C THR D 234 27.86 -21.35 -19.72
N LYS D 235 28.04 -20.56 -20.80
CA LYS D 235 27.30 -20.77 -22.04
C LYS D 235 27.71 -22.06 -22.78
N ASN D 236 29.02 -22.30 -22.94
CA ASN D 236 29.45 -23.51 -23.66
C ASN D 236 29.45 -24.79 -22.80
N GLU D 237 29.31 -24.65 -21.48
CA GLU D 237 29.20 -25.80 -20.57
C GLU D 237 27.78 -26.40 -20.55
N SER D 238 26.76 -25.58 -20.86
CA SER D 238 25.34 -25.89 -20.87
C SER D 238 24.94 -27.29 -21.38
N GLU D 239 25.41 -27.67 -22.59
CA GLU D 239 25.09 -28.95 -23.24
C GLU D 239 25.21 -30.18 -22.32
N LYS D 240 26.14 -30.15 -21.35
CA LYS D 240 26.46 -31.25 -20.44
C LYS D 240 25.34 -31.68 -19.50
N ILE D 241 24.34 -30.83 -19.31
CA ILE D 241 23.25 -31.17 -18.41
C ILE D 241 21.90 -31.12 -19.06
N PHE D 242 21.82 -31.08 -20.40
CA PHE D 242 20.54 -30.91 -21.04
C PHE D 242 19.73 -32.20 -21.19
N ASP D 243 20.34 -33.40 -21.03
CA ASP D 243 19.53 -34.62 -21.11
C ASP D 243 18.72 -34.81 -19.81
N ASN D 244 17.44 -35.19 -19.93
CA ASN D 244 16.51 -35.36 -18.82
C ASN D 244 16.99 -36.30 -17.72
N ASP D 245 17.88 -37.25 -18.07
CA ASP D 245 18.46 -38.18 -17.11
C ASP D 245 19.43 -37.44 -16.18
N SER D 246 20.18 -36.46 -16.70
CA SER D 246 21.11 -35.66 -15.91
C SER D 246 20.34 -34.68 -15.04
N ILE D 247 19.27 -34.07 -15.58
CA ILE D 247 18.43 -33.12 -14.86
C ILE D 247 17.75 -33.80 -13.67
N GLU D 248 17.27 -35.02 -13.87
CA GLU D 248 16.64 -35.81 -12.82
C GLU D 248 17.65 -36.17 -11.74
N ARG D 249 18.87 -36.59 -12.12
CA ARG D 249 19.94 -36.93 -11.19
C ARG D 249 20.37 -35.72 -10.36
N ILE D 250 20.41 -34.53 -10.97
CA ILE D 250 20.80 -33.31 -10.26
C ILE D 250 19.70 -32.90 -9.29
N ASN D 251 18.45 -32.85 -9.76
CA ASN D 251 17.30 -32.48 -8.93
C ASN D 251 17.16 -33.43 -7.74
N THR D 252 17.34 -34.73 -7.97
CA THR D 252 17.24 -35.76 -6.93
C THR D 252 18.35 -35.66 -5.89
N GLU D 253 19.63 -35.63 -6.31
CA GLU D 253 20.77 -35.55 -5.41
C GLU D 253 20.84 -34.24 -4.63
N LEU D 254 20.45 -33.12 -5.26
CA LEU D 254 20.45 -31.83 -4.58
C LEU D 254 19.40 -31.75 -3.50
N LYS D 255 18.22 -32.34 -3.74
CA LYS D 255 17.18 -32.38 -2.71
C LYS D 255 17.61 -33.29 -1.53
N LYS D 256 18.40 -34.36 -1.81
CA LYS D 256 18.94 -35.27 -0.80
C LYS D 256 19.92 -34.54 0.11
N ILE D 257 20.70 -33.59 -0.45
CA ILE D 257 21.65 -32.76 0.29
C ILE D 257 20.91 -31.97 1.38
N GLY D 258 19.78 -31.36 0.98
CA GLY D 258 18.94 -30.60 1.88
C GLY D 258 18.04 -29.57 1.22
N PHE D 259 18.21 -29.35 -0.09
CA PHE D 259 17.42 -28.33 -0.79
C PHE D 259 15.93 -28.68 -0.93
N GLU D 260 15.08 -27.63 -0.92
CA GLU D 260 13.63 -27.67 -1.08
C GLU D 260 13.28 -27.71 -2.57
N LYS D 261 13.98 -26.91 -3.38
CA LYS D 261 13.70 -26.80 -4.80
C LYS D 261 15.02 -26.68 -5.55
N VAL D 262 15.12 -27.35 -6.70
CA VAL D 262 16.34 -27.25 -7.51
C VAL D 262 15.98 -26.53 -8.79
N VAL D 263 16.51 -25.31 -8.97
CA VAL D 263 16.23 -24.49 -10.14
C VAL D 263 17.51 -24.12 -10.91
N LEU D 264 17.38 -23.77 -12.19
CA LEU D 264 18.52 -23.41 -13.02
C LEU D 264 18.39 -21.99 -13.58
N ASP D 265 19.33 -21.09 -13.22
CA ASP D 265 19.29 -19.71 -13.72
C ASP D 265 19.51 -19.70 -15.23
N LEU D 266 18.49 -19.26 -15.97
CA LEU D 266 18.54 -19.20 -17.43
C LEU D 266 19.42 -18.07 -17.97
N ASN D 267 20.13 -17.34 -17.09
CA ASN D 267 21.06 -16.29 -17.48
C ASN D 267 22.45 -16.95 -17.50
N PHE D 268 22.82 -17.52 -18.65
CA PHE D 268 24.10 -18.20 -18.78
C PHE D 268 25.20 -17.17 -18.99
N LYS D 269 26.37 -17.44 -18.41
CA LYS D 269 27.49 -16.50 -18.46
C LYS D 269 28.18 -16.47 -19.84
N GLY D 270 28.32 -15.26 -20.38
CA GLY D 270 28.90 -14.99 -21.69
C GLY D 270 30.12 -15.79 -22.13
N GLU E 16 34.84 35.55 -27.66
CA GLU E 16 34.83 36.83 -26.96
C GLU E 16 35.96 36.92 -25.93
N LYS E 17 36.39 38.15 -25.61
CA LYS E 17 37.45 38.41 -24.62
C LYS E 17 37.02 37.94 -23.21
N GLY E 18 35.74 38.14 -22.88
CA GLY E 18 35.18 37.71 -21.61
C GLY E 18 35.14 36.21 -21.44
N LEU E 19 35.19 35.45 -22.56
CA LEU E 19 35.18 33.98 -22.53
C LEU E 19 36.60 33.38 -22.60
N LEU E 20 37.51 34.00 -23.38
CA LEU E 20 38.89 33.51 -23.48
C LEU E 20 39.67 33.71 -22.18
N GLU E 21 39.35 34.78 -21.43
CA GLU E 21 39.94 35.09 -20.12
C GLU E 21 39.56 34.03 -19.06
N LYS E 22 38.38 33.44 -19.20
CA LYS E 22 37.92 32.37 -18.32
C LYS E 22 38.58 31.06 -18.77
N TYR E 23 38.65 30.82 -20.09
CA TYR E 23 39.26 29.62 -20.67
C TYR E 23 40.72 29.48 -20.27
N ASN E 24 41.49 30.56 -20.40
CA ASN E 24 42.91 30.54 -20.06
C ASN E 24 43.14 30.28 -18.58
N SER E 25 42.28 30.84 -17.71
CA SER E 25 42.37 30.64 -16.27
C SER E 25 42.16 29.16 -15.87
N LEU E 26 41.33 28.44 -16.65
CA LEU E 26 41.02 27.02 -16.48
C LEU E 26 42.26 26.16 -16.78
N LEU E 27 42.99 26.49 -17.87
CA LEU E 27 44.19 25.75 -18.26
C LEU E 27 45.28 25.89 -17.21
N GLU E 28 45.44 27.12 -16.68
CA GLU E 28 46.42 27.47 -15.65
C GLU E 28 46.12 26.73 -14.35
N PHE E 29 44.84 26.58 -14.02
CA PHE E 29 44.42 25.87 -12.82
C PHE E 29 44.77 24.37 -12.93
N PHE E 30 44.66 23.78 -14.13
CA PHE E 30 44.95 22.36 -14.30
C PHE E 30 46.45 22.02 -14.36
N LYS E 31 47.30 23.02 -14.61
CA LYS E 31 48.75 22.79 -14.70
C LYS E 31 49.34 22.13 -13.46
N ASN E 32 50.09 21.02 -13.67
CA ASN E 32 50.79 20.23 -12.64
C ASN E 32 49.89 19.59 -11.58
N LYS E 33 48.61 19.40 -11.91
CA LYS E 33 47.66 18.79 -10.98
C LYS E 33 47.16 17.45 -11.49
N LYS E 34 46.87 16.53 -10.57
CA LYS E 34 46.33 15.22 -10.92
C LYS E 34 44.83 15.37 -10.67
N VAL E 35 44.05 15.45 -11.75
CA VAL E 35 42.63 15.74 -11.63
C VAL E 35 41.68 14.57 -11.91
N ILE E 36 40.76 14.30 -10.98
CA ILE E 36 39.72 13.28 -11.21
C ILE E 36 38.45 14.07 -11.50
N VAL E 37 37.87 13.88 -12.68
CA VAL E 37 36.69 14.63 -13.08
C VAL E 37 35.44 13.79 -12.93
N ALA E 38 34.39 14.36 -12.33
CA ALA E 38 33.10 13.69 -12.20
C ALA E 38 32.47 13.74 -13.57
N TYR E 39 32.78 12.76 -14.42
CA TYR E 39 32.32 12.72 -15.80
C TYR E 39 31.02 11.96 -15.97
N SER E 40 30.04 12.60 -16.60
CA SER E 40 28.72 12.00 -16.82
C SER E 40 28.37 11.82 -18.30
N GLY E 41 28.92 12.68 -19.15
CA GLY E 41 28.61 12.67 -20.58
C GLY E 41 28.02 13.99 -21.03
N GLY E 42 27.26 14.64 -20.14
CA GLY E 42 26.60 15.92 -20.37
C GLY E 42 27.58 17.03 -20.70
N VAL E 43 27.12 17.98 -21.52
CA VAL E 43 27.88 19.13 -22.02
C VAL E 43 28.88 19.74 -21.02
N ASP E 44 28.42 20.09 -19.80
CA ASP E 44 29.27 20.71 -18.78
C ASP E 44 30.38 19.76 -18.30
N SER E 45 30.02 18.49 -18.04
CA SER E 45 30.96 17.46 -17.57
C SER E 45 31.95 16.99 -18.64
N THR E 46 31.61 17.19 -19.93
CA THR E 46 32.47 16.82 -21.05
C THR E 46 33.46 17.96 -21.36
N LEU E 47 33.01 19.21 -21.24
CA LEU E 47 33.82 20.39 -21.49
C LEU E 47 35.05 20.40 -20.59
N ILE E 48 34.84 20.20 -19.27
CA ILE E 48 35.90 20.19 -18.27
C ILE E 48 36.83 18.98 -18.39
N SER E 49 36.28 17.84 -18.80
CA SER E 49 37.04 16.60 -18.93
C SER E 49 38.19 16.66 -19.97
N LYS E 50 37.92 17.08 -21.22
CA LYS E 50 38.97 17.17 -22.24
C LYS E 50 39.91 18.35 -21.98
N ILE E 51 39.39 19.45 -21.39
CA ILE E 51 40.23 20.61 -21.02
C ILE E 51 41.32 20.16 -20.02
N ALA E 52 40.96 19.24 -19.11
CA ALA E 52 41.89 18.69 -18.12
C ALA E 52 42.74 17.54 -18.67
N SER E 53 42.28 16.82 -19.71
CA SER E 53 43.01 15.68 -20.27
C SER E 53 44.39 16.03 -20.82
N ASP E 54 44.49 17.05 -21.68
CA ASP E 54 45.76 17.45 -22.25
C ASP E 54 46.61 18.31 -21.32
N ASN E 55 45.99 19.26 -20.56
CA ASN E 55 46.76 20.10 -19.62
C ASN E 55 47.17 19.38 -18.33
N ALA E 56 46.49 18.29 -18.00
CA ALA E 56 46.78 17.58 -16.76
C ALA E 56 46.64 16.06 -16.92
N GLN E 57 47.24 15.30 -15.99
CA GLN E 57 47.11 13.85 -15.89
C GLN E 57 45.70 13.70 -15.31
N THR E 58 44.72 13.44 -16.18
CA THR E 58 43.31 13.44 -15.78
C THR E 58 42.56 12.13 -16.04
N LEU E 59 41.71 11.75 -15.09
CA LEU E 59 40.86 10.57 -15.23
C LEU E 59 39.39 10.97 -15.08
N ALA E 60 38.58 10.72 -16.12
CA ALA E 60 37.16 11.02 -16.13
C ALA E 60 36.46 9.82 -15.52
N VAL E 61 35.92 9.96 -14.31
CA VAL E 61 35.27 8.85 -13.62
C VAL E 61 33.76 8.91 -13.76
N THR E 62 33.13 7.82 -14.21
CA THR E 62 31.69 7.76 -14.33
C THR E 62 31.16 6.71 -13.37
N ILE E 63 30.35 7.13 -12.40
CA ILE E 63 29.78 6.20 -11.42
C ILE E 63 28.41 5.74 -11.88
N ASP E 64 28.23 4.45 -12.16
CA ASP E 64 26.93 3.94 -12.58
C ASP E 64 26.17 3.35 -11.42
N ASN E 65 25.34 4.15 -10.77
CA ASN E 65 24.53 3.68 -9.64
C ASN E 65 23.25 2.92 -10.05
N GLY E 66 22.91 2.96 -11.33
CA GLY E 66 21.72 2.32 -11.85
C GLY E 66 20.67 3.31 -12.33
N PHE E 67 20.87 4.60 -12.06
CA PHE E 67 19.91 5.62 -12.47
C PHE E 67 19.98 5.97 -13.96
N PHE E 68 20.90 5.36 -14.70
CA PHE E 68 21.07 5.68 -16.11
C PHE E 68 21.04 4.41 -16.91
N SER E 69 20.36 4.45 -18.06
CA SER E 69 20.28 3.27 -18.91
C SER E 69 21.63 2.93 -19.52
N GLU E 70 21.82 1.67 -19.96
CA GLU E 70 23.04 1.18 -20.58
C GLU E 70 23.47 2.06 -21.74
N ASN E 71 22.49 2.52 -22.54
CA ASN E 71 22.68 3.38 -23.70
C ASN E 71 23.31 4.72 -23.32
N VAL E 72 22.91 5.31 -22.18
CA VAL E 72 23.46 6.58 -21.69
C VAL E 72 24.90 6.40 -21.23
N ILE E 73 25.21 5.26 -20.61
CA ILE E 73 26.57 4.96 -20.18
C ILE E 73 27.47 4.71 -21.40
N LYS E 74 26.96 3.98 -22.39
CA LYS E 74 27.67 3.70 -23.64
C LYS E 74 27.98 5.01 -24.35
N LYS E 75 27.03 5.96 -24.38
CA LYS E 75 27.20 7.28 -25.00
C LYS E 75 28.29 8.08 -24.29
N ALA E 76 28.33 8.01 -22.96
CA ALA E 76 29.34 8.71 -22.18
C ALA E 76 30.72 8.10 -22.45
N GLU E 77 30.80 6.77 -22.53
CA GLU E 77 32.06 6.08 -22.81
C GLU E 77 32.55 6.41 -24.22
N ASN E 78 31.64 6.39 -25.20
CA ASN E 78 31.94 6.69 -26.61
C ASN E 78 32.30 8.16 -26.86
N ARG E 79 31.92 9.07 -25.95
CA ARG E 79 32.28 10.48 -26.08
C ARG E 79 33.72 10.62 -25.59
N ALA E 80 34.04 10.05 -24.42
CA ALA E 80 35.39 10.09 -23.85
C ALA E 80 36.40 9.42 -24.78
N LYS E 81 36.02 8.28 -25.36
CA LYS E 81 36.88 7.54 -26.30
C LYS E 81 37.11 8.33 -27.59
N LYS E 82 36.13 9.14 -28.01
CA LYS E 82 36.18 9.99 -29.19
C LYS E 82 37.10 11.19 -28.95
N TYR E 83 36.95 11.84 -27.77
CA TYR E 83 37.76 13.01 -27.45
C TYR E 83 39.06 12.66 -26.67
N ASN E 84 39.51 11.39 -26.76
CA ASN E 84 40.73 10.87 -26.14
C ASN E 84 40.89 11.26 -24.66
N ILE E 85 39.78 11.22 -23.92
CA ILE E 85 39.71 11.54 -22.50
C ILE E 85 39.78 10.21 -21.75
N PRO E 86 40.83 10.02 -20.91
CA PRO E 86 40.93 8.75 -20.16
C PRO E 86 39.73 8.55 -19.25
N GLN E 87 38.93 7.50 -19.47
CA GLN E 87 37.72 7.30 -18.69
C GLN E 87 37.53 5.87 -18.17
N LYS E 88 37.12 5.76 -16.91
CA LYS E 88 36.83 4.48 -16.27
C LYS E 88 35.43 4.55 -15.66
N THR E 89 34.57 3.56 -15.97
CA THR E 89 33.19 3.50 -15.44
C THR E 89 33.11 2.49 -14.30
N ILE E 90 32.47 2.86 -13.19
CA ILE E 90 32.37 2.00 -12.03
C ILE E 90 30.92 1.66 -11.71
N LYS E 91 30.53 0.38 -11.84
CA LYS E 91 29.17 -0.03 -11.52
C LYS E 91 29.07 -0.23 -10.02
N ILE E 92 28.01 0.31 -9.43
CA ILE E 92 27.82 0.27 -8.00
C ILE E 92 26.47 -0.30 -7.59
N ASP E 93 26.44 -1.09 -6.51
CA ASP E 93 25.19 -1.61 -5.97
C ASP E 93 24.68 -0.54 -5.03
N TYR E 94 23.96 0.45 -5.56
CA TYR E 94 23.49 1.57 -4.76
C TYR E 94 22.08 1.39 -4.21
N LEU E 95 21.13 0.93 -5.02
CA LEU E 95 19.72 0.86 -4.62
C LEU E 95 19.45 0.18 -3.25
N ASN E 96 19.96 -1.02 -2.99
CA ASN E 96 19.84 -1.64 -1.67
C ASN E 96 18.37 -1.64 -1.09
N GLU E 97 18.11 -1.05 0.10
CA GLU E 97 16.78 -1.09 0.69
C GLU E 97 16.44 0.18 1.47
N ILE E 98 17.44 0.80 2.09
CA ILE E 98 17.24 2.06 2.80
C ILE E 98 17.25 3.21 1.80
N THR E 99 18.18 3.15 0.87
CA THR E 99 18.42 4.10 -0.21
C THR E 99 17.23 4.24 -1.19
N SER E 100 16.41 3.18 -1.32
CA SER E 100 15.27 3.18 -2.23
C SER E 100 14.00 3.79 -1.61
N LYS E 101 13.76 3.55 -0.32
CA LYS E 101 12.59 4.08 0.37
C LYS E 101 12.69 5.59 0.68
N ASP E 102 13.85 6.23 0.41
CA ASP E 102 14.08 7.67 0.64
C ASP E 102 14.06 8.48 -0.64
N LEU E 103 12.87 9.00 -0.98
CA LEU E 103 12.70 9.86 -2.15
C LEU E 103 12.87 11.35 -1.76
N GLU E 104 12.55 11.72 -0.50
CA GLU E 104 12.65 13.09 -0.01
C GLU E 104 14.07 13.65 0.05
N ASN E 105 15.11 12.82 -0.22
CA ASN E 105 16.54 13.21 -0.25
C ASN E 105 17.34 12.46 -1.34
N ARG E 106 16.66 11.69 -2.22
CA ARG E 106 17.32 10.87 -3.22
C ARG E 106 18.42 11.56 -4.02
N CYS E 107 18.30 12.88 -4.28
CA CYS E 107 19.33 13.58 -5.02
C CYS E 107 20.57 13.68 -4.15
N TYR E 108 20.39 14.12 -2.89
CA TYR E 108 21.46 14.27 -1.91
C TYR E 108 22.14 12.93 -1.61
N ASN E 109 21.37 11.85 -1.45
CA ASN E 109 21.94 10.53 -1.17
C ASN E 109 22.65 9.96 -2.39
N CYS E 110 22.17 10.27 -3.61
CA CYS E 110 22.77 9.80 -4.85
C CYS E 110 24.14 10.40 -4.99
N LYS E 111 24.23 11.74 -4.99
CA LYS E 111 25.50 12.44 -5.15
C LYS E 111 26.44 12.28 -3.95
N LYS E 112 25.90 11.96 -2.76
CA LYS E 112 26.74 11.74 -1.59
C LYS E 112 27.54 10.46 -1.74
N ARG E 113 26.90 9.39 -2.24
CA ARG E 113 27.57 8.12 -2.49
C ARG E 113 28.55 8.24 -3.64
N ILE E 114 28.23 9.05 -4.66
CA ILE E 114 29.11 9.26 -5.80
C ILE E 114 30.37 9.98 -5.32
N ALA E 115 30.21 11.06 -4.54
CA ALA E 115 31.35 11.81 -3.97
C ALA E 115 32.21 10.93 -3.07
N GLU E 116 31.59 10.01 -2.36
CA GLU E 116 32.26 9.05 -1.48
C GLU E 116 33.20 8.16 -2.32
N GLU E 117 32.76 7.77 -3.53
CA GLU E 117 33.55 6.91 -4.43
C GLU E 117 34.65 7.68 -5.09
N LEU E 118 34.36 8.89 -5.58
CA LEU E 118 35.38 9.73 -6.22
C LEU E 118 36.50 10.06 -5.25
N LYS E 119 36.15 10.29 -3.97
CA LYS E 119 37.12 10.58 -2.91
C LYS E 119 38.00 9.35 -2.66
N ARG E 120 37.44 8.12 -2.77
CA ARG E 120 38.20 6.88 -2.61
C ARG E 120 39.20 6.73 -3.75
N ILE E 121 38.74 6.91 -5.00
CA ILE E 121 39.58 6.80 -6.18
C ILE E 121 40.76 7.77 -6.13
N LYS E 122 40.50 9.04 -5.76
CA LYS E 122 41.53 10.06 -5.64
C LYS E 122 42.60 9.65 -4.63
N ASN E 123 42.17 9.12 -3.48
CA ASN E 123 43.09 8.70 -2.42
C ASN E 123 43.89 7.44 -2.78
N GLU E 124 43.28 6.51 -3.53
CA GLU E 124 43.98 5.30 -3.96
C GLU E 124 45.00 5.62 -5.06
N LEU E 125 44.64 6.55 -5.97
CA LEU E 125 45.51 7.01 -7.05
C LEU E 125 46.52 8.09 -6.61
N ASN E 126 46.38 8.62 -5.37
CA ASN E 126 47.19 9.70 -4.79
C ASN E 126 47.12 10.98 -5.65
N TYR E 127 45.93 11.24 -6.21
CA TYR E 127 45.64 12.41 -7.03
C TYR E 127 45.42 13.64 -6.16
N ASP E 128 45.52 14.83 -6.75
CA ASP E 128 45.41 16.08 -6.00
C ASP E 128 43.97 16.56 -5.78
N ILE E 129 43.18 16.75 -6.84
CA ILE E 129 41.83 17.30 -6.70
C ILE E 129 40.74 16.52 -7.44
N ILE E 130 39.47 16.84 -7.15
CA ILE E 130 38.30 16.27 -7.80
C ILE E 130 37.44 17.44 -8.28
N VAL E 131 37.13 17.50 -9.58
CA VAL E 131 36.31 18.59 -10.11
C VAL E 131 35.01 18.11 -10.73
N ASP E 132 34.00 18.99 -10.78
CA ASP E 132 32.70 18.68 -11.37
C ASP E 132 32.20 19.81 -12.29
N GLY E 133 31.31 19.48 -13.20
CA GLY E 133 30.78 20.44 -14.16
C GLY E 133 29.67 21.35 -13.66
N THR E 134 29.78 21.83 -12.41
CA THR E 134 28.77 22.72 -11.87
C THR E 134 29.04 24.11 -12.38
N ILE E 135 28.10 24.64 -13.16
CA ILE E 135 28.26 25.98 -13.72
C ILE E 135 27.79 27.07 -12.71
N TYR E 136 28.07 28.34 -13.00
CA TYR E 136 27.70 29.45 -12.14
C TYR E 136 26.19 29.57 -11.99
N ASP E 137 25.44 29.39 -13.09
CA ASP E 137 23.99 29.47 -13.05
C ASP E 137 23.35 28.39 -12.17
N ASP E 138 24.02 27.22 -12.07
CA ASP E 138 23.58 26.07 -11.27
C ASP E 138 23.53 26.36 -9.76
N ILE E 139 24.22 27.42 -9.28
CA ILE E 139 24.25 27.72 -7.86
C ILE E 139 23.02 28.53 -7.39
N PHE E 140 22.19 29.03 -8.31
CA PHE E 140 21.00 29.81 -7.94
C PHE E 140 19.69 29.03 -8.06
N GLU E 141 19.78 27.70 -7.89
CA GLU E 141 18.66 26.77 -7.95
C GLU E 141 18.83 25.77 -6.81
N ASP E 142 17.73 25.41 -6.12
CA ASP E 142 17.78 24.46 -5.01
C ASP E 142 18.13 23.09 -5.55
N ARG E 143 19.41 22.77 -5.55
CA ARG E 143 19.87 21.49 -6.05
C ARG E 143 20.66 20.79 -4.95
N PRO E 144 19.99 19.92 -4.17
CA PRO E 144 20.67 19.23 -3.05
C PRO E 144 21.70 18.18 -3.45
N GLY E 145 21.79 17.86 -4.73
CA GLY E 145 22.82 16.96 -5.23
C GLY E 145 24.17 17.63 -5.13
N ILE E 146 24.25 18.93 -5.51
CA ILE E 146 25.49 19.72 -5.40
C ILE E 146 25.80 20.11 -3.94
N LYS E 147 24.79 20.07 -3.05
CA LYS E 147 24.98 20.39 -1.64
C LYS E 147 25.89 19.32 -1.04
N ALA E 148 25.59 18.04 -1.28
CA ALA E 148 26.40 16.91 -0.82
C ALA E 148 27.81 16.96 -1.38
N PHE E 149 27.94 17.39 -2.63
CA PHE E 149 29.19 17.50 -3.34
C PHE E 149 30.04 18.57 -2.71
N ASN E 150 29.47 19.77 -2.52
CA ASN E 150 30.22 20.86 -1.91
C ASN E 150 30.36 20.69 -0.37
N GLU E 151 30.16 19.45 0.13
CA GLU E 151 30.41 18.97 1.48
C GLU E 151 31.72 18.13 1.46
N SER E 152 31.91 17.33 0.38
CA SER E 152 33.10 16.48 0.18
C SER E 152 34.27 17.22 -0.51
N ASN E 153 34.26 18.56 -0.49
CA ASN E 153 35.32 19.41 -1.03
C ASN E 153 35.59 19.19 -2.51
N ILE E 154 34.52 19.16 -3.31
CA ILE E 154 34.65 18.98 -4.75
C ILE E 154 34.60 20.34 -5.40
N ILE E 155 35.67 20.68 -6.12
CA ILE E 155 35.81 21.98 -6.76
C ILE E 155 34.96 22.08 -8.00
N SER E 156 34.14 23.13 -8.11
CA SER E 156 33.31 23.35 -9.29
C SER E 156 34.01 24.50 -10.01
N PRO E 157 34.91 24.22 -10.98
CA PRO E 157 35.69 25.31 -11.59
C PRO E 157 34.89 26.25 -12.48
N LEU E 158 33.85 25.75 -13.13
CA LEU E 158 32.99 26.56 -13.98
C LEU E 158 32.25 27.59 -13.13
N SER E 159 31.76 27.17 -11.97
CA SER E 159 31.05 28.05 -11.04
C SER E 159 32.02 29.09 -10.47
N ASN E 160 33.25 28.67 -10.13
CA ASN E 160 34.26 29.57 -9.60
C ASN E 160 34.70 30.61 -10.63
N LEU E 161 34.64 30.26 -11.93
CA LEU E 161 34.98 31.20 -13.00
C LEU E 161 33.76 31.89 -13.65
N LYS E 162 32.60 31.87 -12.97
CA LYS E 162 31.34 32.50 -13.37
C LYS E 162 30.87 32.14 -14.79
N PHE E 163 30.94 30.84 -15.15
CA PHE E 163 30.49 30.37 -16.46
C PHE E 163 28.98 30.27 -16.53
N SER E 164 28.34 31.05 -17.40
CA SER E 164 26.90 30.97 -17.58
C SER E 164 26.51 29.83 -18.57
N LYS E 165 25.20 29.54 -18.71
CA LYS E 165 24.70 28.49 -19.60
C LYS E 165 25.16 28.67 -21.04
N ASN E 166 25.07 29.90 -21.54
CA ASN E 166 25.48 30.20 -22.92
C ASN E 166 27.00 30.23 -23.10
N ASP E 167 27.77 30.43 -22.00
CA ASP E 167 29.23 30.41 -22.05
C ASP E 167 29.72 28.99 -22.30
N VAL E 168 29.08 27.98 -21.68
CA VAL E 168 29.44 26.58 -21.90
C VAL E 168 29.10 26.23 -23.36
N PHE E 169 27.88 26.61 -23.79
CA PHE E 169 27.32 26.43 -25.12
C PHE E 169 28.25 27.00 -26.19
N GLU E 170 28.85 28.17 -25.92
CA GLU E 170 29.75 28.80 -26.86
C GLU E 170 31.11 28.10 -26.91
N LEU E 171 31.69 27.79 -25.75
CA LEU E 171 33.03 27.21 -25.65
C LEU E 171 33.10 25.79 -26.21
N SER E 172 32.02 25.00 -26.02
CA SER E 172 31.96 23.63 -26.52
C SER E 172 32.01 23.59 -28.04
N ASN E 173 31.34 24.55 -28.69
CA ASN E 173 31.35 24.64 -30.15
C ASN E 173 32.74 24.97 -30.65
N TYR E 174 33.45 25.88 -29.94
CA TYR E 174 34.80 26.29 -30.30
C TYR E 174 35.77 25.13 -30.17
N LEU E 175 35.60 24.30 -29.13
CA LEU E 175 36.48 23.16 -28.92
C LEU E 175 36.11 21.91 -29.73
N LYS E 176 35.11 22.02 -30.63
CA LYS E 176 34.61 20.94 -31.49
C LYS E 176 34.04 19.75 -30.70
N ILE E 177 33.40 20.05 -29.58
CA ILE E 177 32.74 19.07 -28.72
C ILE E 177 31.25 19.10 -29.09
N ASP E 178 30.75 18.00 -29.63
CA ASP E 178 29.35 17.89 -30.06
C ASP E 178 28.39 17.98 -28.90
N ASP E 183 20.76 13.69 -22.03
CA ASP E 183 20.15 12.55 -21.33
C ASP E 183 19.97 12.88 -19.85
N THR E 184 18.73 12.78 -19.36
CA THR E 184 18.38 13.09 -17.96
C THR E 184 18.18 11.81 -17.10
N CYS E 185 18.32 11.94 -15.75
CA CYS E 185 18.22 10.84 -14.78
C CYS E 185 16.92 10.03 -14.84
N MET E 186 17.00 8.72 -14.60
CA MET E 186 15.82 7.86 -14.59
C MET E 186 15.00 7.93 -13.30
N ALA E 187 15.66 8.08 -12.15
CA ALA E 187 14.96 8.19 -10.87
C ALA E 187 14.07 9.44 -10.78
N THR E 188 14.21 10.38 -11.71
CA THR E 188 13.43 11.62 -11.82
C THR E 188 11.93 11.30 -12.09
N ARG E 189 11.69 10.26 -12.91
CA ARG E 189 10.36 9.80 -13.28
C ARG E 189 9.64 9.24 -12.06
N ILE E 190 10.37 8.59 -11.14
CA ILE E 190 9.77 8.00 -9.94
C ILE E 190 9.27 9.08 -8.96
N LEU E 191 7.93 9.21 -8.87
CA LEU E 191 7.25 10.17 -7.98
C LEU E 191 6.71 9.54 -6.70
N SER E 192 6.77 8.21 -6.57
CA SER E 192 6.28 7.53 -5.39
C SER E 192 7.32 6.53 -4.93
N ALA E 193 7.67 6.56 -3.64
CA ALA E 193 8.64 5.62 -3.11
C ALA E 193 8.13 4.17 -3.25
N PRO E 194 9.02 3.22 -3.56
CA PRO E 194 10.46 3.36 -3.68
C PRO E 194 10.95 3.47 -5.13
N ILE E 195 12.20 3.91 -5.27
CA ILE E 195 12.86 4.02 -6.57
C ILE E 195 13.41 2.64 -6.88
N SER E 196 12.62 1.82 -7.58
CA SER E 196 13.03 0.45 -7.87
C SER E 196 13.55 0.32 -9.28
N LYS E 197 14.38 -0.69 -9.51
CA LYS E 197 14.92 -0.95 -10.83
C LYS E 197 13.80 -1.28 -11.84
N GLU E 198 12.72 -1.93 -11.37
CA GLU E 198 11.55 -2.29 -12.19
C GLU E 198 10.68 -1.06 -12.44
N ASN E 199 10.52 -0.21 -11.43
CA ASN E 199 9.72 1.01 -11.51
C ASN E 199 10.29 1.96 -12.54
N MET E 200 11.63 2.06 -12.59
CA MET E 200 12.32 2.89 -13.56
C MET E 200 12.22 2.25 -14.94
N ALA E 201 12.35 0.92 -15.03
CA ALA E 201 12.22 0.20 -16.30
C ALA E 201 10.84 0.42 -16.91
N LYS E 202 9.78 0.42 -16.08
CA LYS E 202 8.41 0.66 -16.53
C LYS E 202 8.30 2.02 -17.22
N SER E 203 8.91 3.06 -16.64
CA SER E 203 8.91 4.40 -17.19
C SER E 203 9.74 4.48 -18.47
N ASN E 204 10.91 3.83 -18.47
CA ASN E 204 11.85 3.80 -19.60
C ASN E 204 11.23 3.15 -20.84
N LEU E 205 10.52 2.02 -20.68
CA LEU E 205 9.90 1.36 -21.80
C LEU E 205 8.76 2.19 -22.34
N ALA E 206 7.98 2.82 -21.45
CA ALA E 206 6.86 3.66 -21.85
C ALA E 206 7.36 4.86 -22.66
N GLU E 207 8.48 5.46 -22.24
CA GLU E 207 9.06 6.59 -22.96
C GLU E 207 9.55 6.14 -24.33
N GLU E 208 10.31 5.01 -24.38
CA GLU E 208 10.85 4.45 -25.61
C GLU E 208 9.75 4.08 -26.60
N PHE E 209 8.61 3.61 -26.11
CA PHE E 209 7.50 3.24 -26.96
C PHE E 209 6.86 4.47 -27.62
N ILE E 210 6.52 5.49 -26.82
CA ILE E 210 5.89 6.71 -27.32
C ILE E 210 6.82 7.49 -28.25
N LYS E 211 8.10 7.54 -27.90
CA LYS E 211 9.09 8.24 -28.71
C LYS E 211 9.34 7.55 -30.06
N LEU E 212 9.24 6.21 -30.11
CA LEU E 212 9.48 5.48 -31.35
C LEU E 212 8.26 5.34 -32.23
N ASN E 213 7.12 4.99 -31.65
CA ASN E 213 5.90 4.78 -32.40
C ASN E 213 5.20 6.07 -32.80
N PHE E 214 5.30 7.10 -31.96
CA PHE E 214 4.60 8.37 -32.24
C PHE E 214 5.54 9.55 -32.57
N HIS E 215 6.86 9.30 -32.57
CA HIS E 215 7.92 10.21 -32.95
C HIS E 215 7.96 11.50 -32.12
N ILE E 216 7.95 11.36 -30.79
CA ILE E 216 8.05 12.51 -29.90
C ILE E 216 9.54 12.79 -29.68
N GLU E 217 10.16 13.45 -30.66
CA GLU E 217 11.58 13.78 -30.69
C GLU E 217 12.02 14.62 -29.47
N SER E 218 11.23 15.66 -29.14
CA SER E 218 11.51 16.56 -28.01
C SER E 218 10.94 16.01 -26.67
N TYR E 219 11.13 16.76 -25.55
CA TYR E 219 10.71 16.47 -24.17
C TYR E 219 9.56 15.51 -24.04
N LEU E 220 9.80 14.43 -23.33
CA LEU E 220 8.79 13.41 -23.07
C LEU E 220 9.12 12.76 -21.74
N ARG E 221 8.13 12.63 -20.87
CA ARG E 221 8.33 11.99 -19.58
C ARG E 221 7.17 11.08 -19.27
N VAL E 222 7.44 9.90 -18.72
CA VAL E 222 6.38 9.01 -18.27
C VAL E 222 6.66 8.76 -16.79
N ARG E 223 6.05 9.59 -15.93
CA ARG E 223 6.28 9.53 -14.50
C ARG E 223 5.55 8.35 -13.87
N TYR E 224 6.12 7.80 -12.79
CA TYR E 224 5.54 6.68 -12.05
C TYR E 224 4.97 7.21 -10.73
N LEU E 225 3.65 7.09 -10.53
CA LEU E 225 3.02 7.53 -9.29
C LEU E 225 2.11 6.43 -8.81
N GLU E 226 2.68 5.45 -8.10
CA GLU E 226 1.98 4.25 -7.64
C GLU E 226 1.29 3.54 -8.79
N ASN E 227 2.10 3.12 -9.77
CA ASN E 227 1.70 2.45 -11.00
C ASN E 227 0.82 3.27 -11.91
N ILE E 228 0.80 4.59 -11.74
CA ILE E 228 0.02 5.45 -12.60
C ILE E 228 0.99 6.18 -13.49
N ALA E 229 0.88 6.00 -14.80
CA ALA E 229 1.78 6.61 -15.75
C ALA E 229 1.31 8.02 -16.07
N ILE E 230 2.12 9.03 -15.74
CA ILE E 230 1.77 10.41 -16.04
C ILE E 230 2.61 10.89 -17.21
N ILE E 231 1.98 11.09 -18.37
CA ILE E 231 2.70 11.50 -19.57
C ILE E 231 2.83 13.03 -19.67
N GLU E 232 4.06 13.52 -19.61
CA GLU E 232 4.39 14.94 -19.72
C GLU E 232 4.91 15.22 -21.11
N LEU E 233 4.29 16.22 -21.75
CA LEU E 233 4.56 16.53 -23.13
C LEU E 233 4.89 17.99 -23.42
N THR E 234 5.51 18.18 -24.58
CA THR E 234 5.89 19.47 -25.12
C THR E 234 4.65 20.13 -25.74
N LYS E 235 4.66 21.46 -25.87
CA LYS E 235 3.53 22.16 -26.47
C LYS E 235 3.39 21.87 -27.96
N ASN E 236 4.50 21.94 -28.73
CA ASN E 236 4.45 21.69 -30.16
C ASN E 236 4.40 20.21 -30.54
N GLU E 237 4.77 19.31 -29.61
CA GLU E 237 4.72 17.86 -29.84
C GLU E 237 3.30 17.29 -29.66
N SER E 238 2.43 18.02 -28.93
CA SER E 238 1.04 17.71 -28.57
C SER E 238 0.20 17.03 -29.67
N GLU E 239 0.17 17.63 -30.87
CA GLU E 239 -0.61 17.18 -32.03
C GLU E 239 -0.40 15.71 -32.42
N LYS E 240 0.82 15.19 -32.21
CA LYS E 240 1.22 13.83 -32.56
C LYS E 240 0.47 12.72 -31.82
N ILE E 241 -0.17 13.05 -30.70
CA ILE E 241 -0.89 12.04 -29.92
C ILE E 241 -2.36 12.38 -29.70
N PHE E 242 -2.94 13.26 -30.52
CA PHE E 242 -4.33 13.66 -30.30
C PHE E 242 -5.36 12.77 -30.95
N ASP E 243 -5.00 11.92 -31.94
CA ASP E 243 -6.01 11.02 -32.53
C ASP E 243 -6.29 9.86 -31.57
N ASN E 244 -7.58 9.51 -31.41
CA ASN E 244 -8.06 8.46 -30.51
C ASN E 244 -7.40 7.09 -30.73
N ASP E 245 -6.90 6.84 -31.94
CA ASP E 245 -6.21 5.60 -32.28
C ASP E 245 -4.83 5.55 -31.62
N SER E 246 -4.16 6.71 -31.50
CA SER E 246 -2.87 6.80 -30.83
C SER E 246 -3.04 6.72 -29.31
N ILE E 247 -4.09 7.37 -28.79
CA ILE E 247 -4.40 7.37 -27.37
C ILE E 247 -4.72 5.97 -26.89
N GLU E 248 -5.48 5.21 -27.69
CA GLU E 248 -5.83 3.83 -27.37
C GLU E 248 -4.57 2.96 -27.39
N ARG E 249 -3.71 3.12 -28.38
CA ARG E 249 -2.47 2.36 -28.49
C ARG E 249 -1.53 2.63 -27.32
N ILE E 250 -1.47 3.88 -26.85
CA ILE E 250 -0.61 4.25 -25.73
C ILE E 250 -1.16 3.68 -24.44
N ASN E 251 -2.46 3.89 -24.19
CA ASN E 251 -3.13 3.40 -22.99
C ASN E 251 -3.01 1.88 -22.89
N THR E 252 -3.20 1.18 -24.02
CA THR E 252 -3.13 -0.28 -24.09
C THR E 252 -1.72 -0.83 -23.83
N GLU E 253 -0.71 -0.33 -24.56
CA GLU E 253 0.67 -0.78 -24.42
C GLU E 253 1.28 -0.44 -23.06
N LEU E 254 0.93 0.72 -22.51
CA LEU E 254 1.45 1.11 -21.20
C LEU E 254 0.90 0.24 -20.08
N LYS E 255 -0.37 -0.13 -20.17
CA LYS E 255 -0.96 -1.04 -19.19
C LYS E 255 -0.33 -2.45 -19.30
N LYS E 256 0.07 -2.87 -20.53
CA LYS E 256 0.73 -4.15 -20.78
C LYS E 256 2.10 -4.19 -20.09
N ILE E 257 2.81 -3.04 -20.07
CA ILE E 257 4.12 -2.89 -19.44
C ILE E 257 4.00 -3.23 -17.95
N GLY E 258 2.96 -2.67 -17.31
CA GLY E 258 2.68 -2.91 -15.91
C GLY E 258 1.84 -1.85 -15.23
N PHE E 259 1.55 -0.72 -15.92
CA PHE E 259 0.79 0.35 -15.30
C PHE E 259 -0.68 0.04 -15.04
N GLU E 260 -1.22 0.62 -13.98
CA GLU E 260 -2.60 0.50 -13.53
C GLU E 260 -3.49 1.50 -14.28
N LYS E 261 -2.99 2.73 -14.49
CA LYS E 261 -3.73 3.81 -15.13
C LYS E 261 -2.80 4.62 -16.00
N VAL E 262 -3.25 4.99 -17.19
CA VAL E 262 -2.42 5.81 -18.08
C VAL E 262 -3.07 7.18 -18.20
N VAL E 263 -2.42 8.21 -17.65
CA VAL E 263 -2.92 9.58 -17.67
C VAL E 263 -1.98 10.56 -18.36
N LEU E 264 -2.49 11.71 -18.81
CA LEU E 264 -1.67 12.71 -19.49
C LEU E 264 -1.70 14.05 -18.76
N ASP E 265 -0.54 14.54 -18.28
CA ASP E 265 -0.46 15.84 -17.62
C ASP E 265 -0.78 16.96 -18.61
N LEU E 266 -1.89 17.66 -18.36
CA LEU E 266 -2.36 18.76 -19.21
C LEU E 266 -1.52 20.04 -19.07
N ASN E 267 -0.41 19.99 -18.33
CA ASN E 267 0.52 21.10 -18.17
C ASN E 267 1.63 20.85 -19.19
N PHE E 268 1.43 21.32 -20.42
CA PHE E 268 2.40 21.12 -21.48
C PHE E 268 3.55 22.11 -21.33
N LYS E 269 4.76 21.67 -21.65
CA LYS E 269 5.95 22.48 -21.47
C LYS E 269 6.09 23.59 -22.53
N GLY E 270 6.27 24.82 -22.05
CA GLY E 270 6.36 26.05 -22.85
C GLY E 270 7.11 26.00 -24.17
N GLY F 18 -58.18 13.77 8.45
CA GLY F 18 -58.91 14.96 8.92
C GLY F 18 -58.92 15.13 10.43
N LEU F 19 -58.52 16.33 10.91
CA LEU F 19 -58.37 16.77 12.32
C LEU F 19 -59.28 16.09 13.36
N LEU F 20 -60.59 16.04 13.12
CA LEU F 20 -61.52 15.46 14.07
C LEU F 20 -61.21 14.01 14.46
N GLU F 21 -61.16 13.08 13.47
CA GLU F 21 -60.91 11.65 13.69
C GLU F 21 -59.58 11.35 14.44
N LYS F 22 -58.53 12.16 14.20
CA LYS F 22 -57.25 11.94 14.88
C LYS F 22 -57.15 12.71 16.21
N TYR F 23 -58.09 13.63 16.49
CA TYR F 23 -58.16 14.28 17.78
C TYR F 23 -58.89 13.31 18.72
N ASN F 24 -60.01 12.71 18.25
CA ASN F 24 -60.82 11.75 19.01
C ASN F 24 -60.10 10.42 19.24
N SER F 25 -59.29 9.96 18.25
CA SER F 25 -58.48 8.73 18.42
C SER F 25 -57.45 8.96 19.54
N LEU F 26 -56.92 10.20 19.63
CA LEU F 26 -55.95 10.66 20.61
C LEU F 26 -56.60 10.72 22.00
N LEU F 27 -57.86 11.21 22.06
CA LEU F 27 -58.61 11.28 23.31
C LEU F 27 -58.86 9.90 23.89
N GLU F 28 -59.14 8.91 23.02
CA GLU F 28 -59.41 7.53 23.44
C GLU F 28 -58.15 6.82 23.94
N PHE F 29 -56.97 7.21 23.44
CA PHE F 29 -55.72 6.61 23.89
C PHE F 29 -55.49 6.97 25.35
N PHE F 30 -55.69 8.24 25.70
CA PHE F 30 -55.49 8.70 27.06
C PHE F 30 -56.53 8.15 28.07
N LYS F 31 -57.81 7.95 27.67
CA LYS F 31 -58.84 7.43 28.58
C LYS F 31 -58.41 6.18 29.35
N ASN F 32 -58.46 6.25 30.69
CA ASN F 32 -58.09 5.23 31.68
C ASN F 32 -56.59 4.90 31.74
N LYS F 33 -55.73 5.81 31.24
CA LYS F 33 -54.29 5.60 31.28
C LYS F 33 -53.59 6.61 32.17
N LYS F 34 -52.47 6.21 32.78
CA LYS F 34 -51.70 7.11 33.60
C LYS F 34 -50.54 7.52 32.72
N VAL F 35 -50.56 8.77 32.29
CA VAL F 35 -49.60 9.28 31.31
C VAL F 35 -48.54 10.26 31.82
N ILE F 36 -47.24 9.97 31.56
CA ILE F 36 -46.14 10.89 31.90
C ILE F 36 -45.75 11.61 30.63
N VAL F 37 -45.88 12.93 30.59
CA VAL F 37 -45.55 13.69 29.38
C VAL F 37 -44.22 14.37 29.48
N ALA F 38 -43.38 14.28 28.44
CA ALA F 38 -42.09 14.97 28.44
C ALA F 38 -42.39 16.42 28.11
N TYR F 39 -42.67 17.21 29.16
CA TYR F 39 -43.07 18.60 29.02
C TYR F 39 -41.91 19.58 29.06
N SER F 40 -41.84 20.45 28.06
CA SER F 40 -40.76 21.44 27.94
C SER F 40 -41.23 22.87 27.98
N GLY F 41 -42.46 23.12 27.54
CA GLY F 41 -43.01 24.45 27.46
C GLY F 41 -43.43 24.83 26.05
N GLY F 42 -42.69 24.31 25.06
CA GLY F 42 -42.93 24.53 23.63
C GLY F 42 -44.30 24.07 23.16
N VAL F 43 -44.87 24.76 22.18
CA VAL F 43 -46.23 24.54 21.62
C VAL F 43 -46.67 23.06 21.57
N ASP F 44 -45.86 22.20 20.93
CA ASP F 44 -46.20 20.77 20.80
C ASP F 44 -46.23 20.05 22.14
N SER F 45 -45.25 20.37 22.99
CA SER F 45 -45.08 19.80 24.33
C SER F 45 -46.24 20.20 25.25
N THR F 46 -46.74 21.44 25.12
CA THR F 46 -47.85 21.96 25.92
C THR F 46 -49.17 21.37 25.45
N LEU F 47 -49.35 21.27 24.12
CA LEU F 47 -50.60 20.77 23.55
C LEU F 47 -50.91 19.33 23.95
N ILE F 48 -49.95 18.41 23.79
CA ILE F 48 -50.15 17.00 24.15
C ILE F 48 -50.39 16.84 25.67
N SER F 49 -49.82 17.75 26.49
CA SER F 49 -49.95 17.76 27.94
C SER F 49 -51.34 18.24 28.35
N LYS F 50 -51.84 19.30 27.68
CA LYS F 50 -53.14 19.87 28.00
C LYS F 50 -54.23 18.86 27.74
N ILE F 51 -54.20 18.21 26.58
CA ILE F 51 -55.18 17.21 26.17
C ILE F 51 -55.23 16.05 27.15
N ALA F 52 -54.05 15.54 27.54
CA ALA F 52 -53.94 14.42 28.47
C ALA F 52 -54.42 14.77 29.88
N SER F 53 -54.22 16.02 30.31
CA SER F 53 -54.69 16.46 31.63
C SER F 53 -56.22 16.43 31.71
N ASP F 54 -56.89 16.76 30.60
CA ASP F 54 -58.35 16.80 30.48
C ASP F 54 -58.99 15.41 30.50
N ASN F 55 -58.24 14.36 30.07
CA ASN F 55 -58.83 13.03 29.95
C ASN F 55 -58.15 11.92 30.73
N ALA F 56 -57.04 12.21 31.41
CA ALA F 56 -56.29 11.18 32.13
C ALA F 56 -55.51 11.74 33.33
N GLN F 57 -55.10 10.84 34.26
CA GLN F 57 -54.24 11.20 35.38
C GLN F 57 -52.87 11.41 34.74
N THR F 58 -52.53 12.67 34.45
CA THR F 58 -51.32 13.02 33.72
C THR F 58 -50.33 13.90 34.49
N LEU F 59 -49.04 13.60 34.38
CA LEU F 59 -48.01 14.42 35.00
C LEU F 59 -47.05 14.92 33.93
N ALA F 60 -46.94 16.23 33.79
CA ALA F 60 -46.03 16.87 32.85
C ALA F 60 -44.67 16.98 33.55
N VAL F 61 -43.67 16.20 33.11
CA VAL F 61 -42.36 16.21 33.74
C VAL F 61 -41.37 17.05 32.95
N THR F 62 -40.70 17.99 33.62
CA THR F 62 -39.71 18.82 32.98
C THR F 62 -38.35 18.51 33.55
N ILE F 63 -37.43 18.01 32.74
CA ILE F 63 -36.09 17.69 33.21
C ILE F 63 -35.18 18.89 32.93
N ASP F 64 -34.74 19.60 33.98
CA ASP F 64 -33.85 20.74 33.77
C ASP F 64 -32.42 20.29 33.92
N ASN F 65 -31.70 20.17 32.80
CA ASN F 65 -30.31 19.73 32.83
C ASN F 65 -29.32 20.87 32.95
N GLY F 66 -29.71 22.07 32.53
CA GLY F 66 -28.84 23.23 32.57
C GLY F 66 -28.64 23.90 31.23
N PHE F 67 -29.22 23.34 30.16
CA PHE F 67 -29.11 23.92 28.84
C PHE F 67 -30.05 25.13 28.61
N PHE F 68 -30.99 25.37 29.53
CA PHE F 68 -31.93 26.48 29.40
C PHE F 68 -31.87 27.40 30.61
N SER F 69 -32.08 28.71 30.40
CA SER F 69 -32.04 29.71 31.46
C SER F 69 -33.21 29.58 32.46
N GLU F 70 -33.05 30.16 33.68
CA GLU F 70 -34.07 30.13 34.74
C GLU F 70 -35.41 30.64 34.23
N ASN F 71 -35.37 31.68 33.40
CA ASN F 71 -36.54 32.32 32.79
C ASN F 71 -37.32 31.36 31.91
N VAL F 72 -36.64 30.49 31.16
CA VAL F 72 -37.28 29.49 30.29
C VAL F 72 -37.99 28.40 31.13
N ILE F 73 -37.37 28.02 32.24
CA ILE F 73 -37.96 27.00 33.13
C ILE F 73 -39.16 27.59 33.85
N LYS F 74 -39.05 28.86 34.29
CA LYS F 74 -40.13 29.60 34.94
C LYS F 74 -41.32 29.70 34.00
N LYS F 75 -41.07 29.98 32.69
CA LYS F 75 -42.10 30.10 31.65
C LYS F 75 -42.83 28.78 31.47
N ALA F 76 -42.09 27.67 31.49
CA ALA F 76 -42.69 26.36 31.34
C ALA F 76 -43.56 26.03 32.57
N GLU F 77 -43.09 26.37 33.76
CA GLU F 77 -43.84 26.13 34.98
C GLU F 77 -45.11 26.97 35.01
N ASN F 78 -44.99 28.26 34.65
CA ASN F 78 -46.11 29.21 34.61
C ASN F 78 -47.14 28.92 33.53
N ARG F 79 -46.77 28.14 32.51
CA ARG F 79 -47.70 27.76 31.46
C ARG F 79 -48.54 26.60 32.01
N ALA F 80 -47.87 25.58 32.58
CA ALA F 80 -48.56 24.43 33.15
C ALA F 80 -49.48 24.84 34.30
N LYS F 81 -49.02 25.77 35.16
CA LYS F 81 -49.82 26.27 36.28
C LYS F 81 -51.05 27.08 35.79
N LYS F 82 -50.91 27.75 34.63
CA LYS F 82 -51.97 28.54 34.00
C LYS F 82 -53.02 27.61 33.39
N TYR F 83 -52.58 26.56 32.67
CA TYR F 83 -53.49 25.62 32.02
C TYR F 83 -53.84 24.39 32.87
N ASN F 84 -53.67 24.50 34.20
CA ASN F 84 -53.99 23.48 35.20
C ASN F 84 -53.48 22.09 34.83
N ILE F 85 -52.26 22.03 34.27
CA ILE F 85 -51.57 20.81 33.89
C ILE F 85 -50.64 20.44 35.04
N PRO F 86 -50.85 19.29 35.70
CA PRO F 86 -49.98 18.91 36.82
C PRO F 86 -48.52 18.79 36.37
N GLN F 87 -47.62 19.61 36.92
CA GLN F 87 -46.22 19.61 36.48
C GLN F 87 -45.19 19.61 37.59
N LYS F 88 -44.15 18.77 37.45
CA LYS F 88 -43.05 18.68 38.41
C LYS F 88 -41.72 18.84 37.66
N THR F 89 -40.83 19.75 38.12
CA THR F 89 -39.54 20.00 37.47
C THR F 89 -38.39 19.33 38.24
N ILE F 90 -37.49 18.65 37.54
CA ILE F 90 -36.38 17.95 38.16
C ILE F 90 -35.03 18.48 37.69
N LYS F 91 -34.25 19.11 38.60
CA LYS F 91 -32.93 19.62 38.24
C LYS F 91 -31.93 18.48 38.27
N ILE F 92 -31.11 18.39 37.22
CA ILE F 92 -30.17 17.30 37.09
C ILE F 92 -28.72 17.76 36.92
N ASP F 93 -27.79 17.07 37.58
CA ASP F 93 -26.38 17.36 37.45
C ASP F 93 -25.93 16.55 36.25
N TYR F 94 -26.18 17.09 35.05
CA TYR F 94 -25.81 16.41 33.82
C TYR F 94 -24.51 16.93 33.29
N LEU F 95 -24.23 18.23 33.45
CA LEU F 95 -23.02 18.84 32.90
C LEU F 95 -21.68 18.41 33.51
N ASN F 96 -21.62 17.28 34.23
CA ASN F 96 -20.37 16.78 34.80
C ASN F 96 -19.30 16.56 33.70
N GLU F 97 -18.01 16.73 34.05
CA GLU F 97 -16.89 16.60 33.11
C GLU F 97 -16.93 15.34 32.22
N ILE F 98 -17.54 14.25 32.73
CA ILE F 98 -17.66 12.96 32.04
C ILE F 98 -18.65 13.02 30.89
N THR F 99 -19.76 13.75 31.10
CA THR F 99 -20.78 13.97 30.06
C THR F 99 -20.55 15.34 29.41
N SER F 100 -19.30 15.57 28.99
CA SER F 100 -18.84 16.80 28.33
C SER F 100 -17.57 16.54 27.50
N LYS F 101 -17.24 15.25 27.20
CA LYS F 101 -16.09 14.81 26.40
C LYS F 101 -16.55 14.26 25.02
N ASP F 102 -17.69 14.73 24.52
CA ASP F 102 -18.25 14.31 23.25
C ASP F 102 -19.17 15.42 22.73
N LEU F 103 -18.77 16.01 21.61
CA LEU F 103 -19.57 17.05 20.98
C LEU F 103 -20.58 16.38 20.03
N GLU F 104 -20.09 15.55 19.08
CA GLU F 104 -20.85 14.86 18.02
C GLU F 104 -22.17 14.16 18.45
N ASN F 105 -22.29 13.76 19.72
CA ASN F 105 -23.52 13.10 20.19
C ASN F 105 -24.25 13.83 21.31
N ARG F 106 -23.84 15.05 21.64
CA ARG F 106 -24.43 15.82 22.75
C ARG F 106 -25.97 15.79 22.80
N CYS F 107 -26.66 15.83 21.64
CA CYS F 107 -28.11 15.81 21.62
C CYS F 107 -28.68 14.47 22.02
N TYR F 108 -28.02 13.39 21.56
CA TYR F 108 -28.39 12.01 21.88
C TYR F 108 -28.14 11.76 23.36
N ASN F 109 -26.98 12.19 23.87
CA ASN F 109 -26.66 12.01 25.27
C ASN F 109 -27.61 12.81 26.16
N CYS F 110 -28.03 14.01 25.70
CA CYS F 110 -28.97 14.86 26.42
C CYS F 110 -30.29 14.14 26.57
N LYS F 111 -30.90 13.75 25.42
CA LYS F 111 -32.19 13.08 25.40
C LYS F 111 -32.17 11.67 26.01
N LYS F 112 -31.00 11.01 26.02
CA LYS F 112 -30.86 9.68 26.59
C LYS F 112 -30.98 9.73 28.11
N ARG F 113 -30.34 10.74 28.73
CA ARG F 113 -30.41 10.93 30.18
C ARG F 113 -31.81 11.38 30.60
N ILE F 114 -32.48 12.17 29.76
CA ILE F 114 -33.84 12.62 30.05
C ILE F 114 -34.78 11.43 30.03
N ALA F 115 -34.70 10.60 28.98
CA ALA F 115 -35.52 9.40 28.83
C ALA F 115 -35.29 8.42 29.99
N GLU F 116 -34.03 8.33 30.47
CA GLU F 116 -33.63 7.50 31.59
C GLU F 116 -34.40 7.92 32.85
N GLU F 117 -34.57 9.25 33.05
CA GLU F 117 -35.26 9.81 34.20
C GLU F 117 -36.75 9.64 34.11
N LEU F 118 -37.34 9.92 32.94
CA LEU F 118 -38.78 9.75 32.74
C LEU F 118 -39.20 8.31 32.96
N LYS F 119 -38.36 7.35 32.53
CA LYS F 119 -38.61 5.93 32.70
C LYS F 119 -38.57 5.56 34.18
N ARG F 120 -37.70 6.20 34.97
CA ARG F 120 -37.61 5.96 36.41
C ARG F 120 -38.88 6.47 37.09
N ILE F 121 -39.30 7.70 36.77
CA ILE F 121 -40.50 8.31 37.34
C ILE F 121 -41.74 7.45 37.09
N LYS F 122 -41.91 6.98 35.85
CA LYS F 122 -43.03 6.13 35.47
C LYS F 122 -43.07 4.85 36.31
N ASN F 123 -41.92 4.22 36.50
CA ASN F 123 -41.82 2.97 37.26
C ASN F 123 -42.03 3.18 38.75
N GLU F 124 -41.60 4.33 39.28
CA GLU F 124 -41.77 4.62 40.70
C GLU F 124 -43.24 4.98 41.00
N LEU F 125 -43.89 5.71 40.07
CA LEU F 125 -45.29 6.08 40.18
C LEU F 125 -46.26 4.97 39.74
N ASN F 126 -45.73 3.86 39.15
CA ASN F 126 -46.50 2.73 38.61
C ASN F 126 -47.51 3.17 37.54
N TYR F 127 -47.09 4.17 36.75
CA TYR F 127 -47.84 4.74 35.63
C TYR F 127 -47.84 3.73 34.46
N ASP F 128 -48.70 3.99 33.48
CA ASP F 128 -48.81 3.11 32.33
C ASP F 128 -47.85 3.45 31.19
N ILE F 129 -47.92 4.69 30.66
CA ILE F 129 -47.11 5.06 29.49
C ILE F 129 -46.35 6.40 29.65
N ILE F 130 -45.34 6.63 28.79
CA ILE F 130 -44.55 7.85 28.73
C ILE F 130 -44.66 8.38 27.32
N VAL F 131 -45.14 9.62 27.17
CA VAL F 131 -45.34 10.23 25.88
C VAL F 131 -44.48 11.50 25.67
N ASP F 132 -44.46 12.07 24.44
CA ASP F 132 -43.72 13.28 24.13
C ASP F 132 -44.37 14.09 22.99
N GLY F 133 -43.90 15.32 22.79
CA GLY F 133 -44.43 16.23 21.78
C GLY F 133 -43.74 16.19 20.43
N THR F 134 -43.56 14.97 19.89
CA THR F 134 -42.95 14.82 18.58
C THR F 134 -44.09 14.85 17.59
N ILE F 135 -44.00 15.73 16.59
CA ILE F 135 -45.05 15.85 15.59
C ILE F 135 -44.71 15.05 14.30
N TYR F 136 -45.66 14.95 13.37
CA TYR F 136 -45.48 14.27 12.09
C TYR F 136 -44.33 14.92 11.30
N ASP F 137 -44.34 16.25 11.19
CA ASP F 137 -43.34 16.99 10.41
C ASP F 137 -41.91 16.79 10.88
N ASP F 138 -41.74 16.50 12.17
CA ASP F 138 -40.45 16.26 12.81
C ASP F 138 -39.78 14.92 12.42
N ILE F 139 -40.52 14.03 11.73
CA ILE F 139 -39.97 12.76 11.26
C ILE F 139 -39.09 12.93 10.01
N PHE F 140 -39.29 14.02 9.28
CA PHE F 140 -38.57 14.26 8.04
C PHE F 140 -37.34 15.15 8.19
N GLU F 141 -36.74 15.17 9.38
CA GLU F 141 -35.57 15.96 9.72
C GLU F 141 -34.62 15.13 10.58
N ASP F 142 -33.29 15.33 10.44
CA ASP F 142 -32.29 14.61 11.25
C ASP F 142 -32.38 15.05 12.70
N ARG F 143 -33.11 14.30 13.53
CA ARG F 143 -33.26 14.67 14.94
C ARG F 143 -32.76 13.57 15.88
N PRO F 144 -31.46 13.59 16.29
CA PRO F 144 -30.94 12.56 17.23
C PRO F 144 -31.48 12.63 18.66
N GLY F 145 -32.28 13.68 18.93
CA GLY F 145 -33.00 13.86 20.17
C GLY F 145 -34.13 12.85 20.24
N ILE F 146 -34.84 12.62 19.12
CA ILE F 146 -35.90 11.58 19.05
C ILE F 146 -35.26 10.17 18.87
N LYS F 147 -34.01 10.10 18.34
CA LYS F 147 -33.25 8.88 18.10
C LYS F 147 -32.86 8.19 19.39
N ALA F 148 -32.57 8.97 20.44
CA ALA F 148 -32.28 8.42 21.76
C ALA F 148 -33.59 8.02 22.46
N PHE F 149 -34.64 8.84 22.28
CA PHE F 149 -35.96 8.68 22.86
C PHE F 149 -36.57 7.37 22.38
N ASN F 150 -36.66 7.21 21.05
CA ASN F 150 -37.25 6.05 20.40
C ASN F 150 -36.20 4.93 20.30
N GLU F 151 -35.73 4.60 21.49
CA GLU F 151 -34.90 3.51 21.96
C GLU F 151 -35.52 3.10 23.32
N SER F 152 -35.84 4.08 24.18
CA SER F 152 -36.41 3.86 25.52
C SER F 152 -37.91 3.55 25.54
N ASN F 153 -38.57 3.50 24.37
CA ASN F 153 -40.01 3.25 24.27
C ASN F 153 -40.88 4.42 24.74
N ILE F 154 -40.54 5.63 24.27
CA ILE F 154 -41.34 6.82 24.57
C ILE F 154 -42.25 7.05 23.38
N ILE F 155 -43.54 6.90 23.62
CA ILE F 155 -44.62 7.01 22.62
C ILE F 155 -44.88 8.46 22.16
N SER F 156 -44.94 8.75 20.85
CA SER F 156 -45.24 10.11 20.38
C SER F 156 -46.56 10.09 19.62
N PRO F 157 -47.72 10.36 20.28
CA PRO F 157 -49.01 10.26 19.56
C PRO F 157 -49.21 11.27 18.43
N LEU F 158 -48.62 12.47 18.50
CA LEU F 158 -48.77 13.47 17.43
C LEU F 158 -48.14 12.99 16.12
N SER F 159 -47.11 12.16 16.18
CA SER F 159 -46.40 11.61 15.03
C SER F 159 -47.11 10.34 14.52
N ASN F 160 -47.51 9.44 15.43
CA ASN F 160 -48.17 8.18 15.09
C ASN F 160 -49.57 8.44 14.53
N LEU F 161 -50.29 9.36 15.17
CA LEU F 161 -51.63 9.80 14.78
C LEU F 161 -51.62 10.99 13.79
N LYS F 162 -50.42 11.37 13.28
CA LYS F 162 -50.08 12.37 12.28
C LYS F 162 -50.78 13.74 12.40
N PHE F 163 -50.03 14.71 12.95
CA PHE F 163 -50.42 16.11 13.18
C PHE F 163 -49.36 17.00 12.58
N SER F 164 -49.70 17.79 11.57
CA SER F 164 -48.75 18.69 10.94
C SER F 164 -48.49 19.94 11.83
N LYS F 165 -47.50 20.78 11.45
CA LYS F 165 -47.16 22.01 12.15
C LYS F 165 -48.39 22.92 12.33
N ASN F 166 -49.18 23.07 11.26
CA ASN F 166 -50.37 23.92 11.30
C ASN F 166 -51.52 23.28 12.06
N ASP F 167 -51.56 21.94 12.13
CA ASP F 167 -52.59 21.20 12.86
C ASP F 167 -52.39 21.35 14.39
N VAL F 168 -51.14 21.53 14.83
CA VAL F 168 -50.79 21.76 16.23
C VAL F 168 -51.16 23.19 16.59
N PHE F 169 -50.86 24.15 15.71
CA PHE F 169 -51.18 25.55 15.95
C PHE F 169 -52.70 25.78 15.99
N GLU F 170 -53.45 25.21 15.02
CA GLU F 170 -54.89 25.40 14.93
C GLU F 170 -55.63 24.82 16.12
N LEU F 171 -55.26 23.61 16.56
CA LEU F 171 -55.89 23.00 17.73
C LEU F 171 -55.56 23.79 19.00
N SER F 172 -54.32 24.34 19.10
CA SER F 172 -53.90 25.16 20.24
C SER F 172 -54.76 26.42 20.34
N ASN F 173 -55.08 27.04 19.19
CA ASN F 173 -55.92 28.23 19.16
C ASN F 173 -57.32 27.92 19.66
N TYR F 174 -57.86 26.75 19.27
CA TYR F 174 -59.19 26.32 19.69
C TYR F 174 -59.21 26.06 21.20
N LEU F 175 -58.13 25.47 21.74
CA LEU F 175 -58.07 25.18 23.17
C LEU F 175 -57.62 26.36 24.04
N LYS F 176 -57.46 27.56 23.43
CA LYS F 176 -57.03 28.81 24.08
C LYS F 176 -55.63 28.71 24.71
N ILE F 177 -54.74 27.97 24.05
CA ILE F 177 -53.36 27.80 24.47
C ILE F 177 -52.51 28.81 23.69
N ASP F 178 -51.91 29.76 24.41
CA ASP F 178 -51.09 30.82 23.81
C ASP F 178 -49.83 30.26 23.18
N ILE F 179 -49.41 30.85 22.07
CA ILE F 179 -48.21 30.41 21.37
C ILE F 179 -47.03 31.21 21.93
N PRO F 180 -46.07 30.53 22.60
CA PRO F 180 -44.96 31.26 23.22
C PRO F 180 -43.79 31.54 22.27
N LYS F 181 -42.82 32.36 22.71
CA LYS F 181 -41.64 32.64 21.89
C LYS F 181 -40.73 31.40 21.88
N LYS F 182 -40.12 31.07 20.72
CA LYS F 182 -39.25 29.91 20.59
C LYS F 182 -37.92 30.03 21.36
N ASP F 183 -37.94 29.63 22.64
CA ASP F 183 -36.74 29.66 23.47
C ASP F 183 -35.91 28.44 23.07
N THR F 184 -34.67 28.66 22.57
CA THR F 184 -33.80 27.57 22.12
C THR F 184 -32.67 27.26 23.12
N CYS F 185 -32.19 25.98 23.16
CA CYS F 185 -31.12 25.52 24.06
C CYS F 185 -29.80 26.26 23.84
N MET F 186 -29.09 26.55 24.94
CA MET F 186 -27.81 27.26 24.90
C MET F 186 -26.65 26.39 24.40
N ALA F 187 -26.76 25.05 24.57
CA ALA F 187 -25.73 24.12 24.14
C ALA F 187 -25.42 24.25 22.65
N THR F 188 -26.43 24.61 21.84
CA THR F 188 -26.29 24.80 20.40
C THR F 188 -25.30 25.89 20.03
N ARG F 189 -25.15 26.90 20.89
CA ARG F 189 -24.20 27.98 20.66
C ARG F 189 -22.75 27.45 20.72
N ILE F 190 -22.49 26.39 21.52
CA ILE F 190 -21.17 25.78 21.69
C ILE F 190 -20.74 24.95 20.48
N LEU F 191 -19.77 25.45 19.72
CA LEU F 191 -19.23 24.78 18.53
C LEU F 191 -17.88 24.09 18.79
N SER F 192 -17.28 24.28 19.97
CA SER F 192 -16.01 23.67 20.30
C SER F 192 -16.10 23.05 21.67
N ALA F 193 -15.67 21.79 21.80
CA ALA F 193 -15.68 21.11 23.08
C ALA F 193 -14.79 21.83 24.11
N PRO F 194 -15.21 21.92 25.37
CA PRO F 194 -16.39 21.30 25.96
C PRO F 194 -17.58 22.24 26.13
N ILE F 195 -18.76 21.66 26.35
CA ILE F 195 -19.98 22.42 26.60
C ILE F 195 -19.96 22.75 28.08
N SER F 196 -19.41 23.92 28.42
CA SER F 196 -19.30 24.30 29.82
C SER F 196 -20.37 25.29 30.21
N LYS F 197 -20.70 25.33 31.50
CA LYS F 197 -21.69 26.25 32.04
C LYS F 197 -21.26 27.71 31.79
N GLU F 198 -19.94 27.99 31.81
CA GLU F 198 -19.35 29.31 31.58
C GLU F 198 -19.35 29.65 30.09
N ASN F 199 -19.06 28.65 29.25
CA ASN F 199 -19.03 28.80 27.79
C ASN F 199 -20.40 29.19 27.28
N MET F 200 -21.45 28.59 27.83
CA MET F 200 -22.83 28.88 27.46
C MET F 200 -23.21 30.26 28.00
N ALA F 201 -22.80 30.60 29.22
CA ALA F 201 -23.06 31.90 29.81
C ALA F 201 -22.45 33.02 28.98
N LYS F 202 -21.24 32.81 28.44
CA LYS F 202 -20.56 33.79 27.60
C LYS F 202 -21.41 34.12 26.36
N SER F 203 -22.00 33.10 25.76
CA SER F 203 -22.86 33.27 24.59
C SER F 203 -24.18 33.94 24.98
N ASN F 204 -24.79 33.50 26.09
CA ASN F 204 -26.04 34.03 26.61
C ASN F 204 -25.97 35.52 26.89
N LEU F 205 -24.89 35.98 27.53
CA LEU F 205 -24.73 37.39 27.83
C LEU F 205 -24.53 38.19 26.55
N ALA F 206 -23.75 37.66 25.61
CA ALA F 206 -23.50 38.33 24.35
C ALA F 206 -24.79 38.49 23.55
N GLU F 207 -25.64 37.46 23.57
CA GLU F 207 -26.93 37.53 22.87
C GLU F 207 -27.82 38.55 23.55
N GLU F 208 -27.94 38.51 24.89
CA GLU F 208 -28.75 39.44 25.67
C GLU F 208 -28.32 40.88 25.48
N PHE F 209 -27.01 41.11 25.33
CA PHE F 209 -26.49 42.46 25.14
C PHE F 209 -26.89 43.03 23.78
N ILE F 210 -26.64 42.26 22.70
CA ILE F 210 -26.96 42.71 21.34
C ILE F 210 -28.47 42.86 21.14
N LYS F 211 -29.24 41.93 21.70
CA LYS F 211 -30.70 41.96 21.58
C LYS F 211 -31.31 43.15 22.34
N LEU F 212 -30.69 43.56 23.46
CA LEU F 212 -31.24 44.67 24.26
C LEU F 212 -30.74 46.04 23.83
N ASN F 213 -29.45 46.17 23.56
CA ASN F 213 -28.86 47.45 23.17
C ASN F 213 -29.11 47.81 21.72
N PHE F 214 -29.17 46.81 20.84
CA PHE F 214 -29.34 47.08 19.40
C PHE F 214 -30.69 46.63 18.82
N HIS F 215 -31.55 46.05 19.68
CA HIS F 215 -32.92 45.63 19.40
C HIS F 215 -33.04 44.62 18.26
N ILE F 216 -32.27 43.52 18.35
CA ILE F 216 -32.36 42.46 17.36
C ILE F 216 -33.46 41.49 17.83
N GLU F 217 -34.71 41.86 17.57
CA GLU F 217 -35.92 41.12 17.96
C GLU F 217 -35.95 39.70 17.39
N SER F 218 -35.62 39.56 16.09
CA SER F 218 -35.62 38.26 15.42
C SER F 218 -34.29 37.49 15.59
N TYR F 219 -34.24 36.22 15.10
CA TYR F 219 -33.13 35.27 15.12
C TYR F 219 -31.74 35.89 15.29
N LEU F 220 -31.11 35.56 16.42
CA LEU F 220 -29.77 36.04 16.76
C LEU F 220 -29.03 34.94 17.50
N ARG F 221 -27.77 34.72 17.11
CA ARG F 221 -26.95 33.70 17.75
C ARG F 221 -25.52 34.21 17.95
N VAL F 222 -24.92 33.89 19.10
CA VAL F 222 -23.53 34.22 19.35
C VAL F 222 -22.84 32.89 19.66
N ARG F 223 -22.29 32.26 18.63
CA ARG F 223 -21.67 30.95 18.76
C ARG F 223 -20.30 31.05 19.42
N TYR F 224 -19.91 30.00 20.15
CA TYR F 224 -18.62 29.89 20.83
C TYR F 224 -17.74 28.92 20.05
N LEU F 225 -16.62 29.39 19.52
CA LEU F 225 -15.68 28.52 18.81
C LEU F 225 -14.28 28.80 19.32
N GLU F 226 -13.90 28.16 20.44
CA GLU F 226 -12.63 28.39 21.14
C GLU F 226 -12.44 29.86 21.43
N ASN F 227 -13.36 30.40 22.24
CA ASN F 227 -13.44 31.79 22.67
C ASN F 227 -13.59 32.78 21.52
N ILE F 228 -14.09 32.34 20.37
CA ILE F 228 -14.33 33.25 19.25
C ILE F 228 -15.83 33.38 19.09
N ALA F 229 -16.34 34.60 19.22
CA ALA F 229 -17.78 34.85 19.14
C ALA F 229 -18.20 34.98 17.69
N ILE F 230 -19.06 34.08 17.20
CA ILE F 230 -19.55 34.16 15.83
C ILE F 230 -20.98 34.65 15.86
N ILE F 231 -21.24 35.89 15.40
CA ILE F 231 -22.57 36.46 15.42
C ILE F 231 -23.38 36.13 14.15
N GLU F 232 -24.46 35.38 14.31
CA GLU F 232 -25.37 35.00 13.24
C GLU F 232 -26.63 35.88 13.33
N LEU F 233 -26.99 36.53 12.23
CA LEU F 233 -28.07 37.51 12.18
C LEU F 233 -29.25 37.11 11.27
N THR F 234 -30.28 37.98 11.21
CA THR F 234 -31.43 37.86 10.32
C THR F 234 -31.16 38.78 9.12
N LYS F 235 -31.59 38.39 7.92
CA LYS F 235 -31.37 39.20 6.72
C LYS F 235 -31.89 40.64 6.84
N ASN F 236 -33.08 40.82 7.42
CA ASN F 236 -33.67 42.14 7.59
C ASN F 236 -33.23 42.86 8.87
N GLU F 237 -32.63 42.13 9.83
CA GLU F 237 -32.11 42.71 11.08
C GLU F 237 -30.73 43.38 10.89
N SER F 238 -30.01 43.00 9.82
CA SER F 238 -28.69 43.45 9.40
C SER F 238 -28.38 44.95 9.60
N GLU F 239 -29.25 45.83 9.09
CA GLU F 239 -29.12 47.28 9.14
C GLU F 239 -28.84 47.87 10.54
N LYS F 240 -29.40 47.24 11.58
CA LYS F 240 -29.29 47.68 12.98
C LYS F 240 -27.87 47.64 13.56
N ILE F 241 -26.96 46.92 12.90
CA ILE F 241 -25.58 46.74 13.37
C ILE F 241 -24.55 47.18 12.31
N PHE F 242 -24.92 48.07 11.37
CA PHE F 242 -23.97 48.46 10.33
C PHE F 242 -23.20 49.73 10.63
N ASP F 243 -23.62 50.56 11.60
CA ASP F 243 -22.83 51.76 11.92
C ASP F 243 -21.62 51.36 12.79
N ASN F 244 -20.44 51.94 12.48
CA ASN F 244 -19.17 51.64 13.13
C ASN F 244 -19.19 51.84 14.65
N ASP F 245 -20.10 52.68 15.15
CA ASP F 245 -20.25 52.92 16.59
C ASP F 245 -20.88 51.71 17.27
N SER F 246 -21.80 51.01 16.57
CA SER F 246 -22.44 49.80 17.10
C SER F 246 -21.46 48.63 17.04
N ILE F 247 -20.68 48.54 15.95
CA ILE F 247 -19.70 47.48 15.75
C ILE F 247 -18.61 47.57 16.81
N GLU F 248 -18.16 48.79 17.13
CA GLU F 248 -17.15 49.00 18.16
C GLU F 248 -17.69 48.61 19.53
N ARG F 249 -18.93 49.01 19.84
CA ARG F 249 -19.58 48.69 21.12
C ARG F 249 -19.76 47.20 21.31
N ILE F 250 -20.10 46.47 20.23
CA ILE F 250 -20.29 45.03 20.28
C ILE F 250 -18.95 44.32 20.48
N ASN F 251 -17.95 44.67 19.65
CA ASN F 251 -16.62 44.08 19.72
C ASN F 251 -15.99 44.30 21.10
N THR F 252 -16.15 45.51 21.66
CA THR F 252 -15.62 45.88 22.96
C THR F 252 -16.30 45.13 24.12
N GLU F 253 -17.63 45.17 24.19
CA GLU F 253 -18.39 44.50 25.26
C GLU F 253 -18.27 42.98 25.22
N LEU F 254 -18.20 42.39 24.02
CA LEU F 254 -18.07 40.94 23.90
C LEU F 254 -16.71 40.46 24.36
N LYS F 255 -15.65 41.23 24.09
CA LYS F 255 -14.32 40.87 24.56
C LYS F 255 -14.24 41.01 26.10
N LYS F 256 -15.00 41.95 26.70
CA LYS F 256 -15.09 42.16 28.14
C LYS F 256 -15.75 40.94 28.82
N ILE F 257 -16.73 40.32 28.15
CA ILE F 257 -17.41 39.12 28.63
C ILE F 257 -16.39 37.98 28.82
N GLY F 258 -15.53 37.81 27.82
CA GLY F 258 -14.48 36.80 27.87
C GLY F 258 -13.96 36.37 26.52
N PHE F 259 -14.57 36.82 25.42
CA PHE F 259 -14.15 36.42 24.08
C PHE F 259 -12.81 36.97 23.63
N GLU F 260 -12.10 36.16 22.85
CA GLU F 260 -10.80 36.41 22.25
C GLU F 260 -10.94 37.24 20.97
N LYS F 261 -11.94 36.91 20.15
CA LYS F 261 -12.19 37.56 18.87
C LYS F 261 -13.69 37.68 18.65
N VAL F 262 -14.14 38.82 18.12
CA VAL F 262 -15.56 39.00 17.83
C VAL F 262 -15.73 39.07 16.32
N VAL F 263 -16.38 38.05 15.73
CA VAL F 263 -16.60 37.96 14.30
C VAL F 263 -18.09 37.86 13.93
N LEU F 264 -18.44 38.21 12.68
CA LEU F 264 -19.82 38.17 12.23
C LEU F 264 -19.98 37.24 11.03
N ASP F 265 -20.80 36.19 11.16
CA ASP F 265 -21.03 35.26 10.05
C ASP F 265 -21.79 35.98 8.94
N LEU F 266 -21.13 36.11 7.78
CA LEU F 266 -21.73 36.78 6.61
C LEU F 266 -22.82 35.96 5.90
N ASN F 267 -23.23 34.83 6.47
CA ASN F 267 -24.30 33.99 5.97
C ASN F 267 -25.53 34.39 6.78
N PHE F 268 -26.26 35.42 6.31
CA PHE F 268 -27.45 35.90 7.04
C PHE F 268 -28.62 34.95 6.79
N LYS F 269 -29.47 34.70 7.81
CA LYS F 269 -30.62 33.79 7.69
C LYS F 269 -31.71 34.24 6.64
N GLY F 270 -32.01 33.36 5.67
CA GLY F 270 -32.97 33.60 4.60
C GLY F 270 -34.24 34.36 4.96
N GLY G 18 23.31 65.14 10.03
CA GLY G 18 23.29 63.89 10.77
C GLY G 18 23.12 62.67 9.89
N LEU G 19 22.19 62.74 8.93
CA LEU G 19 21.92 61.64 8.00
C LEU G 19 23.09 61.40 7.04
N LEU G 20 23.81 62.47 6.66
CA LEU G 20 24.97 62.35 5.78
C LEU G 20 26.16 61.69 6.49
N GLU G 21 26.28 61.88 7.81
CA GLU G 21 27.31 61.25 8.65
C GLU G 21 27.11 59.72 8.72
N LYS G 22 25.85 59.26 8.64
CA LYS G 22 25.51 57.84 8.64
C LYS G 22 25.77 57.29 7.23
N TYR G 23 25.36 58.05 6.19
CA TYR G 23 25.52 57.68 4.79
C TYR G 23 26.99 57.47 4.43
N ASN G 24 27.85 58.41 4.81
CA ASN G 24 29.28 58.32 4.50
C ASN G 24 29.94 57.13 5.20
N SER G 25 29.51 56.81 6.43
CA SER G 25 30.04 55.67 7.19
C SER G 25 29.70 54.34 6.50
N LEU G 26 28.55 54.28 5.83
CA LEU G 26 28.06 53.13 5.08
C LEU G 26 28.95 52.86 3.86
N LEU G 27 29.34 53.92 3.12
CA LEU G 27 30.18 53.81 1.93
C LEU G 27 31.56 53.30 2.30
N GLU G 28 32.12 53.82 3.40
CA GLU G 28 33.42 53.45 3.92
C GLU G 28 33.44 51.99 4.36
N PHE G 29 32.34 51.51 4.94
CA PHE G 29 32.22 50.12 5.37
C PHE G 29 32.23 49.17 4.16
N PHE G 30 31.60 49.58 3.05
CA PHE G 30 31.53 48.73 1.86
C PHE G 30 32.80 48.69 1.02
N LYS G 31 33.72 49.65 1.22
CA LYS G 31 34.95 49.70 0.45
C LYS G 31 35.79 48.43 0.54
N ASN G 32 36.12 47.86 -0.64
CA ASN G 32 36.94 46.67 -0.86
C ASN G 32 36.35 45.37 -0.25
N LYS G 33 35.03 45.33 -0.08
CA LYS G 33 34.38 44.14 0.46
C LYS G 33 33.47 43.48 -0.58
N LYS G 34 33.35 42.15 -0.52
CA LYS G 34 32.48 41.41 -1.41
C LYS G 34 31.21 41.18 -0.60
N VAL G 35 30.14 41.91 -0.92
CA VAL G 35 28.92 41.88 -0.12
C VAL G 35 27.74 41.13 -0.74
N ILE G 36 27.15 40.18 0.00
CA ILE G 36 25.92 39.51 -0.44
C ILE G 36 24.80 40.12 0.39
N VAL G 37 23.82 40.74 -0.29
CA VAL G 37 22.74 41.42 0.42
C VAL G 37 21.49 40.57 0.41
N ALA G 38 20.83 40.45 1.57
CA ALA G 38 19.57 39.72 1.67
C ALA G 38 18.51 40.62 1.08
N TYR G 39 18.34 40.56 -0.24
CA TYR G 39 17.44 41.43 -0.97
C TYR G 39 16.03 40.86 -1.12
N SER G 40 15.03 41.62 -0.72
CA SER G 40 13.64 41.20 -0.79
C SER G 40 12.77 42.06 -1.71
N GLY G 41 13.15 43.32 -1.87
CA GLY G 41 12.38 44.27 -2.66
C GLY G 41 11.95 45.45 -1.82
N GLY G 42 11.68 45.20 -0.54
CA GLY G 42 11.25 46.20 0.45
C GLY G 42 12.24 47.33 0.60
N VAL G 43 11.70 48.52 0.86
CA VAL G 43 12.40 49.80 0.99
C VAL G 43 13.80 49.71 1.62
N ASP G 44 13.92 49.08 2.80
CA ASP G 44 15.17 48.94 3.55
C ASP G 44 16.16 48.03 2.84
N SER G 45 15.65 46.92 2.29
CA SER G 45 16.45 45.92 1.58
C SER G 45 17.05 46.51 0.29
N THR G 46 16.26 47.32 -0.44
CA THR G 46 16.66 47.96 -1.70
C THR G 46 17.66 49.07 -1.47
N LEU G 47 17.46 49.86 -0.39
CA LEU G 47 18.31 50.98 -0.04
C LEU G 47 19.76 50.58 0.14
N ILE G 48 20.03 49.56 0.98
CA ILE G 48 21.38 49.07 1.24
C ILE G 48 21.96 48.44 -0.02
N SER G 49 21.15 47.66 -0.75
CA SER G 49 21.54 46.99 -1.98
C SER G 49 22.12 47.96 -2.99
N LYS G 50 21.47 49.12 -3.17
CA LYS G 50 21.94 50.12 -4.10
C LYS G 50 23.26 50.72 -3.65
N ILE G 51 23.36 51.10 -2.36
CA ILE G 51 24.56 51.70 -1.77
C ILE G 51 25.79 50.79 -1.94
N ALA G 52 25.60 49.50 -1.73
CA ALA G 52 26.66 48.51 -1.86
C ALA G 52 27.05 48.27 -3.31
N SER G 53 26.09 48.33 -4.24
CA SER G 53 26.39 48.14 -5.66
C SER G 53 27.25 49.28 -6.21
N ASP G 54 27.08 50.50 -5.66
CA ASP G 54 27.81 51.69 -6.09
C ASP G 54 29.30 51.68 -5.71
N ASN G 55 29.65 50.98 -4.62
CA ASN G 55 31.04 51.01 -4.16
C ASN G 55 31.72 49.64 -4.05
N ALA G 56 30.93 48.58 -3.97
CA ALA G 56 31.45 47.24 -3.78
C ALA G 56 30.93 46.22 -4.80
N GLN G 57 31.67 45.09 -4.95
CA GLN G 57 31.27 43.96 -5.79
C GLN G 57 30.14 43.31 -4.99
N THR G 58 28.89 43.64 -5.33
CA THR G 58 27.73 43.22 -4.56
C THR G 58 26.69 42.38 -5.34
N LEU G 59 26.16 41.34 -4.68
CA LEU G 59 25.11 40.51 -5.26
C LEU G 59 23.88 40.52 -4.34
N ALA G 60 22.75 40.98 -4.86
CA ALA G 60 21.48 41.03 -4.14
C ALA G 60 20.83 39.66 -4.31
N VAL G 61 20.76 38.86 -3.24
CA VAL G 61 20.19 37.52 -3.32
C VAL G 61 18.76 37.47 -2.80
N THR G 62 17.83 36.94 -3.60
CA THR G 62 16.44 36.82 -3.20
C THR G 62 16.08 35.36 -3.10
N ILE G 63 15.72 34.88 -1.90
CA ILE G 63 15.34 33.47 -1.73
C ILE G 63 13.82 33.34 -1.82
N ASP G 64 13.32 32.59 -2.81
CA ASP G 64 11.88 32.39 -2.95
C ASP G 64 11.45 31.07 -2.35
N ASN G 65 11.01 31.10 -1.09
CA ASN G 65 10.55 29.88 -0.41
C ASN G 65 9.09 29.50 -0.72
N GLY G 66 8.36 30.39 -1.38
CA GLY G 66 6.97 30.17 -1.73
C GLY G 66 5.99 31.04 -0.96
N PHE G 67 6.49 31.82 0.01
CA PHE G 67 5.63 32.68 0.83
C PHE G 67 5.18 33.95 0.13
N PHE G 68 5.79 34.31 -1.00
CA PHE G 68 5.41 35.51 -1.73
C PHE G 68 5.02 35.15 -3.16
N SER G 69 3.96 35.78 -3.67
CA SER G 69 3.44 35.52 -5.01
C SER G 69 4.46 35.86 -6.11
N GLU G 70 4.26 35.29 -7.31
CA GLU G 70 5.13 35.50 -8.47
C GLU G 70 5.30 36.98 -8.76
N ASN G 71 4.20 37.75 -8.61
CA ASN G 71 4.15 39.19 -8.84
C ASN G 71 5.09 39.95 -7.90
N VAL G 72 5.18 39.52 -6.64
CA VAL G 72 6.07 40.15 -5.66
C VAL G 72 7.54 39.89 -6.00
N ILE G 73 7.84 38.69 -6.49
CA ILE G 73 9.19 38.34 -6.89
C ILE G 73 9.58 39.09 -8.16
N LYS G 74 8.64 39.20 -9.12
CA LYS G 74 8.83 39.95 -10.36
C LYS G 74 9.12 41.42 -10.04
N LYS G 75 8.39 42.00 -9.06
CA LYS G 75 8.58 43.39 -8.61
C LYS G 75 9.97 43.58 -8.01
N ALA G 76 10.45 42.61 -7.23
CA ALA G 76 11.78 42.68 -6.63
C ALA G 76 12.84 42.59 -7.72
N GLU G 77 12.65 41.72 -8.71
CA GLU G 77 13.59 41.57 -9.81
C GLU G 77 13.63 42.84 -10.66
N ASN G 78 12.46 43.41 -10.96
CA ASN G 78 12.31 44.63 -11.76
C ASN G 78 12.82 45.89 -11.06
N ARG G 79 12.94 45.86 -9.72
CA ARG G 79 13.48 46.98 -8.98
C ARG G 79 15.02 46.92 -9.09
N ALA G 80 15.61 45.73 -8.87
CA ALA G 80 17.05 45.55 -8.98
C ALA G 80 17.53 45.81 -10.40
N LYS G 81 16.78 45.35 -11.40
CA LYS G 81 17.11 45.57 -12.81
C LYS G 81 17.02 47.07 -13.20
N LYS G 82 16.11 47.81 -12.54
CA LYS G 82 15.90 49.25 -12.74
C LYS G 82 17.06 50.03 -12.11
N TYR G 83 17.46 49.68 -10.88
CA TYR G 83 18.54 50.37 -10.19
C TYR G 83 19.93 49.75 -10.42
N ASN G 84 20.08 48.96 -11.50
CA ASN G 84 21.32 48.29 -11.92
C ASN G 84 22.06 47.57 -10.78
N ILE G 85 21.28 46.91 -9.89
CA ILE G 85 21.77 46.14 -8.76
C ILE G 85 21.85 44.69 -9.19
N PRO G 86 23.06 44.08 -9.20
CA PRO G 86 23.18 42.68 -9.62
C PRO G 86 22.35 41.77 -8.73
N GLN G 87 21.34 41.08 -9.28
CA GLN G 87 20.45 40.25 -8.49
C GLN G 87 20.19 38.86 -9.06
N LYS G 88 20.21 37.84 -8.19
CA LYS G 88 19.94 36.47 -8.54
C LYS G 88 18.87 35.91 -7.60
N THR G 89 17.80 35.32 -8.15
CA THR G 89 16.69 34.76 -7.35
C THR G 89 16.82 33.24 -7.30
N ILE G 90 16.65 32.65 -6.09
CA ILE G 90 16.77 31.21 -5.92
C ILE G 90 15.47 30.60 -5.42
N LYS G 91 14.83 29.74 -6.24
CA LYS G 91 13.60 29.08 -5.83
C LYS G 91 13.94 27.90 -4.97
N ILE G 92 13.27 27.77 -3.83
CA ILE G 92 13.57 26.72 -2.88
C ILE G 92 12.33 25.88 -2.52
N ASP G 93 12.52 24.57 -2.37
CA ASP G 93 11.45 23.69 -1.96
C ASP G 93 11.49 23.72 -0.44
N TYR G 94 10.83 24.70 0.16
CA TYR G 94 10.84 24.87 1.61
C TYR G 94 9.67 24.22 2.30
N LEU G 95 8.46 24.29 1.74
CA LEU G 95 7.27 23.76 2.39
C LEU G 95 7.40 22.35 2.99
N ASN G 96 7.87 21.33 2.24
CA ASN G 96 8.10 19.97 2.76
C ASN G 96 6.94 19.44 3.66
N GLU G 97 7.23 18.58 4.66
CA GLU G 97 6.20 18.04 5.54
C GLU G 97 6.48 18.46 6.98
N ILE G 98 7.74 18.40 7.41
CA ILE G 98 8.12 18.78 8.77
C ILE G 98 8.13 20.29 8.96
N THR G 99 8.59 21.00 7.94
CA THR G 99 8.67 22.45 7.92
C THR G 99 7.28 23.12 7.86
N SER G 100 6.30 22.47 7.21
CA SER G 100 4.98 23.06 7.07
C SER G 100 4.12 22.98 8.33
N LYS G 101 4.36 22.00 9.21
CA LYS G 101 3.55 21.88 10.43
C LYS G 101 4.16 22.60 11.65
N ASP G 102 4.70 23.83 11.46
CA ASP G 102 5.24 24.57 12.62
C ASP G 102 4.42 25.81 13.00
N LEU G 103 3.83 25.70 14.20
CA LEU G 103 3.00 26.67 14.92
C LEU G 103 3.78 28.00 15.20
N GLU G 104 4.05 28.36 16.48
CA GLU G 104 4.80 29.57 16.79
C GLU G 104 6.28 29.25 16.70
N ASN G 105 6.79 29.24 15.47
CA ASN G 105 8.19 28.96 15.15
C ASN G 105 8.43 29.13 13.64
N ARG G 106 7.40 28.93 12.78
CA ARG G 106 7.49 29.02 11.31
C ARG G 106 8.16 30.30 10.76
N CYS G 107 8.20 31.40 11.55
CA CYS G 107 8.86 32.63 11.11
C CYS G 107 10.37 32.49 11.27
N TYR G 108 10.80 31.97 12.43
CA TYR G 108 12.20 31.67 12.75
C TYR G 108 12.71 30.62 11.76
N ASN G 109 11.91 29.59 11.49
CA ASN G 109 12.30 28.54 10.56
C ASN G 109 12.41 29.08 9.13
N CYS G 110 11.58 30.07 8.76
CA CYS G 110 11.63 30.68 7.44
C CYS G 110 12.98 31.39 7.25
N LYS G 111 13.30 32.36 8.12
CA LYS G 111 14.54 33.11 7.98
C LYS G 111 15.77 32.28 8.32
N LYS G 112 15.62 31.17 9.06
CA LYS G 112 16.76 30.31 9.36
C LYS G 112 17.21 29.59 8.10
N ARG G 113 16.25 29.09 7.30
CA ARG G 113 16.56 28.42 6.03
C ARG G 113 17.11 29.41 5.01
N ILE G 114 16.63 30.66 5.04
CA ILE G 114 17.12 31.69 4.13
C ILE G 114 18.57 32.01 4.48
N ALA G 115 18.86 32.24 5.76
CA ALA G 115 20.22 32.52 6.24
C ALA G 115 21.18 31.35 5.91
N GLU G 116 20.67 30.12 5.97
CA GLU G 116 21.42 28.91 5.64
C GLU G 116 21.88 28.96 4.17
N GLU G 117 21.00 29.46 3.28
CA GLU G 117 21.28 29.55 1.86
C GLU G 117 22.23 30.68 1.55
N LEU G 118 22.01 31.87 2.15
CA LEU G 118 22.88 33.01 1.94
C LEU G 118 24.31 32.70 2.38
N LYS G 119 24.46 31.95 3.50
CA LYS G 119 25.76 31.53 4.01
C LYS G 119 26.45 30.58 3.02
N ARG G 120 25.68 29.72 2.33
CA ARG G 120 26.21 28.81 1.33
C ARG G 120 26.72 29.60 0.13
N ILE G 121 25.91 30.54 -0.37
CA ILE G 121 26.26 31.37 -1.52
C ILE G 121 27.55 32.16 -1.27
N LYS G 122 27.66 32.78 -0.09
CA LYS G 122 28.84 33.54 0.29
C LYS G 122 30.10 32.67 0.28
N ASN G 123 30.00 31.45 0.81
CA ASN G 123 31.13 30.53 0.87
C ASN G 123 31.51 29.97 -0.50
N GLU G 124 30.51 29.75 -1.38
CA GLU G 124 30.79 29.24 -2.72
C GLU G 124 31.41 30.33 -3.60
N LEU G 125 30.94 31.58 -3.43
CA LEU G 125 31.47 32.74 -4.15
C LEU G 125 32.75 33.32 -3.52
N ASN G 126 33.14 32.85 -2.32
CA ASN G 126 34.30 33.31 -1.54
C ASN G 126 34.18 34.81 -1.20
N TYR G 127 32.94 35.25 -0.93
CA TYR G 127 32.61 36.63 -0.57
C TYR G 127 32.94 36.88 0.91
N ASP G 128 33.07 38.16 1.28
CA ASP G 128 33.45 38.52 2.65
C ASP G 128 32.30 38.54 3.66
N ILE G 129 31.24 39.35 3.40
CA ILE G 129 30.15 39.50 4.37
C ILE G 129 28.75 39.33 3.78
N ILE G 130 27.73 39.21 4.66
CA ILE G 130 26.31 39.13 4.29
C ILE G 130 25.58 40.20 5.08
N VAL G 131 24.89 41.12 4.42
CA VAL G 131 24.16 42.18 5.12
C VAL G 131 22.65 42.12 4.88
N ASP G 132 21.87 42.68 5.81
CA ASP G 132 20.42 42.71 5.70
C ASP G 132 19.84 44.08 6.06
N GLY G 133 18.64 44.32 5.58
CA GLY G 133 17.93 45.56 5.79
C GLY G 133 17.21 45.62 7.11
N THR G 134 17.94 45.39 8.20
CA THR G 134 17.35 45.51 9.52
C THR G 134 17.69 46.90 10.03
N ILE G 135 16.65 47.72 10.21
CA ILE G 135 16.85 49.09 10.69
C ILE G 135 16.94 49.12 12.23
N TYR G 136 17.30 50.27 12.79
CA TYR G 136 17.43 50.46 14.23
C TYR G 136 16.08 50.29 14.92
N ASP G 137 15.00 50.82 14.34
CA ASP G 137 13.67 50.69 14.93
C ASP G 137 13.20 49.25 15.01
N ASP G 138 13.66 48.40 14.08
CA ASP G 138 13.32 46.97 14.00
C ASP G 138 13.83 46.15 15.21
N ILE G 139 14.80 46.69 15.98
CA ILE G 139 15.33 45.97 17.14
C ILE G 139 14.47 46.13 18.41
N PHE G 140 13.46 47.01 18.39
CA PHE G 140 12.60 47.20 19.56
C PHE G 140 11.22 46.56 19.41
N GLU G 141 11.15 45.49 18.62
CA GLU G 141 9.94 44.71 18.35
C GLU G 141 10.33 43.23 18.38
N ASP G 142 9.47 42.35 18.95
CA ASP G 142 9.76 40.91 18.99
C ASP G 142 9.66 40.37 17.58
N ARG G 143 10.80 40.27 16.91
CA ARG G 143 10.89 39.81 15.53
C ARG G 143 11.78 38.58 15.42
N PRO G 144 11.19 37.37 15.52
CA PRO G 144 12.01 36.15 15.45
C PRO G 144 12.68 35.86 14.10
N GLY G 145 12.36 36.64 13.07
CA GLY G 145 13.03 36.50 11.78
C GLY G 145 14.47 36.94 11.92
N ILE G 146 14.67 38.10 12.58
CA ILE G 146 16.00 38.68 12.86
C ILE G 146 16.76 37.90 13.96
N LYS G 147 16.06 37.07 14.75
CA LYS G 147 16.68 36.26 15.77
C LYS G 147 17.50 35.18 15.05
N ALA G 148 16.87 34.47 14.09
CA ALA G 148 17.52 33.43 13.29
C ALA G 148 18.62 34.00 12.38
N PHE G 149 18.45 35.24 11.93
CA PHE G 149 19.40 35.92 11.09
C PHE G 149 20.69 36.25 11.84
N ASN G 150 20.58 36.98 12.97
CA ASN G 150 21.77 37.35 13.74
C ASN G 150 22.44 36.14 14.45
N GLU G 151 21.86 34.94 14.33
CA GLU G 151 22.49 33.71 14.81
C GLU G 151 23.56 33.31 13.79
N SER G 152 23.27 33.48 12.48
CA SER G 152 24.16 33.14 11.37
C SER G 152 25.15 34.26 11.01
N ASN G 153 25.39 35.21 11.94
CA ASN G 153 26.35 36.30 11.79
C ASN G 153 26.07 37.22 10.60
N ILE G 154 24.82 37.64 10.46
CA ILE G 154 24.43 38.55 9.39
C ILE G 154 24.44 39.96 9.94
N ILE G 155 25.26 40.82 9.32
CA ILE G 155 25.42 42.21 9.74
C ILE G 155 24.24 43.06 9.33
N SER G 156 23.63 43.79 10.27
CA SER G 156 22.53 44.68 9.96
C SER G 156 23.15 46.07 10.03
N PRO G 157 23.62 46.65 8.89
CA PRO G 157 24.34 47.93 8.97
C PRO G 157 23.47 49.13 9.32
N LEU G 158 22.20 49.09 8.93
CA LEU G 158 21.28 50.18 9.23
C LEU G 158 21.03 50.26 10.73
N SER G 159 20.87 49.10 11.38
CA SER G 159 20.67 49.02 12.83
C SER G 159 21.93 49.47 13.55
N ASN G 160 23.11 49.07 13.05
CA ASN G 160 24.39 49.45 13.64
C ASN G 160 24.62 50.96 13.53
N LEU G 161 24.10 51.60 12.47
CA LEU G 161 24.24 53.05 12.30
C LEU G 161 23.01 53.85 12.76
N LYS G 162 22.14 53.25 13.59
CA LYS G 162 20.96 53.86 14.19
C LYS G 162 20.00 54.52 13.18
N PHE G 163 19.72 53.84 12.06
CA PHE G 163 18.79 54.35 11.05
C PHE G 163 17.33 54.17 11.46
N SER G 164 16.59 55.26 11.65
CA SER G 164 15.16 55.17 11.98
C SER G 164 14.31 54.97 10.70
N LYS G 165 12.99 54.74 10.85
CA LYS G 165 12.08 54.52 9.71
C LYS G 165 12.08 55.70 8.75
N ASN G 166 12.02 56.92 9.28
CA ASN G 166 12.01 58.12 8.45
C ASN G 166 13.38 58.45 7.86
N ASP G 167 14.48 57.95 8.46
CA ASP G 167 15.83 58.14 7.92
C ASP G 167 15.98 57.32 6.64
N VAL G 168 15.42 56.10 6.63
CA VAL G 168 15.43 55.19 5.50
C VAL G 168 14.61 55.78 4.36
N PHE G 169 13.44 56.36 4.67
CA PHE G 169 12.61 57.00 3.67
C PHE G 169 13.30 58.23 3.08
N GLU G 170 13.86 59.11 3.94
CA GLU G 170 14.51 60.33 3.47
C GLU G 170 15.71 60.08 2.60
N LEU G 171 16.58 59.13 2.99
CA LEU G 171 17.75 58.78 2.18
C LEU G 171 17.33 58.13 0.86
N SER G 172 16.25 57.33 0.87
CA SER G 172 15.70 56.68 -0.32
C SER G 172 15.23 57.73 -1.33
N ASN G 173 14.63 58.83 -0.85
CA ASN G 173 14.18 59.91 -1.71
C ASN G 173 15.37 60.61 -2.36
N TYR G 174 16.45 60.81 -1.59
CA TYR G 174 17.66 61.45 -2.09
C TYR G 174 18.34 60.58 -3.14
N LEU G 175 18.34 59.26 -2.95
CA LEU G 175 18.95 58.35 -3.90
C LEU G 175 18.06 57.98 -5.10
N LYS G 176 16.86 58.60 -5.21
CA LYS G 176 15.86 58.40 -6.26
C LYS G 176 15.33 56.95 -6.32
N ILE G 177 15.21 56.33 -5.14
CA ILE G 177 14.68 54.98 -5.00
C ILE G 177 13.20 55.11 -4.63
N ASP G 178 12.32 54.62 -5.50
CA ASP G 178 10.88 54.69 -5.30
C ASP G 178 10.43 53.83 -4.13
N ILE G 179 9.42 54.30 -3.41
CA ILE G 179 8.88 53.57 -2.26
C ILE G 179 7.77 52.63 -2.73
N PRO G 180 7.95 51.31 -2.64
CA PRO G 180 6.93 50.38 -3.11
C PRO G 180 5.84 50.04 -2.10
N LYS G 181 4.76 49.38 -2.54
CA LYS G 181 3.66 48.97 -1.67
C LYS G 181 4.13 47.79 -0.79
N LYS G 182 3.72 47.76 0.48
CA LYS G 182 4.09 46.72 1.43
C LYS G 182 3.47 45.34 1.11
N ASP G 183 4.14 44.57 0.26
CA ASP G 183 3.70 43.23 -0.09
C ASP G 183 4.12 42.34 1.09
N THR G 184 3.15 41.76 1.82
CA THR G 184 3.48 40.92 2.98
C THR G 184 3.43 39.42 2.64
N CYS G 185 3.94 38.53 3.54
CA CYS G 185 3.95 37.09 3.26
C CYS G 185 2.57 36.47 3.35
N MET G 186 2.34 35.42 2.56
CA MET G 186 1.06 34.74 2.56
C MET G 186 0.84 33.87 3.80
N ALA G 187 1.93 33.40 4.42
CA ALA G 187 1.85 32.59 5.62
C ALA G 187 1.13 33.34 6.75
N THR G 188 1.31 34.67 6.81
CA THR G 188 0.75 35.63 7.79
C THR G 188 -0.73 35.42 8.04
N ARG G 189 -1.47 35.08 6.99
CA ARG G 189 -2.92 34.90 7.06
C ARG G 189 -3.28 33.59 7.77
N ILE G 190 -2.55 32.51 7.47
CA ILE G 190 -2.78 31.17 8.01
C ILE G 190 -2.69 31.15 9.55
N LEU G 191 -3.72 30.61 10.20
CA LEU G 191 -3.79 30.47 11.66
C LEU G 191 -4.04 29.00 12.06
N SER G 192 -3.69 28.05 11.18
CA SER G 192 -3.93 26.64 11.43
C SER G 192 -2.84 25.85 10.75
N ALA G 193 -2.14 25.01 11.50
CA ALA G 193 -1.11 24.16 10.94
C ALA G 193 -1.81 23.10 10.06
N PRO G 194 -1.25 22.80 8.88
CA PRO G 194 0.01 23.30 8.35
C PRO G 194 -0.14 24.55 7.50
N ILE G 195 0.98 25.03 7.00
CA ILE G 195 1.00 26.14 6.07
C ILE G 195 1.19 25.44 4.73
N SER G 196 0.13 25.42 3.89
CA SER G 196 0.22 24.75 2.60
C SER G 196 0.11 25.73 1.45
N LYS G 197 0.63 25.34 0.29
CA LYS G 197 0.55 26.18 -0.90
C LYS G 197 -0.91 26.45 -1.31
N GLU G 198 -1.82 25.49 -1.05
CA GLU G 198 -3.25 25.58 -1.34
C GLU G 198 -3.97 26.45 -0.31
N ASN G 199 -3.60 26.31 0.97
CA ASN G 199 -4.15 27.10 2.08
C ASN G 199 -3.91 28.58 1.83
N MET G 200 -2.69 28.92 1.37
CA MET G 200 -2.31 30.28 1.08
C MET G 200 -3.03 30.78 -0.16
N ALA G 201 -3.16 29.92 -1.18
CA ALA G 201 -3.88 30.25 -2.42
C ALA G 201 -5.33 30.60 -2.15
N LYS G 202 -5.99 29.86 -1.24
CA LYS G 202 -7.38 30.11 -0.86
C LYS G 202 -7.53 31.54 -0.30
N SER G 203 -6.58 31.96 0.53
CA SER G 203 -6.60 33.30 1.11
C SER G 203 -6.29 34.34 0.06
N ASN G 204 -5.29 34.09 -0.80
CA ASN G 204 -4.86 34.99 -1.86
C ASN G 204 -5.98 35.31 -2.83
N LEU G 205 -6.75 34.30 -3.25
CA LEU G 205 -7.86 34.52 -4.18
C LEU G 205 -8.96 35.30 -3.49
N ALA G 206 -9.25 35.00 -2.22
CA ALA G 206 -10.27 35.71 -1.47
C ALA G 206 -9.92 37.17 -1.31
N GLU G 207 -8.64 37.47 -1.06
CA GLU G 207 -8.18 38.84 -0.92
C GLU G 207 -8.29 39.56 -2.26
N GLU G 208 -7.81 38.93 -3.34
CA GLU G 208 -7.85 39.48 -4.69
C GLU G 208 -9.28 39.76 -5.15
N PHE G 209 -10.22 38.91 -4.75
CA PHE G 209 -11.62 39.08 -5.12
C PHE G 209 -12.24 40.29 -4.44
N ILE G 210 -12.09 40.40 -3.11
CA ILE G 210 -12.66 41.51 -2.35
C ILE G 210 -12.00 42.84 -2.72
N LYS G 211 -10.68 42.83 -2.93
CA LYS G 211 -9.95 44.04 -3.31
C LYS G 211 -10.31 44.52 -4.72
N LEU G 212 -10.65 43.60 -5.64
CA LEU G 212 -10.99 44.00 -7.01
C LEU G 212 -12.46 44.30 -7.22
N ASN G 213 -13.35 43.49 -6.66
CA ASN G 213 -14.78 43.68 -6.83
C ASN G 213 -15.35 44.76 -5.93
N PHE G 214 -14.79 44.93 -4.73
CA PHE G 214 -15.32 45.91 -3.78
C PHE G 214 -14.39 47.10 -3.50
N HIS G 215 -13.23 47.13 -4.17
CA HIS G 215 -12.24 48.19 -4.16
C HIS G 215 -11.70 48.54 -2.77
N ILE G 216 -11.25 47.51 -2.04
CA ILE G 216 -10.66 47.74 -0.73
C ILE G 216 -9.16 48.01 -0.94
N GLU G 217 -8.84 49.25 -1.33
CA GLU G 217 -7.49 49.69 -1.65
C GLU G 217 -6.49 49.54 -0.50
N SER G 218 -6.85 49.96 0.72
CA SER G 218 -5.92 49.93 1.85
C SER G 218 -5.52 48.48 2.30
N TYR G 219 -5.66 48.16 3.60
CA TYR G 219 -5.29 46.87 4.14
C TYR G 219 -6.47 45.94 4.09
N LEU G 220 -6.20 44.69 3.76
CA LEU G 220 -7.21 43.67 3.67
C LEU G 220 -6.59 42.33 3.97
N ARG G 221 -7.24 41.53 4.83
CA ARG G 221 -6.73 40.20 5.14
C ARG G 221 -7.85 39.18 5.15
N VAL G 222 -7.62 38.00 4.58
CA VAL G 222 -8.57 36.91 4.65
C VAL G 222 -7.84 35.77 5.32
N ARG G 223 -7.96 35.71 6.64
CA ARG G 223 -7.29 34.72 7.49
C ARG G 223 -7.87 33.33 7.27
N TYR G 224 -7.01 32.30 7.37
CA TYR G 224 -7.39 30.90 7.21
C TYR G 224 -7.41 30.28 8.61
N LEU G 225 -8.49 29.64 9.03
CA LEU G 225 -8.55 29.04 10.38
C LEU G 225 -9.31 27.76 10.31
N GLU G 226 -8.70 26.77 9.66
CA GLU G 226 -9.33 25.49 9.36
C GLU G 226 -10.50 25.73 8.43
N ASN G 227 -10.20 26.20 7.21
CA ASN G 227 -11.16 26.55 6.17
C ASN G 227 -12.17 27.62 6.60
N ILE G 228 -11.86 28.48 7.60
CA ILE G 228 -12.77 29.55 7.98
C ILE G 228 -12.11 30.85 7.59
N ALA G 229 -12.75 31.61 6.71
CA ALA G 229 -12.19 32.85 6.21
C ALA G 229 -12.51 33.98 7.16
N ILE G 230 -11.50 34.61 7.76
CA ILE G 230 -11.73 35.74 8.66
C ILE G 230 -11.31 37.02 7.97
N ILE G 231 -12.28 37.88 7.66
CA ILE G 231 -11.99 39.10 6.94
C ILE G 231 -11.68 40.29 7.83
N GLU G 232 -10.46 40.83 7.70
CA GLU G 232 -9.98 42.00 8.44
C GLU G 232 -9.84 43.14 7.44
N LEU G 233 -10.39 44.31 7.79
CA LEU G 233 -10.37 45.49 6.92
C LEU G 233 -10.14 46.80 7.69
N THR G 234 -9.91 47.90 6.96
CA THR G 234 -9.65 49.23 7.51
C THR G 234 -10.93 49.83 8.18
N LYS G 235 -10.77 50.86 9.02
CA LYS G 235 -11.90 51.58 9.61
C LYS G 235 -12.65 52.41 8.56
N ASN G 236 -11.93 53.15 7.71
CA ASN G 236 -12.60 53.95 6.67
C ASN G 236 -13.04 53.13 5.45
N GLU G 237 -12.50 51.93 5.27
CA GLU G 237 -12.86 51.01 4.18
C GLU G 237 -14.19 50.28 4.44
N SER G 238 -14.63 50.23 5.72
CA SER G 238 -15.80 49.52 6.24
C SER G 238 -17.10 49.66 5.45
N GLU G 239 -17.51 50.88 5.07
CA GLU G 239 -18.79 51.09 4.38
C GLU G 239 -18.88 50.45 2.98
N LYS G 240 -17.73 50.14 2.35
CA LYS G 240 -17.70 49.48 1.03
C LYS G 240 -18.29 48.08 1.02
N ILE G 241 -18.44 47.45 2.18
CA ILE G 241 -18.98 46.10 2.25
C ILE G 241 -20.20 45.97 3.16
N PHE G 242 -20.90 47.08 3.45
CA PHE G 242 -22.04 47.00 4.37
C PHE G 242 -23.37 46.68 3.72
N ASP G 243 -23.51 46.81 2.38
CA ASP G 243 -24.78 46.45 1.74
C ASP G 243 -24.89 44.91 1.64
N ASN G 244 -26.07 44.37 1.94
CA ASN G 244 -26.36 42.93 1.95
C ASN G 244 -26.04 42.22 0.63
N ASP G 245 -26.04 42.96 -0.48
CA ASP G 245 -25.73 42.42 -1.80
C ASP G 245 -24.23 42.13 -1.90
N SER G 246 -23.38 42.95 -1.26
CA SER G 246 -21.94 42.74 -1.24
C SER G 246 -21.58 41.60 -0.29
N ILE G 247 -22.26 41.53 0.86
CA ILE G 247 -22.06 40.50 1.88
C ILE G 247 -22.40 39.13 1.31
N GLU G 248 -23.50 39.04 0.56
CA GLU G 248 -23.94 37.80 -0.09
C GLU G 248 -22.92 37.38 -1.14
N ARG G 249 -22.45 38.32 -1.97
CA ARG G 249 -21.47 38.04 -3.01
C ARG G 249 -20.15 37.56 -2.44
N ILE G 250 -19.72 38.12 -1.31
CA ILE G 250 -18.47 37.72 -0.67
C ILE G 250 -18.60 36.33 -0.05
N ASN G 251 -19.68 36.12 0.72
CA ASN G 251 -19.94 34.83 1.37
C ASN G 251 -20.04 33.71 0.33
N THR G 252 -20.73 33.97 -0.77
CA THR G 252 -20.93 33.02 -1.86
C THR G 252 -19.64 32.66 -2.60
N GLU G 253 -18.90 33.67 -3.08
CA GLU G 253 -17.65 33.46 -3.83
C GLU G 253 -16.55 32.83 -2.98
N LEU G 254 -16.47 33.20 -1.70
CA LEU G 254 -15.45 32.65 -0.82
C LEU G 254 -15.69 31.18 -0.53
N LYS G 255 -16.96 30.79 -0.37
CA LYS G 255 -17.28 29.38 -0.17
C LYS G 255 -16.99 28.56 -1.43
N LYS G 256 -17.13 29.17 -2.63
CA LYS G 256 -16.83 28.55 -3.94
C LYS G 256 -15.33 28.25 -4.05
N ILE G 257 -14.48 29.16 -3.50
CA ILE G 257 -13.03 29.00 -3.48
C ILE G 257 -12.66 27.71 -2.75
N GLY G 258 -13.29 27.50 -1.59
CA GLY G 258 -13.09 26.32 -0.78
C GLY G 258 -13.40 26.48 0.70
N PHE G 259 -13.73 27.70 1.15
CA PHE G 259 -14.00 27.95 2.56
C PHE G 259 -15.30 27.35 3.08
N GLU G 260 -15.30 26.93 4.34
CA GLU G 260 -16.40 26.32 5.08
C GLU G 260 -17.32 27.39 5.66
N LYS G 261 -16.72 28.46 6.18
CA LYS G 261 -17.46 29.55 6.81
C LYS G 261 -16.82 30.87 6.45
N VAL G 262 -17.66 31.88 6.16
CA VAL G 262 -17.15 33.21 5.85
C VAL G 262 -17.56 34.14 6.98
N VAL G 263 -16.56 34.64 7.74
CA VAL G 263 -16.78 35.54 8.86
C VAL G 263 -16.01 36.87 8.76
N LEU G 264 -16.51 37.91 9.45
CA LEU G 264 -15.94 39.25 9.43
C LEU G 264 -15.41 39.66 10.82
N ASP G 265 -14.11 39.97 10.95
CA ASP G 265 -13.57 40.42 12.24
C ASP G 265 -14.04 41.85 12.50
N LEU G 266 -14.86 42.03 13.56
CA LEU G 266 -15.39 43.33 13.95
C LEU G 266 -14.35 44.27 14.61
N ASN G 267 -13.08 43.86 14.65
CA ASN G 267 -11.99 44.65 15.18
C ASN G 267 -11.36 45.33 13.96
N PHE G 268 -11.89 46.51 13.58
CA PHE G 268 -11.40 47.23 12.42
C PHE G 268 -10.09 47.93 12.73
N LYS G 269 -9.18 47.99 11.76
CA LYS G 269 -7.86 48.57 11.96
C LYS G 269 -7.88 50.10 11.96
N GLY G 270 -7.28 50.69 12.99
CA GLY G 270 -7.22 52.14 13.25
C GLY G 270 -7.01 53.07 12.07
#